data_1MQ9
# 
_entry.id   1MQ9 
# 
_audit_conform.dict_name       mmcif_pdbx.dic 
_audit_conform.dict_version    5.398 
_audit_conform.dict_location   http://mmcif.pdb.org/dictionaries/ascii/mmcif_pdbx.dic 
# 
loop_
_database_2.database_id 
_database_2.database_code 
_database_2.pdbx_database_accession 
_database_2.pdbx_DOI 
PDB   1MQ9         pdb_00001mq9 10.2210/pdb1mq9/pdb 
RCSB  RCSB017094   ?            ?                   
WWPDB D_1000017094 ?            ?                   
# 
loop_
_pdbx_audit_revision_history.ordinal 
_pdbx_audit_revision_history.data_content_type 
_pdbx_audit_revision_history.major_revision 
_pdbx_audit_revision_history.minor_revision 
_pdbx_audit_revision_history.revision_date 
1 'Structure model' 1 0 2003-01-14 
2 'Structure model' 1 1 2008-04-28 
3 'Structure model' 1 2 2011-07-13 
4 'Structure model' 1 3 2011-11-16 
5 'Structure model' 1 4 2021-10-27 
6 'Structure model' 1 5 2024-10-30 
# 
_pdbx_audit_revision_details.ordinal             1 
_pdbx_audit_revision_details.revision_ordinal    1 
_pdbx_audit_revision_details.data_content_type   'Structure model' 
_pdbx_audit_revision_details.provider            repository 
_pdbx_audit_revision_details.type                'Initial release' 
_pdbx_audit_revision_details.description         ? 
_pdbx_audit_revision_details.details             ? 
# 
loop_
_pdbx_audit_revision_group.ordinal 
_pdbx_audit_revision_group.revision_ordinal 
_pdbx_audit_revision_group.data_content_type 
_pdbx_audit_revision_group.group 
1 2 'Structure model' 'Version format compliance' 
2 3 'Structure model' 'Version format compliance' 
3 4 'Structure model' 'Atomic model'              
4 5 'Structure model' 'Database references'       
5 5 'Structure model' 'Derived calculations'      
6 6 'Structure model' 'Data collection'           
7 6 'Structure model' 'Refinement description'    
8 6 'Structure model' 'Structure summary'         
# 
loop_
_pdbx_audit_revision_category.ordinal 
_pdbx_audit_revision_category.revision_ordinal 
_pdbx_audit_revision_category.data_content_type 
_pdbx_audit_revision_category.category 
1  5 'Structure model' database_2                    
2  5 'Structure model' pdbx_struct_conn_angle        
3  5 'Structure model' struct_conn                   
4  5 'Structure model' struct_ref_seq_dif            
5  5 'Structure model' struct_site                   
6  6 'Structure model' chem_comp_atom                
7  6 'Structure model' chem_comp_bond                
8  6 'Structure model' pdbx_entry_details            
9  6 'Structure model' pdbx_initial_refinement_model 
10 6 'Structure model' pdbx_modification_feature     
# 
loop_
_pdbx_audit_revision_item.ordinal 
_pdbx_audit_revision_item.revision_ordinal 
_pdbx_audit_revision_item.data_content_type 
_pdbx_audit_revision_item.item 
1  5 'Structure model' '_database_2.pdbx_DOI'                        
2  5 'Structure model' '_database_2.pdbx_database_accession'         
3  5 'Structure model' '_pdbx_struct_conn_angle.ptnr1_auth_comp_id'  
4  5 'Structure model' '_pdbx_struct_conn_angle.ptnr1_auth_seq_id'   
5  5 'Structure model' '_pdbx_struct_conn_angle.ptnr1_label_asym_id' 
6  5 'Structure model' '_pdbx_struct_conn_angle.ptnr1_label_atom_id' 
7  5 'Structure model' '_pdbx_struct_conn_angle.ptnr1_label_comp_id' 
8  5 'Structure model' '_pdbx_struct_conn_angle.ptnr1_label_seq_id'  
9  5 'Structure model' '_pdbx_struct_conn_angle.ptnr3_auth_comp_id'  
10 5 'Structure model' '_pdbx_struct_conn_angle.ptnr3_auth_seq_id'   
11 5 'Structure model' '_pdbx_struct_conn_angle.ptnr3_label_asym_id' 
12 5 'Structure model' '_pdbx_struct_conn_angle.ptnr3_label_atom_id' 
13 5 'Structure model' '_pdbx_struct_conn_angle.ptnr3_label_comp_id' 
14 5 'Structure model' '_pdbx_struct_conn_angle.ptnr3_label_seq_id'  
15 5 'Structure model' '_pdbx_struct_conn_angle.value'               
16 5 'Structure model' '_struct_conn.pdbx_dist_value'                
17 5 'Structure model' '_struct_conn.ptnr1_auth_comp_id'             
18 5 'Structure model' '_struct_conn.ptnr1_auth_seq_id'              
19 5 'Structure model' '_struct_conn.ptnr1_label_asym_id'            
20 5 'Structure model' '_struct_conn.ptnr1_label_atom_id'            
21 5 'Structure model' '_struct_conn.ptnr1_label_comp_id'            
22 5 'Structure model' '_struct_conn.ptnr1_label_seq_id'             
23 5 'Structure model' '_struct_conn.ptnr1_symmetry'                 
24 5 'Structure model' '_struct_conn.ptnr2_auth_comp_id'             
25 5 'Structure model' '_struct_conn.ptnr2_auth_seq_id'              
26 5 'Structure model' '_struct_conn.ptnr2_label_asym_id'            
27 5 'Structure model' '_struct_conn.ptnr2_label_atom_id'            
28 5 'Structure model' '_struct_conn.ptnr2_label_comp_id'            
29 5 'Structure model' '_struct_conn.ptnr2_label_seq_id'             
30 5 'Structure model' '_struct_conn.ptnr2_symmetry'                 
31 5 'Structure model' '_struct_ref_seq_dif.details'                 
32 5 'Structure model' '_struct_site.pdbx_auth_asym_id'              
33 5 'Structure model' '_struct_site.pdbx_auth_comp_id'              
34 5 'Structure model' '_struct_site.pdbx_auth_seq_id'               
# 
_pdbx_database_status.status_code                     REL 
_pdbx_database_status.entry_id                        1MQ9 
_pdbx_database_status.recvd_initial_deposition_date   2002-09-15 
_pdbx_database_status.deposit_site                    RCSB 
_pdbx_database_status.process_site                    RCSB 
_pdbx_database_status.status_code_sf                  REL 
_pdbx_database_status.SG_entry                        . 
_pdbx_database_status.pdb_format_compatible           Y 
_pdbx_database_status.status_code_mr                  ? 
_pdbx_database_status.status_code_cs                  ? 
_pdbx_database_status.status_code_nmr_data            ? 
_pdbx_database_status.methods_development_category    ? 
# 
loop_
_pdbx_database_related.db_name 
_pdbx_database_related.db_id 
_pdbx_database_related.details 
_pdbx_database_related.content_type 
PDB 1MQ8 . unspecified 
PDB 1MQA . unspecified 
# 
loop_
_audit_author.name 
_audit_author.pdbx_ordinal 
'Shimaoka, M.'   1  
'Xiao, T.'       2  
'Liu, J.-H.'     3  
'Yang, Y.'       4  
'Dong, Y.'       5  
'Jun, C.-D.'     6  
'McCormack, A.'  7  
'Zhang, R.'      8  
'Joachimiak, A.' 9  
'Takagi, J.'     10 
'Wang, J.-H.'    11 
'Springer, T.A.' 12 
# 
_citation.id                        primary 
_citation.title                     
'Structures of the aL I domain and its complex with ICAM-1 reveal a shape-shifting pathway for integrin regulation' 
_citation.journal_abbrev            'Cell(Cambridge,Mass.)' 
_citation.journal_volume            112 
_citation.page_first                99 
_citation.page_last                 111 
_citation.year                      2003 
_citation.journal_id_ASTM           CELLB5 
_citation.country                   US 
_citation.journal_id_ISSN           0092-8674 
_citation.journal_id_CSD            0998 
_citation.book_publisher            ? 
_citation.pdbx_database_id_PubMed   12526797 
_citation.pdbx_database_id_DOI      '10.1016/S0092-8674(02)01257-6' 
# 
loop_
_citation_author.citation_id 
_citation_author.name 
_citation_author.ordinal 
_citation_author.identifier_ORCID 
primary 'Shimaoka, M.'   1  ? 
primary 'Xiao, T.'       2  ? 
primary 'Liu, J.-H.'     3  ? 
primary 'Yang, Y.'       4  ? 
primary 'Dong, Y.'       5  ? 
primary 'Jun, C.-D.'     6  ? 
primary 'McCormack, A.'  7  ? 
primary 'Zhang, R.'      8  ? 
primary 'Joachimiak, A.' 9  ? 
primary 'Takagi, J.'     10 ? 
primary 'Wang, J.-H.'    11 ? 
primary 'Springer, T.A.' 12 ? 
# 
loop_
_entity.id 
_entity.type 
_entity.src_method 
_entity.pdbx_description 
_entity.formula_weight 
_entity.pdbx_number_of_molecules 
_entity.pdbx_ec 
_entity.pdbx_mutation 
_entity.pdbx_fragment 
_entity.details 
1 polymer     man 'Integrin alpha-L'   20495.502 1  ? 'K287C, K294C' 'Integrin alphaL I domain' ? 
2 non-polymer syn 'MANGANESE (II) ION' 54.938    1  ? ?              ?                          ? 
3 water       nat water                18.015    90 ? ?              ?                          ? 
# 
_entity_name_com.entity_id   1 
_entity_name_com.name        
;Leukocyte adhesion glycoprotein LFA-1 alpha chain; Leukocyte function 
associated molecule 1, alpha chain; CD11a
;
# 
_entity_poly.entity_id                      1 
_entity_poly.type                           'polypeptide(L)' 
_entity_poly.nstd_linkage                   no 
_entity_poly.nstd_monomer                   no 
_entity_poly.pdbx_seq_one_letter_code       
;MGNVDLVFLFDGSMSLQPDEFQKILDFMKDVMKKLSNTSYQFAAVQFSTSYKTEFDFSDYVKRKDPDALLKHVKHMLLLT
NTFGAINYVATEVFREELGARPDATKVLIIITDGEATDSGNIDAAKDIIRYIIGIGKHFQTKESQETLHKFASKPASEFV
CILDTFECLKDLFTELQKKI
;
_entity_poly.pdbx_seq_one_letter_code_can   
;MGNVDLVFLFDGSMSLQPDEFQKILDFMKDVMKKLSNTSYQFAAVQFSTSYKTEFDFSDYVKRKDPDALLKHVKHMLLLT
NTFGAINYVATEVFREELGARPDATKVLIIITDGEATDSGNIDAAKDIIRYIIGIGKHFQTKESQETLHKFASKPASEFV
CILDTFECLKDLFTELQKKI
;
_entity_poly.pdbx_strand_id                 A 
_entity_poly.pdbx_target_identifier         ? 
# 
loop_
_pdbx_entity_nonpoly.entity_id 
_pdbx_entity_nonpoly.name 
_pdbx_entity_nonpoly.comp_id 
2 'MANGANESE (II) ION' MN  
3 water                HOH 
# 
loop_
_entity_poly_seq.entity_id 
_entity_poly_seq.num 
_entity_poly_seq.mon_id 
_entity_poly_seq.hetero 
1 1   MET n 
1 2   GLY n 
1 3   ASN n 
1 4   VAL n 
1 5   ASP n 
1 6   LEU n 
1 7   VAL n 
1 8   PHE n 
1 9   LEU n 
1 10  PHE n 
1 11  ASP n 
1 12  GLY n 
1 13  SER n 
1 14  MET n 
1 15  SER n 
1 16  LEU n 
1 17  GLN n 
1 18  PRO n 
1 19  ASP n 
1 20  GLU n 
1 21  PHE n 
1 22  GLN n 
1 23  LYS n 
1 24  ILE n 
1 25  LEU n 
1 26  ASP n 
1 27  PHE n 
1 28  MET n 
1 29  LYS n 
1 30  ASP n 
1 31  VAL n 
1 32  MET n 
1 33  LYS n 
1 34  LYS n 
1 35  LEU n 
1 36  SER n 
1 37  ASN n 
1 38  THR n 
1 39  SER n 
1 40  TYR n 
1 41  GLN n 
1 42  PHE n 
1 43  ALA n 
1 44  ALA n 
1 45  VAL n 
1 46  GLN n 
1 47  PHE n 
1 48  SER n 
1 49  THR n 
1 50  SER n 
1 51  TYR n 
1 52  LYS n 
1 53  THR n 
1 54  GLU n 
1 55  PHE n 
1 56  ASP n 
1 57  PHE n 
1 58  SER n 
1 59  ASP n 
1 60  TYR n 
1 61  VAL n 
1 62  LYS n 
1 63  ARG n 
1 64  LYS n 
1 65  ASP n 
1 66  PRO n 
1 67  ASP n 
1 68  ALA n 
1 69  LEU n 
1 70  LEU n 
1 71  LYS n 
1 72  HIS n 
1 73  VAL n 
1 74  LYS n 
1 75  HIS n 
1 76  MET n 
1 77  LEU n 
1 78  LEU n 
1 79  LEU n 
1 80  THR n 
1 81  ASN n 
1 82  THR n 
1 83  PHE n 
1 84  GLY n 
1 85  ALA n 
1 86  ILE n 
1 87  ASN n 
1 88  TYR n 
1 89  VAL n 
1 90  ALA n 
1 91  THR n 
1 92  GLU n 
1 93  VAL n 
1 94  PHE n 
1 95  ARG n 
1 96  GLU n 
1 97  GLU n 
1 98  LEU n 
1 99  GLY n 
1 100 ALA n 
1 101 ARG n 
1 102 PRO n 
1 103 ASP n 
1 104 ALA n 
1 105 THR n 
1 106 LYS n 
1 107 VAL n 
1 108 LEU n 
1 109 ILE n 
1 110 ILE n 
1 111 ILE n 
1 112 THR n 
1 113 ASP n 
1 114 GLY n 
1 115 GLU n 
1 116 ALA n 
1 117 THR n 
1 118 ASP n 
1 119 SER n 
1 120 GLY n 
1 121 ASN n 
1 122 ILE n 
1 123 ASP n 
1 124 ALA n 
1 125 ALA n 
1 126 LYS n 
1 127 ASP n 
1 128 ILE n 
1 129 ILE n 
1 130 ARG n 
1 131 TYR n 
1 132 ILE n 
1 133 ILE n 
1 134 GLY n 
1 135 ILE n 
1 136 GLY n 
1 137 LYS n 
1 138 HIS n 
1 139 PHE n 
1 140 GLN n 
1 141 THR n 
1 142 LYS n 
1 143 GLU n 
1 144 SER n 
1 145 GLN n 
1 146 GLU n 
1 147 THR n 
1 148 LEU n 
1 149 HIS n 
1 150 LYS n 
1 151 PHE n 
1 152 ALA n 
1 153 SER n 
1 154 LYS n 
1 155 PRO n 
1 156 ALA n 
1 157 SER n 
1 158 GLU n 
1 159 PHE n 
1 160 VAL n 
1 161 CYS n 
1 162 ILE n 
1 163 LEU n 
1 164 ASP n 
1 165 THR n 
1 166 PHE n 
1 167 GLU n 
1 168 CYS n 
1 169 LEU n 
1 170 LYS n 
1 171 ASP n 
1 172 LEU n 
1 173 PHE n 
1 174 THR n 
1 175 GLU n 
1 176 LEU n 
1 177 GLN n 
1 178 LYS n 
1 179 LYS n 
1 180 ILE n 
# 
_entity_src_gen.entity_id                          1 
_entity_src_gen.pdbx_src_id                        1 
_entity_src_gen.pdbx_alt_source_flag               sample 
_entity_src_gen.pdbx_seq_type                      ? 
_entity_src_gen.pdbx_beg_seq_num                   ? 
_entity_src_gen.pdbx_end_seq_num                   ? 
_entity_src_gen.gene_src_common_name               human 
_entity_src_gen.gene_src_genus                     Homo 
_entity_src_gen.pdbx_gene_src_gene                 'LFA-1 (AlphaLbeta2)' 
_entity_src_gen.gene_src_species                   ? 
_entity_src_gen.gene_src_strain                    ? 
_entity_src_gen.gene_src_tissue                    ? 
_entity_src_gen.gene_src_tissue_fraction           ? 
_entity_src_gen.gene_src_details                   ? 
_entity_src_gen.pdbx_gene_src_fragment             ? 
_entity_src_gen.pdbx_gene_src_scientific_name      'Homo sapiens' 
_entity_src_gen.pdbx_gene_src_ncbi_taxonomy_id     9606 
_entity_src_gen.pdbx_gene_src_variant              ? 
_entity_src_gen.pdbx_gene_src_cell_line            ? 
_entity_src_gen.pdbx_gene_src_atcc                 ? 
_entity_src_gen.pdbx_gene_src_organ                ? 
_entity_src_gen.pdbx_gene_src_organelle            ? 
_entity_src_gen.pdbx_gene_src_cell                 ? 
_entity_src_gen.pdbx_gene_src_cellular_location    ? 
_entity_src_gen.host_org_common_name               ? 
_entity_src_gen.pdbx_host_org_scientific_name      'Escherichia coli BL21(DE3)' 
_entity_src_gen.pdbx_host_org_ncbi_taxonomy_id     469008 
_entity_src_gen.host_org_genus                     Escherichia 
_entity_src_gen.pdbx_host_org_gene                 ? 
_entity_src_gen.pdbx_host_org_organ                ? 
_entity_src_gen.host_org_species                   'Escherichia coli' 
_entity_src_gen.pdbx_host_org_tissue               ? 
_entity_src_gen.pdbx_host_org_tissue_fraction      ? 
_entity_src_gen.pdbx_host_org_strain               'BL21(DE3)' 
_entity_src_gen.pdbx_host_org_variant              ? 
_entity_src_gen.pdbx_host_org_cell_line            ? 
_entity_src_gen.pdbx_host_org_atcc                 ? 
_entity_src_gen.pdbx_host_org_culture_collection   ? 
_entity_src_gen.pdbx_host_org_cell                 ? 
_entity_src_gen.pdbx_host_org_organelle            ? 
_entity_src_gen.pdbx_host_org_cellular_location    ? 
_entity_src_gen.pdbx_host_org_vector_type          plasmid 
_entity_src_gen.pdbx_host_org_vector               ? 
_entity_src_gen.host_org_details                   ? 
_entity_src_gen.expression_system_id               ? 
_entity_src_gen.plasmid_name                       pET11 
_entity_src_gen.plasmid_details                    ? 
_entity_src_gen.pdbx_description                   ? 
# 
loop_
_chem_comp.id 
_chem_comp.type 
_chem_comp.mon_nstd_flag 
_chem_comp.name 
_chem_comp.pdbx_synonyms 
_chem_comp.formula 
_chem_comp.formula_weight 
ALA 'L-peptide linking' y ALANINE              ? 'C3 H7 N O2'     89.093  
ARG 'L-peptide linking' y ARGININE             ? 'C6 H15 N4 O2 1' 175.209 
ASN 'L-peptide linking' y ASPARAGINE           ? 'C4 H8 N2 O3'    132.118 
ASP 'L-peptide linking' y 'ASPARTIC ACID'      ? 'C4 H7 N O4'     133.103 
CYS 'L-peptide linking' y CYSTEINE             ? 'C3 H7 N O2 S'   121.158 
GLN 'L-peptide linking' y GLUTAMINE            ? 'C5 H10 N2 O3'   146.144 
GLU 'L-peptide linking' y 'GLUTAMIC ACID'      ? 'C5 H9 N O4'     147.129 
GLY 'peptide linking'   y GLYCINE              ? 'C2 H5 N O2'     75.067  
HIS 'L-peptide linking' y HISTIDINE            ? 'C6 H10 N3 O2 1' 156.162 
HOH non-polymer         . WATER                ? 'H2 O'           18.015  
ILE 'L-peptide linking' y ISOLEUCINE           ? 'C6 H13 N O2'    131.173 
LEU 'L-peptide linking' y LEUCINE              ? 'C6 H13 N O2'    131.173 
LYS 'L-peptide linking' y LYSINE               ? 'C6 H15 N2 O2 1' 147.195 
MET 'L-peptide linking' y METHIONINE           ? 'C5 H11 N O2 S'  149.211 
MN  non-polymer         . 'MANGANESE (II) ION' ? 'Mn 2'           54.938  
PHE 'L-peptide linking' y PHENYLALANINE        ? 'C9 H11 N O2'    165.189 
PRO 'L-peptide linking' y PROLINE              ? 'C5 H9 N O2'     115.130 
SER 'L-peptide linking' y SERINE               ? 'C3 H7 N O3'     105.093 
THR 'L-peptide linking' y THREONINE            ? 'C4 H9 N O3'     119.119 
TYR 'L-peptide linking' y TYROSINE             ? 'C9 H11 N O3'    181.189 
VAL 'L-peptide linking' y VALINE               ? 'C5 H11 N O2'    117.146 
# 
loop_
_pdbx_poly_seq_scheme.asym_id 
_pdbx_poly_seq_scheme.entity_id 
_pdbx_poly_seq_scheme.seq_id 
_pdbx_poly_seq_scheme.mon_id 
_pdbx_poly_seq_scheme.ndb_seq_num 
_pdbx_poly_seq_scheme.pdb_seq_num 
_pdbx_poly_seq_scheme.auth_seq_num 
_pdbx_poly_seq_scheme.pdb_mon_id 
_pdbx_poly_seq_scheme.auth_mon_id 
_pdbx_poly_seq_scheme.pdb_strand_id 
_pdbx_poly_seq_scheme.pdb_ins_code 
_pdbx_poly_seq_scheme.hetero 
A 1 1   MET 1   127 ?   ?   ?   A . n 
A 1 2   GLY 2   128 128 GLY GLY A . n 
A 1 3   ASN 3   129 129 ASN ASN A . n 
A 1 4   VAL 4   130 130 VAL VAL A . n 
A 1 5   ASP 5   131 131 ASP ASP A . n 
A 1 6   LEU 6   132 132 LEU LEU A . n 
A 1 7   VAL 7   133 133 VAL VAL A . n 
A 1 8   PHE 8   134 134 PHE PHE A . n 
A 1 9   LEU 9   135 135 LEU LEU A . n 
A 1 10  PHE 10  136 136 PHE PHE A . n 
A 1 11  ASP 11  137 137 ASP ASP A . n 
A 1 12  GLY 12  138 138 GLY GLY A . n 
A 1 13  SER 13  139 139 SER SER A . n 
A 1 14  MET 14  140 140 MET MET A . n 
A 1 15  SER 15  141 141 SER SER A . n 
A 1 16  LEU 16  142 142 LEU LEU A . n 
A 1 17  GLN 17  143 143 GLN GLN A . n 
A 1 18  PRO 18  144 144 PRO PRO A . n 
A 1 19  ASP 19  145 145 ASP ASP A . n 
A 1 20  GLU 20  146 146 GLU GLU A . n 
A 1 21  PHE 21  147 147 PHE PHE A . n 
A 1 22  GLN 22  148 148 GLN GLN A . n 
A 1 23  LYS 23  149 149 LYS LYS A . n 
A 1 24  ILE 24  150 150 ILE ILE A . n 
A 1 25  LEU 25  151 151 LEU LEU A . n 
A 1 26  ASP 26  152 152 ASP ASP A . n 
A 1 27  PHE 27  153 153 PHE PHE A . n 
A 1 28  MET 28  154 154 MET MET A . n 
A 1 29  LYS 29  155 155 LYS LYS A . n 
A 1 30  ASP 30  156 156 ASP ASP A . n 
A 1 31  VAL 31  157 157 VAL VAL A . n 
A 1 32  MET 32  158 158 MET MET A . n 
A 1 33  LYS 33  159 159 LYS LYS A . n 
A 1 34  LYS 34  160 160 LYS LYS A . n 
A 1 35  LEU 35  161 161 LEU LEU A . n 
A 1 36  SER 36  162 162 SER SER A . n 
A 1 37  ASN 37  163 163 ASN ASN A . n 
A 1 38  THR 38  164 164 THR THR A . n 
A 1 39  SER 39  165 165 SER SER A . n 
A 1 40  TYR 40  166 166 TYR TYR A . n 
A 1 41  GLN 41  167 167 GLN GLN A . n 
A 1 42  PHE 42  168 168 PHE PHE A . n 
A 1 43  ALA 43  169 169 ALA ALA A . n 
A 1 44  ALA 44  170 170 ALA ALA A . n 
A 1 45  VAL 45  171 171 VAL VAL A . n 
A 1 46  GLN 46  172 172 GLN GLN A . n 
A 1 47  PHE 47  173 173 PHE PHE A . n 
A 1 48  SER 48  174 174 SER SER A . n 
A 1 49  THR 49  175 175 THR THR A . n 
A 1 50  SER 50  176 176 SER SER A . n 
A 1 51  TYR 51  177 177 TYR TYR A . n 
A 1 52  LYS 52  178 178 LYS LYS A . n 
A 1 53  THR 53  179 179 THR THR A . n 
A 1 54  GLU 54  180 180 GLU GLU A . n 
A 1 55  PHE 55  181 181 PHE PHE A . n 
A 1 56  ASP 56  182 182 ASP ASP A . n 
A 1 57  PHE 57  183 183 PHE PHE A . n 
A 1 58  SER 58  184 184 SER SER A . n 
A 1 59  ASP 59  185 185 ASP ASP A . n 
A 1 60  TYR 60  186 186 TYR TYR A . n 
A 1 61  VAL 61  187 187 VAL VAL A . n 
A 1 62  LYS 62  188 188 LYS LYS A . n 
A 1 63  ARG 63  189 189 ARG ARG A . n 
A 1 64  LYS 64  190 190 LYS LYS A . n 
A 1 65  ASP 65  191 191 ASP ASP A . n 
A 1 66  PRO 66  192 192 PRO PRO A . n 
A 1 67  ASP 67  193 193 ASP ASP A . n 
A 1 68  ALA 68  194 194 ALA ALA A . n 
A 1 69  LEU 69  195 195 LEU LEU A . n 
A 1 70  LEU 70  196 196 LEU LEU A . n 
A 1 71  LYS 71  197 197 LYS LYS A . n 
A 1 72  HIS 72  198 198 HIS HIS A . n 
A 1 73  VAL 73  199 199 VAL VAL A . n 
A 1 74  LYS 74  200 200 LYS LYS A . n 
A 1 75  HIS 75  201 201 HIS HIS A . n 
A 1 76  MET 76  202 202 MET MET A . n 
A 1 77  LEU 77  203 203 LEU LEU A . n 
A 1 78  LEU 78  204 204 LEU LEU A . n 
A 1 79  LEU 79  205 205 LEU LEU A . n 
A 1 80  THR 80  206 206 THR THR A . n 
A 1 81  ASN 81  207 207 ASN ASN A . n 
A 1 82  THR 82  208 208 THR THR A . n 
A 1 83  PHE 83  209 209 PHE PHE A . n 
A 1 84  GLY 84  210 210 GLY GLY A . n 
A 1 85  ALA 85  211 211 ALA ALA A . n 
A 1 86  ILE 86  212 212 ILE ILE A . n 
A 1 87  ASN 87  213 213 ASN ASN A . n 
A 1 88  TYR 88  214 214 TYR TYR A . n 
A 1 89  VAL 89  215 215 VAL VAL A . n 
A 1 90  ALA 90  216 216 ALA ALA A . n 
A 1 91  THR 91  217 217 THR THR A . n 
A 1 92  GLU 92  218 218 GLU GLU A . n 
A 1 93  VAL 93  219 219 VAL VAL A . n 
A 1 94  PHE 94  220 220 PHE PHE A . n 
A 1 95  ARG 95  221 221 ARG ARG A . n 
A 1 96  GLU 96  222 222 GLU GLU A . n 
A 1 97  GLU 97  223 223 GLU GLU A . n 
A 1 98  LEU 98  224 224 LEU LEU A . n 
A 1 99  GLY 99  225 225 GLY GLY A . n 
A 1 100 ALA 100 226 226 ALA ALA A . n 
A 1 101 ARG 101 227 227 ARG ARG A . n 
A 1 102 PRO 102 228 228 PRO PRO A . n 
A 1 103 ASP 103 229 229 ASP ASP A . n 
A 1 104 ALA 104 230 230 ALA ALA A . n 
A 1 105 THR 105 231 231 THR THR A . n 
A 1 106 LYS 106 232 232 LYS LYS A . n 
A 1 107 VAL 107 233 233 VAL VAL A . n 
A 1 108 LEU 108 234 234 LEU LEU A . n 
A 1 109 ILE 109 235 235 ILE ILE A . n 
A 1 110 ILE 110 236 236 ILE ILE A . n 
A 1 111 ILE 111 237 237 ILE ILE A . n 
A 1 112 THR 112 238 238 THR THR A . n 
A 1 113 ASP 113 239 239 ASP ASP A . n 
A 1 114 GLY 114 240 240 GLY GLY A . n 
A 1 115 GLU 115 241 241 GLU GLU A . n 
A 1 116 ALA 116 242 242 ALA ALA A . n 
A 1 117 THR 117 243 243 THR THR A . n 
A 1 118 ASP 118 244 244 ASP ASP A . n 
A 1 119 SER 119 245 245 SER SER A . n 
A 1 120 GLY 120 246 246 GLY GLY A . n 
A 1 121 ASN 121 247 247 ASN ASN A . n 
A 1 122 ILE 122 248 248 ILE ILE A . n 
A 1 123 ASP 123 249 249 ASP ASP A . n 
A 1 124 ALA 124 250 250 ALA ALA A . n 
A 1 125 ALA 125 251 251 ALA ALA A . n 
A 1 126 LYS 126 252 252 LYS LYS A . n 
A 1 127 ASP 127 253 253 ASP ASP A . n 
A 1 128 ILE 128 254 254 ILE ILE A . n 
A 1 129 ILE 129 255 255 ILE ILE A . n 
A 1 130 ARG 130 256 256 ARG ARG A . n 
A 1 131 TYR 131 257 257 TYR TYR A . n 
A 1 132 ILE 132 258 258 ILE ILE A . n 
A 1 133 ILE 133 259 259 ILE ILE A . n 
A 1 134 GLY 134 260 260 GLY GLY A . n 
A 1 135 ILE 135 261 261 ILE ILE A . n 
A 1 136 GLY 136 262 262 GLY GLY A . n 
A 1 137 LYS 137 263 263 LYS LYS A . n 
A 1 138 HIS 138 264 264 HIS HIS A . n 
A 1 139 PHE 139 265 265 PHE PHE A . n 
A 1 140 GLN 140 266 266 GLN GLN A . n 
A 1 141 THR 141 267 267 THR THR A . n 
A 1 142 LYS 142 268 268 LYS LYS A . n 
A 1 143 GLU 143 269 269 GLU GLU A . n 
A 1 144 SER 144 270 270 SER SER A . n 
A 1 145 GLN 145 271 271 GLN GLN A . n 
A 1 146 GLU 146 272 272 GLU GLU A . n 
A 1 147 THR 147 273 273 THR THR A . n 
A 1 148 LEU 148 274 274 LEU LEU A . n 
A 1 149 HIS 149 275 275 HIS HIS A . n 
A 1 150 LYS 150 276 276 LYS LYS A . n 
A 1 151 PHE 151 277 277 PHE PHE A . n 
A 1 152 ALA 152 278 278 ALA ALA A . n 
A 1 153 SER 153 279 279 SER SER A . n 
A 1 154 LYS 154 280 280 LYS LYS A . n 
A 1 155 PRO 155 281 281 PRO PRO A . n 
A 1 156 ALA 156 282 282 ALA ALA A . n 
A 1 157 SER 157 283 283 SER SER A . n 
A 1 158 GLU 158 284 284 GLU GLU A . n 
A 1 159 PHE 159 285 285 PHE PHE A . n 
A 1 160 VAL 160 286 286 VAL VAL A . n 
A 1 161 CYS 161 287 287 CYS CYS A . n 
A 1 162 ILE 162 288 288 ILE ILE A . n 
A 1 163 LEU 163 289 289 LEU LEU A . n 
A 1 164 ASP 164 290 290 ASP ASP A . n 
A 1 165 THR 165 291 291 THR THR A . n 
A 1 166 PHE 166 292 292 PHE PHE A . n 
A 1 167 GLU 167 293 293 GLU GLU A . n 
A 1 168 CYS 168 294 294 CYS CYS A . n 
A 1 169 LEU 169 295 295 LEU LEU A . n 
A 1 170 LYS 170 296 296 LYS LYS A . n 
A 1 171 ASP 171 297 297 ASP ASP A . n 
A 1 172 LEU 172 298 298 LEU LEU A . n 
A 1 173 PHE 173 299 299 PHE PHE A . n 
A 1 174 THR 174 300 300 THR THR A . n 
A 1 175 GLU 175 301 ?   ?   ?   A . n 
A 1 176 LEU 176 302 ?   ?   ?   A . n 
A 1 177 GLN 177 303 ?   ?   ?   A . n 
A 1 178 LYS 178 304 ?   ?   ?   A . n 
A 1 179 LYS 179 305 ?   ?   ?   A . n 
A 1 180 ILE 180 306 ?   ?   ?   A . n 
# 
loop_
_pdbx_nonpoly_scheme.asym_id 
_pdbx_nonpoly_scheme.entity_id 
_pdbx_nonpoly_scheme.mon_id 
_pdbx_nonpoly_scheme.ndb_seq_num 
_pdbx_nonpoly_scheme.pdb_seq_num 
_pdbx_nonpoly_scheme.auth_seq_num 
_pdbx_nonpoly_scheme.pdb_mon_id 
_pdbx_nonpoly_scheme.auth_mon_id 
_pdbx_nonpoly_scheme.pdb_strand_id 
_pdbx_nonpoly_scheme.pdb_ins_code 
B 2 MN  1  901 901 MN  MN  A . 
C 3 HOH 1  1   1   HOH HOH A . 
C 3 HOH 2  2   2   HOH HOH A . 
C 3 HOH 3  3   3   HOH HOH A . 
C 3 HOH 4  4   4   HOH HOH A . 
C 3 HOH 5  5   5   HOH HOH A . 
C 3 HOH 6  6   6   HOH HOH A . 
C 3 HOH 7  7   7   HOH HOH A . 
C 3 HOH 8  8   8   HOH HOH A . 
C 3 HOH 9  9   9   HOH HOH A . 
C 3 HOH 10 10  10  HOH HOH A . 
C 3 HOH 11 11  11  HOH HOH A . 
C 3 HOH 12 12  12  HOH HOH A . 
C 3 HOH 13 13  13  HOH HOH A . 
C 3 HOH 14 14  14  HOH HOH A . 
C 3 HOH 15 15  15  HOH HOH A . 
C 3 HOH 16 16  16  HOH HOH A . 
C 3 HOH 17 17  17  HOH HOH A . 
C 3 HOH 18 18  18  HOH HOH A . 
C 3 HOH 19 19  19  HOH HOH A . 
C 3 HOH 20 20  20  HOH HOH A . 
C 3 HOH 21 21  21  HOH HOH A . 
C 3 HOH 22 22  22  HOH HOH A . 
C 3 HOH 23 23  23  HOH HOH A . 
C 3 HOH 24 24  24  HOH HOH A . 
C 3 HOH 25 25  25  HOH HOH A . 
C 3 HOH 26 26  26  HOH HOH A . 
C 3 HOH 27 27  27  HOH HOH A . 
C 3 HOH 28 28  28  HOH HOH A . 
C 3 HOH 29 29  29  HOH HOH A . 
C 3 HOH 30 30  30  HOH HOH A . 
C 3 HOH 31 31  31  HOH HOH A . 
C 3 HOH 32 32  32  HOH HOH A . 
C 3 HOH 33 33  33  HOH HOH A . 
C 3 HOH 34 34  34  HOH HOH A . 
C 3 HOH 35 35  35  HOH HOH A . 
C 3 HOH 36 36  36  HOH HOH A . 
C 3 HOH 37 37  37  HOH HOH A . 
C 3 HOH 38 38  38  HOH HOH A . 
C 3 HOH 39 39  39  HOH HOH A . 
C 3 HOH 40 40  40  HOH HOH A . 
C 3 HOH 41 41  41  HOH HOH A . 
C 3 HOH 42 42  42  HOH HOH A . 
C 3 HOH 43 43  43  HOH HOH A . 
C 3 HOH 44 44  44  HOH HOH A . 
C 3 HOH 45 45  45  HOH HOH A . 
C 3 HOH 46 46  46  HOH HOH A . 
C 3 HOH 47 47  47  HOH HOH A . 
C 3 HOH 48 48  48  HOH HOH A . 
C 3 HOH 49 49  49  HOH HOH A . 
C 3 HOH 50 50  50  HOH HOH A . 
C 3 HOH 51 51  51  HOH HOH A . 
C 3 HOH 52 52  52  HOH HOH A . 
C 3 HOH 53 53  53  HOH HOH A . 
C 3 HOH 54 54  54  HOH HOH A . 
C 3 HOH 55 55  55  HOH HOH A . 
C 3 HOH 56 56  56  HOH HOH A . 
C 3 HOH 57 57  57  HOH HOH A . 
C 3 HOH 58 58  58  HOH HOH A . 
C 3 HOH 59 59  59  HOH HOH A . 
C 3 HOH 60 60  60  HOH HOH A . 
C 3 HOH 61 61  61  HOH HOH A . 
C 3 HOH 62 62  62  HOH HOH A . 
C 3 HOH 63 63  63  HOH HOH A . 
C 3 HOH 64 64  64  HOH HOH A . 
C 3 HOH 65 65  65  HOH HOH A . 
C 3 HOH 66 66  66  HOH HOH A . 
C 3 HOH 67 67  67  HOH HOH A . 
C 3 HOH 68 68  68  HOH HOH A . 
C 3 HOH 69 69  69  HOH HOH A . 
C 3 HOH 70 70  70  HOH HOH A . 
C 3 HOH 71 71  71  HOH HOH A . 
C 3 HOH 72 72  72  HOH HOH A . 
C 3 HOH 73 73  73  HOH HOH A . 
C 3 HOH 74 74  74  HOH HOH A . 
C 3 HOH 75 75  75  HOH HOH A . 
C 3 HOH 76 76  76  HOH HOH A . 
C 3 HOH 77 77  77  HOH HOH A . 
C 3 HOH 78 78  78  HOH HOH A . 
C 3 HOH 79 79  79  HOH HOH A . 
C 3 HOH 80 80  80  HOH HOH A . 
C 3 HOH 81 81  81  HOH HOH A . 
C 3 HOH 82 82  82  HOH HOH A . 
C 3 HOH 83 83  83  HOH HOH A . 
C 3 HOH 84 84  84  HOH HOH A . 
C 3 HOH 85 85  85  HOH HOH A . 
C 3 HOH 86 86  86  HOH HOH A . 
C 3 HOH 87 87  87  HOH HOH A . 
C 3 HOH 88 88  88  HOH HOH A . 
C 3 HOH 89 89  89  HOH HOH A . 
C 3 HOH 90 90  90  HOH HOH A . 
# 
loop_
_software.name 
_software.classification 
_software.version 
_software.citation_id 
_software.pdbx_ordinal 
HKL-2000  'data collection' .   ? 1 
SCALEPACK 'data scaling'    .   ? 2 
AMoRE     phasing           .   ? 3 
CNS       refinement        1.0 ? 4 
HKL-2000  'data reduction'  .   ? 5 
# 
_cell.entry_id           1MQ9 
_cell.length_a           35.546 
_cell.length_b           35.546 
_cell.length_c           269.626 
_cell.angle_alpha        90.00 
_cell.angle_beta         90.00 
_cell.angle_gamma        90.00 
_cell.Z_PDB              8 
_cell.pdbx_unique_axis   ? 
# 
_symmetry.entry_id                         1MQ9 
_symmetry.space_group_name_H-M             'P 41 21 2' 
_symmetry.cell_setting                     tetragonal 
_symmetry.pdbx_full_space_group_name_H-M   ? 
_symmetry.Int_Tables_number                92 
# 
_exptl.entry_id          1MQ9 
_exptl.method            'X-RAY DIFFRACTION' 
_exptl.crystals_number   1 
# 
_exptl_crystal.id                    1 
_exptl_crystal.density_meas          ? 
_exptl_crystal.density_percent_sol   38.95 
_exptl_crystal.density_Matthews      2.03 
_exptl_crystal.description           ? 
# 
_exptl_crystal_grow.crystal_id      1 
_exptl_crystal_grow.method          'VAPOR DIFFUSION, HANGING DROP' 
_exptl_crystal_grow.temp            298 
_exptl_crystal_grow.temp_details    ? 
_exptl_crystal_grow.pH              7.0 
_exptl_crystal_grow.pdbx_details    '20% PEG 2000 MME, 25 mM MnCl2, pH 7.0, VAPOR DIFFUSION, HANGING DROP at 298K' 
_exptl_crystal_grow.pdbx_pH_range   ? 
# 
_diffrn.id                     1 
_diffrn.ambient_temp           100 
_diffrn.ambient_temp_details   ? 
_diffrn.crystal_id             1 
# 
_diffrn_detector.diffrn_id              1 
_diffrn_detector.detector               CCD 
_diffrn_detector.type                   CUSTOM-MADE 
_diffrn_detector.pdbx_collection_date   2001-10-10 
_diffrn_detector.details                mirrors 
# 
_diffrn_radiation.diffrn_id                        1 
_diffrn_radiation.wavelength_id                    1 
_diffrn_radiation.pdbx_monochromatic_or_laue_m_l   M 
_diffrn_radiation.monochromator                    'Ni MIRROR + Ni FILTER' 
_diffrn_radiation.pdbx_diffrn_protocol             'SINGLE WAVELENGTH' 
_diffrn_radiation.pdbx_scattering_type             x-ray 
# 
_diffrn_radiation_wavelength.id           1 
_diffrn_radiation_wavelength.wavelength   1.0700 
_diffrn_radiation_wavelength.wt           1.0 
# 
_diffrn_source.diffrn_id                   1 
_diffrn_source.source                      SYNCHROTRON 
_diffrn_source.type                        'APS BEAMLINE 19-ID' 
_diffrn_source.pdbx_synchrotron_site       APS 
_diffrn_source.pdbx_synchrotron_beamline   19-ID 
_diffrn_source.pdbx_wavelength             ? 
_diffrn_source.pdbx_wavelength_list        1.0700 
# 
_reflns.entry_id                     1MQ9 
_reflns.observed_criterion_sigma_I   -3 
_reflns.observed_criterion_sigma_F   ? 
_reflns.d_resolution_low             50 
_reflns.d_resolution_high            2.0 
_reflns.number_obs                   10569 
_reflns.number_all                   12800 
_reflns.percent_possible_obs         82 
_reflns.pdbx_Rmerge_I_obs            0.094 
_reflns.pdbx_Rsym_value              0.094 
_reflns.pdbx_netI_over_sigmaI        12.6 
_reflns.B_iso_Wilson_estimate        10.2 
_reflns.pdbx_redundancy              5.4 
_reflns.R_free_details               ? 
_reflns.limit_h_max                  ? 
_reflns.limit_h_min                  ? 
_reflns.limit_k_max                  ? 
_reflns.limit_k_min                  ? 
_reflns.limit_l_max                  ? 
_reflns.limit_l_min                  ? 
_reflns.observed_criterion_F_max     ? 
_reflns.observed_criterion_F_min     ? 
_reflns.pdbx_diffrn_id               1 
_reflns.pdbx_ordinal                 1 
# 
_reflns_shell.d_res_high             2.00 
_reflns_shell.d_res_low              2.07 
_reflns_shell.percent_possible_all   67.5 
_reflns_shell.Rmerge_I_obs           0.381 
_reflns_shell.pdbx_Rsym_value        0.381 
_reflns_shell.meanI_over_sigI_obs    3.5 
_reflns_shell.pdbx_redundancy        3.5 
_reflns_shell.percent_possible_obs   ? 
_reflns_shell.number_unique_all      827 
_reflns_shell.pdbx_diffrn_id         ? 
_reflns_shell.pdbx_ordinal           1 
# 
_refine.entry_id                                 1MQ9 
_refine.ls_number_reflns_obs                     10318 
_refine.ls_number_reflns_all                     12760 
_refine.pdbx_ls_sigma_I                          ? 
_refine.pdbx_ls_sigma_F                          0 
_refine.pdbx_data_cutoff_high_absF               ? 
_refine.pdbx_data_cutoff_low_absF                ? 
_refine.ls_d_res_low                             27.88 
_refine.ls_d_res_high                            2.00 
_refine.ls_percent_reflns_obs                    80.8 
_refine.ls_R_factor_obs                          0.212 
_refine.ls_R_factor_all                          0.25 
_refine.ls_R_factor_R_work                       0.212 
_refine.ls_R_factor_R_free                       0.265 
_refine.ls_R_factor_R_free_error                 0.008 
_refine.ls_R_factor_R_free_error_details         ? 
_refine.ls_percent_reflns_R_free                 10.3 
_refine.ls_number_reflns_R_free                  1060 
_refine.ls_number_parameters                     ? 
_refine.ls_number_restraints                     ? 
_refine.occupancy_min                            ? 
_refine.occupancy_max                            ? 
_refine.correlation_coeff_Fo_to_Fc               ? 
_refine.correlation_coeff_Fo_to_Fc_free          ? 
_refine.B_iso_mean                               23.8 
_refine.aniso_B[1][1]                            2.17 
_refine.aniso_B[2][2]                            2.17 
_refine.aniso_B[3][3]                            -4.34 
_refine.aniso_B[1][2]                            0.00 
_refine.aniso_B[1][3]                            0.00 
_refine.aniso_B[2][3]                            0.00 
_refine.solvent_model_details                    'FLAT MODEL' 
_refine.solvent_model_param_ksol                 0.315868 
_refine.solvent_model_param_bsol                 17.8994 
_refine.pdbx_solvent_vdw_probe_radii             ? 
_refine.pdbx_solvent_ion_probe_radii             ? 
_refine.pdbx_solvent_shrinkage_radii             ? 
_refine.pdbx_ls_cross_valid_method               THROUGHOUT 
_refine.details                                  'maximum likelihood refinement target' 
_refine.pdbx_starting_model                      1MJN 
_refine.pdbx_method_to_determine_struct          'MOLECULAR REPLACEMENT' 
_refine.pdbx_isotropic_thermal_model             OVERALL 
_refine.pdbx_stereochemistry_target_values       'Engh & Huber' 
_refine.pdbx_stereochem_target_val_spec_case     ? 
_refine.pdbx_R_Free_selection_details            RANDOM 
_refine.pdbx_overall_ESU_R_Free                  ? 
_refine.overall_SU_B                             ? 
_refine.ls_redundancy_reflns_obs                 ? 
_refine.B_iso_min                                ? 
_refine.B_iso_max                                ? 
_refine.overall_SU_R_Cruickshank_DPI             ? 
_refine.overall_SU_R_free                        ? 
_refine.overall_SU_ML                            ? 
_refine.pdbx_overall_ESU_R                       ? 
_refine.pdbx_data_cutoff_high_rms_absF           ? 
_refine.pdbx_refine_id                           'X-RAY DIFFRACTION' 
_refine.pdbx_diffrn_id                           1 
_refine.pdbx_TLS_residual_ADP_flag               ? 
_refine.pdbx_overall_phase_error                 ? 
_refine.pdbx_overall_SU_R_free_Cruickshank_DPI   ? 
_refine.pdbx_overall_SU_R_Blow_DPI               ? 
_refine.pdbx_overall_SU_R_free_Blow_DPI          ? 
# 
_refine_analyze.entry_id                        1MQ9 
_refine_analyze.Luzzati_coordinate_error_obs    0.24 
_refine_analyze.Luzzati_sigma_a_obs             0.22 
_refine_analyze.Luzzati_d_res_low_obs           5.0 
_refine_analyze.Luzzati_coordinate_error_free   0.31 
_refine_analyze.Luzzati_sigma_a_free            0.24 
_refine_analyze.Luzzati_d_res_low_free          ? 
_refine_analyze.number_disordered_residues      ? 
_refine_analyze.occupancy_sum_hydrogen          ? 
_refine_analyze.occupancy_sum_non_hydrogen      ? 
_refine_analyze.pdbx_Luzzati_d_res_high_obs     ? 
_refine_analyze.pdbx_refine_id                  'X-RAY DIFFRACTION' 
# 
_refine_hist.pdbx_refine_id                   'X-RAY DIFFRACTION' 
_refine_hist.cycle_id                         LAST 
_refine_hist.pdbx_number_atoms_protein        1407 
_refine_hist.pdbx_number_atoms_nucleic_acid   0 
_refine_hist.pdbx_number_atoms_ligand         1 
_refine_hist.number_atoms_solvent             90 
_refine_hist.number_atoms_total               1498 
_refine_hist.d_res_high                       2.00 
_refine_hist.d_res_low                        27.88 
# 
loop_
_refine_ls_restr.type 
_refine_ls_restr.dev_ideal 
_refine_ls_restr.dev_ideal_target 
_refine_ls_restr.weight 
_refine_ls_restr.number 
_refine_ls_restr.pdbx_refine_id 
_refine_ls_restr.pdbx_restraint_function 
c_bond_d           0.006 ? ? ? 'X-RAY DIFFRACTION' ? 
c_angle_deg        1.3   ? ? ? 'X-RAY DIFFRACTION' ? 
c_dihedral_angle_d 23.9  ? ? ? 'X-RAY DIFFRACTION' ? 
c_improper_angle_d 1.10  ? ? ? 'X-RAY DIFFRACTION' ? 
# 
_refine_ls_shell.pdbx_total_number_of_bins_used   6 
_refine_ls_shell.d_res_high                       2.00 
_refine_ls_shell.d_res_low                        2.13 
_refine_ls_shell.number_reflns_R_work             1166 
_refine_ls_shell.R_factor_R_work                  0.254 
_refine_ls_shell.percent_reflns_obs               64.5 
_refine_ls_shell.R_factor_R_free                  0.289 
_refine_ls_shell.R_factor_R_free_error            0.024 
_refine_ls_shell.percent_reflns_R_free            11.3 
_refine_ls_shell.number_reflns_R_free             149 
_refine_ls_shell.number_reflns_obs                877 
_refine_ls_shell.redundancy_reflns_obs            ? 
_refine_ls_shell.number_reflns_all                ? 
_refine_ls_shell.pdbx_refine_id                   'X-RAY DIFFRACTION' 
_refine_ls_shell.R_factor_all                     ? 
# 
loop_
_pdbx_xplor_file.serial_no 
_pdbx_xplor_file.param_file 
_pdbx_xplor_file.topol_file 
_pdbx_xplor_file.pdbx_refine_id 
1 PROTEIN.PARAM      PROTEIN.TOP      'X-RAY DIFFRACTION' 
2 WATER.PARAM        WATER.TOP        'X-RAY DIFFRACTION' 
3 ION.PARAM          ION.TOP          'X-RAY DIFFRACTION' 
4 CARBOHYDRATE.PARAM CARBOHYDRATE.TOP 'X-RAY DIFFRACTION' 
# 
_struct.entry_id                  1MQ9 
_struct.title                     'Crystal structure of high affinity alphaL I domain with ligand mimetic crystal contact' 
_struct.pdbx_model_details        ? 
_struct.pdbx_CASP_flag            ? 
_struct.pdbx_model_type_details   ? 
# 
_struct_keywords.entry_id        1MQ9 
_struct_keywords.pdbx_keywords   'IMMUNE SYSTEM' 
_struct_keywords.text            'Designed disulfide bridge, Rossmann fold, metal mediated protein interface, IMMUNE SYSTEM' 
# 
loop_
_struct_asym.id 
_struct_asym.pdbx_blank_PDB_chainid_flag 
_struct_asym.pdbx_modified 
_struct_asym.entity_id 
_struct_asym.details 
A N N 1 ? 
B N N 2 ? 
C N N 3 ? 
# 
_struct_ref.id                         1 
_struct_ref.entity_id                  1 
_struct_ref.db_name                    UNP 
_struct_ref.db_code                    ITAL_HUMAN 
_struct_ref.pdbx_db_accession          P20701 
_struct_ref.pdbx_align_begin           153 
_struct_ref.pdbx_seq_one_letter_code   
;GNVDLVFLFDGSMSLQPDEFQKILDFMKDVMKKLSNTSYQFAAVQFSTSYKTEFDFSDYVKRKDPDALLKHVKHMLLLTN
TFGAINYVATEVFREELGARPDATKVLIIITDGEATDSGNIDAAKDIIRYIIGIGKHFQTKESQETLHKFASKPASEFVK
ILDTFEKLKDLFTELQKKI
;
_struct_ref.pdbx_db_isoform            ? 
# 
_struct_ref_seq.align_id                      1 
_struct_ref_seq.ref_id                        1 
_struct_ref_seq.pdbx_PDB_id_code              1MQ9 
_struct_ref_seq.pdbx_strand_id                A 
_struct_ref_seq.seq_align_beg                 2 
_struct_ref_seq.pdbx_seq_align_beg_ins_code   ? 
_struct_ref_seq.seq_align_end                 180 
_struct_ref_seq.pdbx_seq_align_end_ins_code   ? 
_struct_ref_seq.pdbx_db_accession             P20701 
_struct_ref_seq.db_align_beg                  153 
_struct_ref_seq.pdbx_db_align_beg_ins_code    ? 
_struct_ref_seq.db_align_end                  331 
_struct_ref_seq.pdbx_db_align_end_ins_code    ? 
_struct_ref_seq.pdbx_auth_seq_align_beg       128 
_struct_ref_seq.pdbx_auth_seq_align_end       306 
# 
loop_
_struct_ref_seq_dif.align_id 
_struct_ref_seq_dif.pdbx_pdb_id_code 
_struct_ref_seq_dif.mon_id 
_struct_ref_seq_dif.pdbx_pdb_strand_id 
_struct_ref_seq_dif.seq_num 
_struct_ref_seq_dif.pdbx_pdb_ins_code 
_struct_ref_seq_dif.pdbx_seq_db_name 
_struct_ref_seq_dif.pdbx_seq_db_accession_code 
_struct_ref_seq_dif.db_mon_id 
_struct_ref_seq_dif.pdbx_seq_db_seq_num 
_struct_ref_seq_dif.details 
_struct_ref_seq_dif.pdbx_auth_seq_num 
_struct_ref_seq_dif.pdbx_ordinal 
1 1MQ9 MET A 1   ? UNP P20701 ?   ?   'cloning artifact'    127 1 
1 1MQ9 CYS A 161 ? UNP P20701 LYS 312 'engineered mutation' 287 2 
1 1MQ9 CYS A 168 ? UNP P20701 LYS 319 'engineered mutation' 294 3 
# 
_pdbx_struct_assembly.id                   1 
_pdbx_struct_assembly.details              author_defined_assembly 
_pdbx_struct_assembly.method_details       ? 
_pdbx_struct_assembly.oligomeric_details   monomeric 
_pdbx_struct_assembly.oligomeric_count     1 
# 
_pdbx_struct_assembly_gen.assembly_id       1 
_pdbx_struct_assembly_gen.oper_expression   1 
_pdbx_struct_assembly_gen.asym_id_list      A,B,C 
# 
_pdbx_struct_oper_list.id                   1 
_pdbx_struct_oper_list.type                 'identity operation' 
_pdbx_struct_oper_list.name                 1_555 
_pdbx_struct_oper_list.symmetry_operation   x,y,z 
_pdbx_struct_oper_list.matrix[1][1]         1.0000000000 
_pdbx_struct_oper_list.matrix[1][2]         0.0000000000 
_pdbx_struct_oper_list.matrix[1][3]         0.0000000000 
_pdbx_struct_oper_list.vector[1]            0.0000000000 
_pdbx_struct_oper_list.matrix[2][1]         0.0000000000 
_pdbx_struct_oper_list.matrix[2][2]         1.0000000000 
_pdbx_struct_oper_list.matrix[2][3]         0.0000000000 
_pdbx_struct_oper_list.vector[2]            0.0000000000 
_pdbx_struct_oper_list.matrix[3][1]         0.0000000000 
_pdbx_struct_oper_list.matrix[3][2]         0.0000000000 
_pdbx_struct_oper_list.matrix[3][3]         1.0000000000 
_pdbx_struct_oper_list.vector[3]            0.0000000000 
# 
loop_
_struct_conf.conf_type_id 
_struct_conf.id 
_struct_conf.pdbx_PDB_helix_id 
_struct_conf.beg_label_comp_id 
_struct_conf.beg_label_asym_id 
_struct_conf.beg_label_seq_id 
_struct_conf.pdbx_beg_PDB_ins_code 
_struct_conf.end_label_comp_id 
_struct_conf.end_label_asym_id 
_struct_conf.end_label_seq_id 
_struct_conf.pdbx_end_PDB_ins_code 
_struct_conf.beg_auth_comp_id 
_struct_conf.beg_auth_asym_id 
_struct_conf.beg_auth_seq_id 
_struct_conf.end_auth_comp_id 
_struct_conf.end_auth_asym_id 
_struct_conf.end_auth_seq_id 
_struct_conf.pdbx_PDB_helix_class 
_struct_conf.details 
_struct_conf.pdbx_PDB_helix_length 
HELX_P HELX_P1 1 GLN A 17  ? LEU A 35  ? GLN A 143 LEU A 161 1 ? 19 
HELX_P HELX_P2 2 ASP A 56  ? LYS A 64  ? ASP A 182 LYS A 190 1 ? 9  
HELX_P HELX_P3 3 ASP A 65  ? LEU A 70  ? ASP A 191 LEU A 196 1 ? 6  
HELX_P HELX_P4 4 ASN A 81  ? VAL A 93  ? ASN A 207 VAL A 219 1 ? 13 
HELX_P HELX_P5 5 ARG A 95  ? GLY A 99  ? ARG A 221 GLY A 225 5 ? 5  
HELX_P HELX_P6 6 ILE A 122 ? LYS A 126 ? ILE A 248 LYS A 252 5 ? 5  
HELX_P HELX_P7 7 GLU A 143 ? ALA A 152 ? GLU A 269 ALA A 278 5 ? 10 
HELX_P HELX_P8 8 PRO A 155 ? PHE A 159 ? PRO A 281 PHE A 285 1 ? 5  
HELX_P HELX_P9 9 PHE A 166 ? PHE A 173 ? PHE A 292 PHE A 299 5 ? 8  
# 
_struct_conf_type.id          HELX_P 
_struct_conf_type.criteria    ? 
_struct_conf_type.reference   ? 
# 
loop_
_struct_conn.id 
_struct_conn.conn_type_id 
_struct_conn.pdbx_leaving_atom_flag 
_struct_conn.pdbx_PDB_id 
_struct_conn.ptnr1_label_asym_id 
_struct_conn.ptnr1_label_comp_id 
_struct_conn.ptnr1_label_seq_id 
_struct_conn.ptnr1_label_atom_id 
_struct_conn.pdbx_ptnr1_label_alt_id 
_struct_conn.pdbx_ptnr1_PDB_ins_code 
_struct_conn.pdbx_ptnr1_standard_comp_id 
_struct_conn.ptnr1_symmetry 
_struct_conn.ptnr2_label_asym_id 
_struct_conn.ptnr2_label_comp_id 
_struct_conn.ptnr2_label_seq_id 
_struct_conn.ptnr2_label_atom_id 
_struct_conn.pdbx_ptnr2_label_alt_id 
_struct_conn.pdbx_ptnr2_PDB_ins_code 
_struct_conn.ptnr1_auth_asym_id 
_struct_conn.ptnr1_auth_comp_id 
_struct_conn.ptnr1_auth_seq_id 
_struct_conn.ptnr2_auth_asym_id 
_struct_conn.ptnr2_auth_comp_id 
_struct_conn.ptnr2_auth_seq_id 
_struct_conn.ptnr2_symmetry 
_struct_conn.pdbx_ptnr3_label_atom_id 
_struct_conn.pdbx_ptnr3_label_seq_id 
_struct_conn.pdbx_ptnr3_label_comp_id 
_struct_conn.pdbx_ptnr3_label_asym_id 
_struct_conn.pdbx_ptnr3_label_alt_id 
_struct_conn.pdbx_ptnr3_PDB_ins_code 
_struct_conn.details 
_struct_conn.pdbx_dist_value 
_struct_conn.pdbx_value_order 
_struct_conn.pdbx_role 
disulf1 disulf ? ? A CYS 161 SG  ? ? ? 1_555 A CYS 168 SG ? ? A CYS 287 A CYS 294 1_555 ? ? ? ? ? ? ? 2.037 ? ? 
metalc1 metalc ? ? C HOH .   O   ? ? ? 1_555 B MN  .   MN ? ? A HOH 26  A MN  901 1_555 ? ? ? ? ? ? ? 2.088 ? ? 
metalc2 metalc ? ? C HOH .   O   ? ? ? 1_555 B MN  .   MN ? ? A HOH 62  A MN  901 1_555 ? ? ? ? ? ? ? 1.985 ? ? 
metalc3 metalc ? ? A SER 13  OG  ? ? ? 1_555 B MN  .   MN ? ? A SER 139 A MN  901 1_555 ? ? ? ? ? ? ? 2.226 ? ? 
metalc4 metalc ? ? A SER 15  OG  ? ? ? 1_555 B MN  .   MN ? ? A SER 141 A MN  901 1_555 ? ? ? ? ? ? ? 2.197 ? ? 
metalc5 metalc ? ? A THR 80  OG1 ? ? ? 1_555 B MN  .   MN ? ? A THR 206 A MN  901 1_555 ? ? ? ? ? ? ? 2.328 ? ? 
metalc6 metalc ? ? A GLU 146 OE1 ? ? ? 5_555 B MN  .   MN ? ? A GLU 272 A MN  901 1_555 ? ? ? ? ? ? ? 2.211 ? ? 
# 
loop_
_struct_conn_type.id 
_struct_conn_type.criteria 
_struct_conn_type.reference 
disulf ? ? 
metalc ? ? 
# 
loop_
_pdbx_struct_conn_angle.id 
_pdbx_struct_conn_angle.ptnr1_label_atom_id 
_pdbx_struct_conn_angle.ptnr1_label_alt_id 
_pdbx_struct_conn_angle.ptnr1_label_asym_id 
_pdbx_struct_conn_angle.ptnr1_label_comp_id 
_pdbx_struct_conn_angle.ptnr1_label_seq_id 
_pdbx_struct_conn_angle.ptnr1_auth_atom_id 
_pdbx_struct_conn_angle.ptnr1_auth_asym_id 
_pdbx_struct_conn_angle.ptnr1_auth_comp_id 
_pdbx_struct_conn_angle.ptnr1_auth_seq_id 
_pdbx_struct_conn_angle.ptnr1_PDB_ins_code 
_pdbx_struct_conn_angle.ptnr1_symmetry 
_pdbx_struct_conn_angle.ptnr2_label_atom_id 
_pdbx_struct_conn_angle.ptnr2_label_alt_id 
_pdbx_struct_conn_angle.ptnr2_label_asym_id 
_pdbx_struct_conn_angle.ptnr2_label_comp_id 
_pdbx_struct_conn_angle.ptnr2_label_seq_id 
_pdbx_struct_conn_angle.ptnr2_auth_atom_id 
_pdbx_struct_conn_angle.ptnr2_auth_asym_id 
_pdbx_struct_conn_angle.ptnr2_auth_comp_id 
_pdbx_struct_conn_angle.ptnr2_auth_seq_id 
_pdbx_struct_conn_angle.ptnr2_PDB_ins_code 
_pdbx_struct_conn_angle.ptnr2_symmetry 
_pdbx_struct_conn_angle.ptnr3_label_atom_id 
_pdbx_struct_conn_angle.ptnr3_label_alt_id 
_pdbx_struct_conn_angle.ptnr3_label_asym_id 
_pdbx_struct_conn_angle.ptnr3_label_comp_id 
_pdbx_struct_conn_angle.ptnr3_label_seq_id 
_pdbx_struct_conn_angle.ptnr3_auth_atom_id 
_pdbx_struct_conn_angle.ptnr3_auth_asym_id 
_pdbx_struct_conn_angle.ptnr3_auth_comp_id 
_pdbx_struct_conn_angle.ptnr3_auth_seq_id 
_pdbx_struct_conn_angle.ptnr3_PDB_ins_code 
_pdbx_struct_conn_angle.ptnr3_symmetry 
_pdbx_struct_conn_angle.value 
_pdbx_struct_conn_angle.value_esd 
1  O   ? C HOH .  ? A HOH 26  ? 1_555 MN ? B MN . ? A MN 901 ? 1_555 O   ? C HOH .   ? A HOH 62  ? 1_555 94.9  ? 
2  O   ? C HOH .  ? A HOH 26  ? 1_555 MN ? B MN . ? A MN 901 ? 1_555 OG  ? A SER 13  ? A SER 139 ? 1_555 86.6  ? 
3  O   ? C HOH .  ? A HOH 62  ? 1_555 MN ? B MN . ? A MN 901 ? 1_555 OG  ? A SER 13  ? A SER 139 ? 1_555 173.9 ? 
4  O   ? C HOH .  ? A HOH 26  ? 1_555 MN ? B MN . ? A MN 901 ? 1_555 OG  ? A SER 15  ? A SER 141 ? 1_555 81.1  ? 
5  O   ? C HOH .  ? A HOH 62  ? 1_555 MN ? B MN . ? A MN 901 ? 1_555 OG  ? A SER 15  ? A SER 141 ? 1_555 102.1 ? 
6  OG  ? A SER 13 ? A SER 139 ? 1_555 MN ? B MN . ? A MN 901 ? 1_555 OG  ? A SER 15  ? A SER 141 ? 1_555 83.9  ? 
7  O   ? C HOH .  ? A HOH 26  ? 1_555 MN ? B MN . ? A MN 901 ? 1_555 OG1 ? A THR 80  ? A THR 206 ? 1_555 100.8 ? 
8  O   ? C HOH .  ? A HOH 62  ? 1_555 MN ? B MN . ? A MN 901 ? 1_555 OG1 ? A THR 80  ? A THR 206 ? 1_555 88.2  ? 
9  OG  ? A SER 13 ? A SER 139 ? 1_555 MN ? B MN . ? A MN 901 ? 1_555 OG1 ? A THR 80  ? A THR 206 ? 1_555 85.7  ? 
10 OG  ? A SER 15 ? A SER 141 ? 1_555 MN ? B MN . ? A MN 901 ? 1_555 OG1 ? A THR 80  ? A THR 206 ? 1_555 169.3 ? 
11 O   ? C HOH .  ? A HOH 26  ? 1_555 MN ? B MN . ? A MN 901 ? 1_555 OE1 ? A GLU 146 ? A GLU 272 ? 5_555 170.3 ? 
12 O   ? C HOH .  ? A HOH 62  ? 1_555 MN ? B MN . ? A MN 901 ? 1_555 OE1 ? A GLU 146 ? A GLU 272 ? 5_555 92.4  ? 
13 OG  ? A SER 13 ? A SER 139 ? 1_555 MN ? B MN . ? A MN 901 ? 1_555 OE1 ? A GLU 146 ? A GLU 272 ? 5_555 86.7  ? 
14 OG  ? A SER 15 ? A SER 141 ? 1_555 MN ? B MN . ? A MN 901 ? 1_555 OE1 ? A GLU 146 ? A GLU 272 ? 5_555 91.2  ? 
15 OG1 ? A THR 80 ? A THR 206 ? 1_555 MN ? B MN . ? A MN 901 ? 1_555 OE1 ? A GLU 146 ? A GLU 272 ? 5_555 85.7  ? 
# 
_pdbx_modification_feature.ordinal                            1 
_pdbx_modification_feature.label_comp_id                      CYS 
_pdbx_modification_feature.label_asym_id                      A 
_pdbx_modification_feature.label_seq_id                       161 
_pdbx_modification_feature.label_alt_id                       ? 
_pdbx_modification_feature.modified_residue_label_comp_id     CYS 
_pdbx_modification_feature.modified_residue_label_asym_id     A 
_pdbx_modification_feature.modified_residue_label_seq_id      168 
_pdbx_modification_feature.modified_residue_label_alt_id      ? 
_pdbx_modification_feature.auth_comp_id                       CYS 
_pdbx_modification_feature.auth_asym_id                       A 
_pdbx_modification_feature.auth_seq_id                        287 
_pdbx_modification_feature.PDB_ins_code                       ? 
_pdbx_modification_feature.symmetry                           1_555 
_pdbx_modification_feature.modified_residue_auth_comp_id      CYS 
_pdbx_modification_feature.modified_residue_auth_asym_id      A 
_pdbx_modification_feature.modified_residue_auth_seq_id       294 
_pdbx_modification_feature.modified_residue_PDB_ins_code      ? 
_pdbx_modification_feature.modified_residue_symmetry          1_555 
_pdbx_modification_feature.comp_id_linking_atom               SG 
_pdbx_modification_feature.modified_residue_id_linking_atom   SG 
_pdbx_modification_feature.modified_residue_id                . 
_pdbx_modification_feature.ref_pcm_id                         . 
_pdbx_modification_feature.ref_comp_id                        . 
_pdbx_modification_feature.type                               None 
_pdbx_modification_feature.category                           'Disulfide bridge' 
# 
_struct_mon_prot_cis.pdbx_id                1 
_struct_mon_prot_cis.label_comp_id          LYS 
_struct_mon_prot_cis.label_seq_id           154 
_struct_mon_prot_cis.label_asym_id          A 
_struct_mon_prot_cis.label_alt_id           . 
_struct_mon_prot_cis.pdbx_PDB_ins_code      ? 
_struct_mon_prot_cis.auth_comp_id           LYS 
_struct_mon_prot_cis.auth_seq_id            280 
_struct_mon_prot_cis.auth_asym_id           A 
_struct_mon_prot_cis.pdbx_label_comp_id_2   PRO 
_struct_mon_prot_cis.pdbx_label_seq_id_2    155 
_struct_mon_prot_cis.pdbx_label_asym_id_2   A 
_struct_mon_prot_cis.pdbx_PDB_ins_code_2    ? 
_struct_mon_prot_cis.pdbx_auth_comp_id_2    PRO 
_struct_mon_prot_cis.pdbx_auth_seq_id_2     281 
_struct_mon_prot_cis.pdbx_auth_asym_id_2    A 
_struct_mon_prot_cis.pdbx_PDB_model_num     1 
_struct_mon_prot_cis.pdbx_omega_angle       -0.26 
# 
_struct_sheet.id               A 
_struct_sheet.type             ? 
_struct_sheet.number_strands   6 
_struct_sheet.details          ? 
# 
loop_
_struct_sheet_order.sheet_id 
_struct_sheet_order.range_id_1 
_struct_sheet_order.range_id_2 
_struct_sheet_order.offset 
_struct_sheet_order.sense 
A 1 2 ? anti-parallel 
A 2 3 ? parallel      
A 3 4 ? parallel      
A 4 5 ? parallel      
A 5 6 ? parallel      
# 
loop_
_struct_sheet_range.sheet_id 
_struct_sheet_range.id 
_struct_sheet_range.beg_label_comp_id 
_struct_sheet_range.beg_label_asym_id 
_struct_sheet_range.beg_label_seq_id 
_struct_sheet_range.pdbx_beg_PDB_ins_code 
_struct_sheet_range.end_label_comp_id 
_struct_sheet_range.end_label_asym_id 
_struct_sheet_range.end_label_seq_id 
_struct_sheet_range.pdbx_end_PDB_ins_code 
_struct_sheet_range.beg_auth_comp_id 
_struct_sheet_range.beg_auth_asym_id 
_struct_sheet_range.beg_auth_seq_id 
_struct_sheet_range.end_auth_comp_id 
_struct_sheet_range.end_auth_asym_id 
_struct_sheet_range.end_auth_seq_id 
A 1 TYR A 51  ? PHE A 55  ? TYR A 177 PHE A 181 
A 2 TYR A 40  ? PHE A 47  ? TYR A 166 PHE A 173 
A 3 VAL A 4   ? ASP A 11  ? VAL A 130 ASP A 137 
A 4 THR A 105 ? THR A 112 ? THR A 231 THR A 238 
A 5 ILE A 129 ? GLY A 134 ? ILE A 255 GLY A 260 
A 6 VAL A 160 ? ILE A 162 ? VAL A 286 ILE A 288 
# 
loop_
_pdbx_struct_sheet_hbond.sheet_id 
_pdbx_struct_sheet_hbond.range_id_1 
_pdbx_struct_sheet_hbond.range_id_2 
_pdbx_struct_sheet_hbond.range_1_label_atom_id 
_pdbx_struct_sheet_hbond.range_1_label_comp_id 
_pdbx_struct_sheet_hbond.range_1_label_asym_id 
_pdbx_struct_sheet_hbond.range_1_label_seq_id 
_pdbx_struct_sheet_hbond.range_1_PDB_ins_code 
_pdbx_struct_sheet_hbond.range_1_auth_atom_id 
_pdbx_struct_sheet_hbond.range_1_auth_comp_id 
_pdbx_struct_sheet_hbond.range_1_auth_asym_id 
_pdbx_struct_sheet_hbond.range_1_auth_seq_id 
_pdbx_struct_sheet_hbond.range_2_label_atom_id 
_pdbx_struct_sheet_hbond.range_2_label_comp_id 
_pdbx_struct_sheet_hbond.range_2_label_asym_id 
_pdbx_struct_sheet_hbond.range_2_label_seq_id 
_pdbx_struct_sheet_hbond.range_2_PDB_ins_code 
_pdbx_struct_sheet_hbond.range_2_auth_atom_id 
_pdbx_struct_sheet_hbond.range_2_auth_comp_id 
_pdbx_struct_sheet_hbond.range_2_auth_asym_id 
_pdbx_struct_sheet_hbond.range_2_auth_seq_id 
A 1 2 O LYS A 52  ? O LYS A 178 N GLN A 46  ? N GLN A 172 
A 2 3 O VAL A 45  ? O VAL A 171 N PHE A 8   ? N PHE A 134 
A 3 4 N ASP A 5   ? N ASP A 131 O THR A 105 ? O THR A 231 
A 4 5 N ILE A 110 ? N ILE A 236 O ILE A 133 ? O ILE A 259 
A 5 6 N GLY A 134 ? N GLY A 260 O CYS A 161 ? O CYS A 287 
# 
_struct_site.id                   AC1 
_struct_site.pdbx_evidence_code   Software 
_struct_site.pdbx_auth_asym_id    A 
_struct_site.pdbx_auth_comp_id    MN 
_struct_site.pdbx_auth_seq_id     901 
_struct_site.pdbx_auth_ins_code   ? 
_struct_site.pdbx_num_residues    6 
_struct_site.details              'BINDING SITE FOR RESIDUE MN A 901' 
# 
loop_
_struct_site_gen.id 
_struct_site_gen.site_id 
_struct_site_gen.pdbx_num_res 
_struct_site_gen.label_comp_id 
_struct_site_gen.label_asym_id 
_struct_site_gen.label_seq_id 
_struct_site_gen.pdbx_auth_ins_code 
_struct_site_gen.auth_comp_id 
_struct_site_gen.auth_asym_id 
_struct_site_gen.auth_seq_id 
_struct_site_gen.label_atom_id 
_struct_site_gen.label_alt_id 
_struct_site_gen.symmetry 
_struct_site_gen.details 
1 AC1 6 HOH C .   ? HOH A 26  . ? 1_555 ? 
2 AC1 6 HOH C .   ? HOH A 62  . ? 1_555 ? 
3 AC1 6 SER A 13  ? SER A 139 . ? 1_555 ? 
4 AC1 6 SER A 15  ? SER A 141 . ? 1_555 ? 
5 AC1 6 THR A 80  ? THR A 206 . ? 1_555 ? 
6 AC1 6 GLU A 146 ? GLU A 272 . ? 5_555 ? 
# 
_pdbx_entry_details.entry_id                   1MQ9 
_pdbx_entry_details.compound_details           ? 
_pdbx_entry_details.source_details             ? 
_pdbx_entry_details.nonpolymer_details         ? 
_pdbx_entry_details.sequence_details           ? 
_pdbx_entry_details.has_ligand_of_interest     ? 
_pdbx_entry_details.has_protein_modification   Y 
# 
loop_
_pdbx_validate_torsion.id 
_pdbx_validate_torsion.PDB_model_num 
_pdbx_validate_torsion.auth_comp_id 
_pdbx_validate_torsion.auth_asym_id 
_pdbx_validate_torsion.auth_seq_id 
_pdbx_validate_torsion.PDB_ins_code 
_pdbx_validate_torsion.label_alt_id 
_pdbx_validate_torsion.phi 
_pdbx_validate_torsion.psi 
1 1 SER A 174 ? ? -134.49 -100.43 
2 1 LYS A 190 ? ? 62.20   -23.93  
3 1 LEU A 204 ? ? -128.39 -150.06 
4 1 THR A 206 ? ? -118.35 76.53   
5 1 PHE A 299 ? ? -93.31  56.80   
# 
loop_
_pdbx_struct_special_symmetry.id 
_pdbx_struct_special_symmetry.PDB_model_num 
_pdbx_struct_special_symmetry.auth_asym_id 
_pdbx_struct_special_symmetry.auth_comp_id 
_pdbx_struct_special_symmetry.auth_seq_id 
_pdbx_struct_special_symmetry.PDB_ins_code 
_pdbx_struct_special_symmetry.label_asym_id 
_pdbx_struct_special_symmetry.label_comp_id 
_pdbx_struct_special_symmetry.label_seq_id 
1 1 A HOH 2  ? C HOH . 
2 1 A HOH 16 ? C HOH . 
# 
loop_
_pdbx_unobs_or_zero_occ_residues.id 
_pdbx_unobs_or_zero_occ_residues.PDB_model_num 
_pdbx_unobs_or_zero_occ_residues.polymer_flag 
_pdbx_unobs_or_zero_occ_residues.occupancy_flag 
_pdbx_unobs_or_zero_occ_residues.auth_asym_id 
_pdbx_unobs_or_zero_occ_residues.auth_comp_id 
_pdbx_unobs_or_zero_occ_residues.auth_seq_id 
_pdbx_unobs_or_zero_occ_residues.PDB_ins_code 
_pdbx_unobs_or_zero_occ_residues.label_asym_id 
_pdbx_unobs_or_zero_occ_residues.label_comp_id 
_pdbx_unobs_or_zero_occ_residues.label_seq_id 
1 1 Y 1 A MET 127 ? A MET 1   
2 1 Y 1 A GLU 301 ? A GLU 175 
3 1 Y 1 A LEU 302 ? A LEU 176 
4 1 Y 1 A GLN 303 ? A GLN 177 
5 1 Y 1 A LYS 304 ? A LYS 178 
6 1 Y 1 A LYS 305 ? A LYS 179 
7 1 Y 1 A ILE 306 ? A ILE 180 
# 
loop_
_chem_comp_atom.comp_id 
_chem_comp_atom.atom_id 
_chem_comp_atom.type_symbol 
_chem_comp_atom.pdbx_aromatic_flag 
_chem_comp_atom.pdbx_stereo_config 
_chem_comp_atom.pdbx_ordinal 
ALA N    N  N N 1   
ALA CA   C  N S 2   
ALA C    C  N N 3   
ALA O    O  N N 4   
ALA CB   C  N N 5   
ALA OXT  O  N N 6   
ALA H    H  N N 7   
ALA H2   H  N N 8   
ALA HA   H  N N 9   
ALA HB1  H  N N 10  
ALA HB2  H  N N 11  
ALA HB3  H  N N 12  
ALA HXT  H  N N 13  
ARG N    N  N N 14  
ARG CA   C  N S 15  
ARG C    C  N N 16  
ARG O    O  N N 17  
ARG CB   C  N N 18  
ARG CG   C  N N 19  
ARG CD   C  N N 20  
ARG NE   N  N N 21  
ARG CZ   C  N N 22  
ARG NH1  N  N N 23  
ARG NH2  N  N N 24  
ARG OXT  O  N N 25  
ARG H    H  N N 26  
ARG H2   H  N N 27  
ARG HA   H  N N 28  
ARG HB2  H  N N 29  
ARG HB3  H  N N 30  
ARG HG2  H  N N 31  
ARG HG3  H  N N 32  
ARG HD2  H  N N 33  
ARG HD3  H  N N 34  
ARG HE   H  N N 35  
ARG HH11 H  N N 36  
ARG HH12 H  N N 37  
ARG HH21 H  N N 38  
ARG HH22 H  N N 39  
ARG HXT  H  N N 40  
ASN N    N  N N 41  
ASN CA   C  N S 42  
ASN C    C  N N 43  
ASN O    O  N N 44  
ASN CB   C  N N 45  
ASN CG   C  N N 46  
ASN OD1  O  N N 47  
ASN ND2  N  N N 48  
ASN OXT  O  N N 49  
ASN H    H  N N 50  
ASN H2   H  N N 51  
ASN HA   H  N N 52  
ASN HB2  H  N N 53  
ASN HB3  H  N N 54  
ASN HD21 H  N N 55  
ASN HD22 H  N N 56  
ASN HXT  H  N N 57  
ASP N    N  N N 58  
ASP CA   C  N S 59  
ASP C    C  N N 60  
ASP O    O  N N 61  
ASP CB   C  N N 62  
ASP CG   C  N N 63  
ASP OD1  O  N N 64  
ASP OD2  O  N N 65  
ASP OXT  O  N N 66  
ASP H    H  N N 67  
ASP H2   H  N N 68  
ASP HA   H  N N 69  
ASP HB2  H  N N 70  
ASP HB3  H  N N 71  
ASP HD2  H  N N 72  
ASP HXT  H  N N 73  
CYS N    N  N N 74  
CYS CA   C  N R 75  
CYS C    C  N N 76  
CYS O    O  N N 77  
CYS CB   C  N N 78  
CYS SG   S  N N 79  
CYS OXT  O  N N 80  
CYS H    H  N N 81  
CYS H2   H  N N 82  
CYS HA   H  N N 83  
CYS HB2  H  N N 84  
CYS HB3  H  N N 85  
CYS HG   H  N N 86  
CYS HXT  H  N N 87  
GLN N    N  N N 88  
GLN CA   C  N S 89  
GLN C    C  N N 90  
GLN O    O  N N 91  
GLN CB   C  N N 92  
GLN CG   C  N N 93  
GLN CD   C  N N 94  
GLN OE1  O  N N 95  
GLN NE2  N  N N 96  
GLN OXT  O  N N 97  
GLN H    H  N N 98  
GLN H2   H  N N 99  
GLN HA   H  N N 100 
GLN HB2  H  N N 101 
GLN HB3  H  N N 102 
GLN HG2  H  N N 103 
GLN HG3  H  N N 104 
GLN HE21 H  N N 105 
GLN HE22 H  N N 106 
GLN HXT  H  N N 107 
GLU N    N  N N 108 
GLU CA   C  N S 109 
GLU C    C  N N 110 
GLU O    O  N N 111 
GLU CB   C  N N 112 
GLU CG   C  N N 113 
GLU CD   C  N N 114 
GLU OE1  O  N N 115 
GLU OE2  O  N N 116 
GLU OXT  O  N N 117 
GLU H    H  N N 118 
GLU H2   H  N N 119 
GLU HA   H  N N 120 
GLU HB2  H  N N 121 
GLU HB3  H  N N 122 
GLU HG2  H  N N 123 
GLU HG3  H  N N 124 
GLU HE2  H  N N 125 
GLU HXT  H  N N 126 
GLY N    N  N N 127 
GLY CA   C  N N 128 
GLY C    C  N N 129 
GLY O    O  N N 130 
GLY OXT  O  N N 131 
GLY H    H  N N 132 
GLY H2   H  N N 133 
GLY HA2  H  N N 134 
GLY HA3  H  N N 135 
GLY HXT  H  N N 136 
HIS N    N  N N 137 
HIS CA   C  N S 138 
HIS C    C  N N 139 
HIS O    O  N N 140 
HIS CB   C  N N 141 
HIS CG   C  Y N 142 
HIS ND1  N  Y N 143 
HIS CD2  C  Y N 144 
HIS CE1  C  Y N 145 
HIS NE2  N  Y N 146 
HIS OXT  O  N N 147 
HIS H    H  N N 148 
HIS H2   H  N N 149 
HIS HA   H  N N 150 
HIS HB2  H  N N 151 
HIS HB3  H  N N 152 
HIS HD1  H  N N 153 
HIS HD2  H  N N 154 
HIS HE1  H  N N 155 
HIS HE2  H  N N 156 
HIS HXT  H  N N 157 
HOH O    O  N N 158 
HOH H1   H  N N 159 
HOH H2   H  N N 160 
ILE N    N  N N 161 
ILE CA   C  N S 162 
ILE C    C  N N 163 
ILE O    O  N N 164 
ILE CB   C  N S 165 
ILE CG1  C  N N 166 
ILE CG2  C  N N 167 
ILE CD1  C  N N 168 
ILE OXT  O  N N 169 
ILE H    H  N N 170 
ILE H2   H  N N 171 
ILE HA   H  N N 172 
ILE HB   H  N N 173 
ILE HG12 H  N N 174 
ILE HG13 H  N N 175 
ILE HG21 H  N N 176 
ILE HG22 H  N N 177 
ILE HG23 H  N N 178 
ILE HD11 H  N N 179 
ILE HD12 H  N N 180 
ILE HD13 H  N N 181 
ILE HXT  H  N N 182 
LEU N    N  N N 183 
LEU CA   C  N S 184 
LEU C    C  N N 185 
LEU O    O  N N 186 
LEU CB   C  N N 187 
LEU CG   C  N N 188 
LEU CD1  C  N N 189 
LEU CD2  C  N N 190 
LEU OXT  O  N N 191 
LEU H    H  N N 192 
LEU H2   H  N N 193 
LEU HA   H  N N 194 
LEU HB2  H  N N 195 
LEU HB3  H  N N 196 
LEU HG   H  N N 197 
LEU HD11 H  N N 198 
LEU HD12 H  N N 199 
LEU HD13 H  N N 200 
LEU HD21 H  N N 201 
LEU HD22 H  N N 202 
LEU HD23 H  N N 203 
LEU HXT  H  N N 204 
LYS N    N  N N 205 
LYS CA   C  N S 206 
LYS C    C  N N 207 
LYS O    O  N N 208 
LYS CB   C  N N 209 
LYS CG   C  N N 210 
LYS CD   C  N N 211 
LYS CE   C  N N 212 
LYS NZ   N  N N 213 
LYS OXT  O  N N 214 
LYS H    H  N N 215 
LYS H2   H  N N 216 
LYS HA   H  N N 217 
LYS HB2  H  N N 218 
LYS HB3  H  N N 219 
LYS HG2  H  N N 220 
LYS HG3  H  N N 221 
LYS HD2  H  N N 222 
LYS HD3  H  N N 223 
LYS HE2  H  N N 224 
LYS HE3  H  N N 225 
LYS HZ1  H  N N 226 
LYS HZ2  H  N N 227 
LYS HZ3  H  N N 228 
LYS HXT  H  N N 229 
MET N    N  N N 230 
MET CA   C  N S 231 
MET C    C  N N 232 
MET O    O  N N 233 
MET CB   C  N N 234 
MET CG   C  N N 235 
MET SD   S  N N 236 
MET CE   C  N N 237 
MET OXT  O  N N 238 
MET H    H  N N 239 
MET H2   H  N N 240 
MET HA   H  N N 241 
MET HB2  H  N N 242 
MET HB3  H  N N 243 
MET HG2  H  N N 244 
MET HG3  H  N N 245 
MET HE1  H  N N 246 
MET HE2  H  N N 247 
MET HE3  H  N N 248 
MET HXT  H  N N 249 
MN  MN   MN N N 250 
PHE N    N  N N 251 
PHE CA   C  N S 252 
PHE C    C  N N 253 
PHE O    O  N N 254 
PHE CB   C  N N 255 
PHE CG   C  Y N 256 
PHE CD1  C  Y N 257 
PHE CD2  C  Y N 258 
PHE CE1  C  Y N 259 
PHE CE2  C  Y N 260 
PHE CZ   C  Y N 261 
PHE OXT  O  N N 262 
PHE H    H  N N 263 
PHE H2   H  N N 264 
PHE HA   H  N N 265 
PHE HB2  H  N N 266 
PHE HB3  H  N N 267 
PHE HD1  H  N N 268 
PHE HD2  H  N N 269 
PHE HE1  H  N N 270 
PHE HE2  H  N N 271 
PHE HZ   H  N N 272 
PHE HXT  H  N N 273 
PRO N    N  N N 274 
PRO CA   C  N S 275 
PRO C    C  N N 276 
PRO O    O  N N 277 
PRO CB   C  N N 278 
PRO CG   C  N N 279 
PRO CD   C  N N 280 
PRO OXT  O  N N 281 
PRO H    H  N N 282 
PRO HA   H  N N 283 
PRO HB2  H  N N 284 
PRO HB3  H  N N 285 
PRO HG2  H  N N 286 
PRO HG3  H  N N 287 
PRO HD2  H  N N 288 
PRO HD3  H  N N 289 
PRO HXT  H  N N 290 
SER N    N  N N 291 
SER CA   C  N S 292 
SER C    C  N N 293 
SER O    O  N N 294 
SER CB   C  N N 295 
SER OG   O  N N 296 
SER OXT  O  N N 297 
SER H    H  N N 298 
SER H2   H  N N 299 
SER HA   H  N N 300 
SER HB2  H  N N 301 
SER HB3  H  N N 302 
SER HG   H  N N 303 
SER HXT  H  N N 304 
THR N    N  N N 305 
THR CA   C  N S 306 
THR C    C  N N 307 
THR O    O  N N 308 
THR CB   C  N R 309 
THR OG1  O  N N 310 
THR CG2  C  N N 311 
THR OXT  O  N N 312 
THR H    H  N N 313 
THR H2   H  N N 314 
THR HA   H  N N 315 
THR HB   H  N N 316 
THR HG1  H  N N 317 
THR HG21 H  N N 318 
THR HG22 H  N N 319 
THR HG23 H  N N 320 
THR HXT  H  N N 321 
TYR N    N  N N 322 
TYR CA   C  N S 323 
TYR C    C  N N 324 
TYR O    O  N N 325 
TYR CB   C  N N 326 
TYR CG   C  Y N 327 
TYR CD1  C  Y N 328 
TYR CD2  C  Y N 329 
TYR CE1  C  Y N 330 
TYR CE2  C  Y N 331 
TYR CZ   C  Y N 332 
TYR OH   O  N N 333 
TYR OXT  O  N N 334 
TYR H    H  N N 335 
TYR H2   H  N N 336 
TYR HA   H  N N 337 
TYR HB2  H  N N 338 
TYR HB3  H  N N 339 
TYR HD1  H  N N 340 
TYR HD2  H  N N 341 
TYR HE1  H  N N 342 
TYR HE2  H  N N 343 
TYR HH   H  N N 344 
TYR HXT  H  N N 345 
VAL N    N  N N 346 
VAL CA   C  N S 347 
VAL C    C  N N 348 
VAL O    O  N N 349 
VAL CB   C  N N 350 
VAL CG1  C  N N 351 
VAL CG2  C  N N 352 
VAL OXT  O  N N 353 
VAL H    H  N N 354 
VAL H2   H  N N 355 
VAL HA   H  N N 356 
VAL HB   H  N N 357 
VAL HG11 H  N N 358 
VAL HG12 H  N N 359 
VAL HG13 H  N N 360 
VAL HG21 H  N N 361 
VAL HG22 H  N N 362 
VAL HG23 H  N N 363 
VAL HXT  H  N N 364 
# 
loop_
_chem_comp_bond.comp_id 
_chem_comp_bond.atom_id_1 
_chem_comp_bond.atom_id_2 
_chem_comp_bond.value_order 
_chem_comp_bond.pdbx_aromatic_flag 
_chem_comp_bond.pdbx_stereo_config 
_chem_comp_bond.pdbx_ordinal 
ALA N   CA   sing N N 1   
ALA N   H    sing N N 2   
ALA N   H2   sing N N 3   
ALA CA  C    sing N N 4   
ALA CA  CB   sing N N 5   
ALA CA  HA   sing N N 6   
ALA C   O    doub N N 7   
ALA C   OXT  sing N N 8   
ALA CB  HB1  sing N N 9   
ALA CB  HB2  sing N N 10  
ALA CB  HB3  sing N N 11  
ALA OXT HXT  sing N N 12  
ARG N   CA   sing N N 13  
ARG N   H    sing N N 14  
ARG N   H2   sing N N 15  
ARG CA  C    sing N N 16  
ARG CA  CB   sing N N 17  
ARG CA  HA   sing N N 18  
ARG C   O    doub N N 19  
ARG C   OXT  sing N N 20  
ARG CB  CG   sing N N 21  
ARG CB  HB2  sing N N 22  
ARG CB  HB3  sing N N 23  
ARG CG  CD   sing N N 24  
ARG CG  HG2  sing N N 25  
ARG CG  HG3  sing N N 26  
ARG CD  NE   sing N N 27  
ARG CD  HD2  sing N N 28  
ARG CD  HD3  sing N N 29  
ARG NE  CZ   sing N N 30  
ARG NE  HE   sing N N 31  
ARG CZ  NH1  sing N N 32  
ARG CZ  NH2  doub N N 33  
ARG NH1 HH11 sing N N 34  
ARG NH1 HH12 sing N N 35  
ARG NH2 HH21 sing N N 36  
ARG NH2 HH22 sing N N 37  
ARG OXT HXT  sing N N 38  
ASN N   CA   sing N N 39  
ASN N   H    sing N N 40  
ASN N   H2   sing N N 41  
ASN CA  C    sing N N 42  
ASN CA  CB   sing N N 43  
ASN CA  HA   sing N N 44  
ASN C   O    doub N N 45  
ASN C   OXT  sing N N 46  
ASN CB  CG   sing N N 47  
ASN CB  HB2  sing N N 48  
ASN CB  HB3  sing N N 49  
ASN CG  OD1  doub N N 50  
ASN CG  ND2  sing N N 51  
ASN ND2 HD21 sing N N 52  
ASN ND2 HD22 sing N N 53  
ASN OXT HXT  sing N N 54  
ASP N   CA   sing N N 55  
ASP N   H    sing N N 56  
ASP N   H2   sing N N 57  
ASP CA  C    sing N N 58  
ASP CA  CB   sing N N 59  
ASP CA  HA   sing N N 60  
ASP C   O    doub N N 61  
ASP C   OXT  sing N N 62  
ASP CB  CG   sing N N 63  
ASP CB  HB2  sing N N 64  
ASP CB  HB3  sing N N 65  
ASP CG  OD1  doub N N 66  
ASP CG  OD2  sing N N 67  
ASP OD2 HD2  sing N N 68  
ASP OXT HXT  sing N N 69  
CYS N   CA   sing N N 70  
CYS N   H    sing N N 71  
CYS N   H2   sing N N 72  
CYS CA  C    sing N N 73  
CYS CA  CB   sing N N 74  
CYS CA  HA   sing N N 75  
CYS C   O    doub N N 76  
CYS C   OXT  sing N N 77  
CYS CB  SG   sing N N 78  
CYS CB  HB2  sing N N 79  
CYS CB  HB3  sing N N 80  
CYS SG  HG   sing N N 81  
CYS OXT HXT  sing N N 82  
GLN N   CA   sing N N 83  
GLN N   H    sing N N 84  
GLN N   H2   sing N N 85  
GLN CA  C    sing N N 86  
GLN CA  CB   sing N N 87  
GLN CA  HA   sing N N 88  
GLN C   O    doub N N 89  
GLN C   OXT  sing N N 90  
GLN CB  CG   sing N N 91  
GLN CB  HB2  sing N N 92  
GLN CB  HB3  sing N N 93  
GLN CG  CD   sing N N 94  
GLN CG  HG2  sing N N 95  
GLN CG  HG3  sing N N 96  
GLN CD  OE1  doub N N 97  
GLN CD  NE2  sing N N 98  
GLN NE2 HE21 sing N N 99  
GLN NE2 HE22 sing N N 100 
GLN OXT HXT  sing N N 101 
GLU N   CA   sing N N 102 
GLU N   H    sing N N 103 
GLU N   H2   sing N N 104 
GLU CA  C    sing N N 105 
GLU CA  CB   sing N N 106 
GLU CA  HA   sing N N 107 
GLU C   O    doub N N 108 
GLU C   OXT  sing N N 109 
GLU CB  CG   sing N N 110 
GLU CB  HB2  sing N N 111 
GLU CB  HB3  sing N N 112 
GLU CG  CD   sing N N 113 
GLU CG  HG2  sing N N 114 
GLU CG  HG3  sing N N 115 
GLU CD  OE1  doub N N 116 
GLU CD  OE2  sing N N 117 
GLU OE2 HE2  sing N N 118 
GLU OXT HXT  sing N N 119 
GLY N   CA   sing N N 120 
GLY N   H    sing N N 121 
GLY N   H2   sing N N 122 
GLY CA  C    sing N N 123 
GLY CA  HA2  sing N N 124 
GLY CA  HA3  sing N N 125 
GLY C   O    doub N N 126 
GLY C   OXT  sing N N 127 
GLY OXT HXT  sing N N 128 
HIS N   CA   sing N N 129 
HIS N   H    sing N N 130 
HIS N   H2   sing N N 131 
HIS CA  C    sing N N 132 
HIS CA  CB   sing N N 133 
HIS CA  HA   sing N N 134 
HIS C   O    doub N N 135 
HIS C   OXT  sing N N 136 
HIS CB  CG   sing N N 137 
HIS CB  HB2  sing N N 138 
HIS CB  HB3  sing N N 139 
HIS CG  ND1  sing Y N 140 
HIS CG  CD2  doub Y N 141 
HIS ND1 CE1  doub Y N 142 
HIS ND1 HD1  sing N N 143 
HIS CD2 NE2  sing Y N 144 
HIS CD2 HD2  sing N N 145 
HIS CE1 NE2  sing Y N 146 
HIS CE1 HE1  sing N N 147 
HIS NE2 HE2  sing N N 148 
HIS OXT HXT  sing N N 149 
HOH O   H1   sing N N 150 
HOH O   H2   sing N N 151 
ILE N   CA   sing N N 152 
ILE N   H    sing N N 153 
ILE N   H2   sing N N 154 
ILE CA  C    sing N N 155 
ILE CA  CB   sing N N 156 
ILE CA  HA   sing N N 157 
ILE C   O    doub N N 158 
ILE C   OXT  sing N N 159 
ILE CB  CG1  sing N N 160 
ILE CB  CG2  sing N N 161 
ILE CB  HB   sing N N 162 
ILE CG1 CD1  sing N N 163 
ILE CG1 HG12 sing N N 164 
ILE CG1 HG13 sing N N 165 
ILE CG2 HG21 sing N N 166 
ILE CG2 HG22 sing N N 167 
ILE CG2 HG23 sing N N 168 
ILE CD1 HD11 sing N N 169 
ILE CD1 HD12 sing N N 170 
ILE CD1 HD13 sing N N 171 
ILE OXT HXT  sing N N 172 
LEU N   CA   sing N N 173 
LEU N   H    sing N N 174 
LEU N   H2   sing N N 175 
LEU CA  C    sing N N 176 
LEU CA  CB   sing N N 177 
LEU CA  HA   sing N N 178 
LEU C   O    doub N N 179 
LEU C   OXT  sing N N 180 
LEU CB  CG   sing N N 181 
LEU CB  HB2  sing N N 182 
LEU CB  HB3  sing N N 183 
LEU CG  CD1  sing N N 184 
LEU CG  CD2  sing N N 185 
LEU CG  HG   sing N N 186 
LEU CD1 HD11 sing N N 187 
LEU CD1 HD12 sing N N 188 
LEU CD1 HD13 sing N N 189 
LEU CD2 HD21 sing N N 190 
LEU CD2 HD22 sing N N 191 
LEU CD2 HD23 sing N N 192 
LEU OXT HXT  sing N N 193 
LYS N   CA   sing N N 194 
LYS N   H    sing N N 195 
LYS N   H2   sing N N 196 
LYS CA  C    sing N N 197 
LYS CA  CB   sing N N 198 
LYS CA  HA   sing N N 199 
LYS C   O    doub N N 200 
LYS C   OXT  sing N N 201 
LYS CB  CG   sing N N 202 
LYS CB  HB2  sing N N 203 
LYS CB  HB3  sing N N 204 
LYS CG  CD   sing N N 205 
LYS CG  HG2  sing N N 206 
LYS CG  HG3  sing N N 207 
LYS CD  CE   sing N N 208 
LYS CD  HD2  sing N N 209 
LYS CD  HD3  sing N N 210 
LYS CE  NZ   sing N N 211 
LYS CE  HE2  sing N N 212 
LYS CE  HE3  sing N N 213 
LYS NZ  HZ1  sing N N 214 
LYS NZ  HZ2  sing N N 215 
LYS NZ  HZ3  sing N N 216 
LYS OXT HXT  sing N N 217 
MET N   CA   sing N N 218 
MET N   H    sing N N 219 
MET N   H2   sing N N 220 
MET CA  C    sing N N 221 
MET CA  CB   sing N N 222 
MET CA  HA   sing N N 223 
MET C   O    doub N N 224 
MET C   OXT  sing N N 225 
MET CB  CG   sing N N 226 
MET CB  HB2  sing N N 227 
MET CB  HB3  sing N N 228 
MET CG  SD   sing N N 229 
MET CG  HG2  sing N N 230 
MET CG  HG3  sing N N 231 
MET SD  CE   sing N N 232 
MET CE  HE1  sing N N 233 
MET CE  HE2  sing N N 234 
MET CE  HE3  sing N N 235 
MET OXT HXT  sing N N 236 
PHE N   CA   sing N N 237 
PHE N   H    sing N N 238 
PHE N   H2   sing N N 239 
PHE CA  C    sing N N 240 
PHE CA  CB   sing N N 241 
PHE CA  HA   sing N N 242 
PHE C   O    doub N N 243 
PHE C   OXT  sing N N 244 
PHE CB  CG   sing N N 245 
PHE CB  HB2  sing N N 246 
PHE CB  HB3  sing N N 247 
PHE CG  CD1  doub Y N 248 
PHE CG  CD2  sing Y N 249 
PHE CD1 CE1  sing Y N 250 
PHE CD1 HD1  sing N N 251 
PHE CD2 CE2  doub Y N 252 
PHE CD2 HD2  sing N N 253 
PHE CE1 CZ   doub Y N 254 
PHE CE1 HE1  sing N N 255 
PHE CE2 CZ   sing Y N 256 
PHE CE2 HE2  sing N N 257 
PHE CZ  HZ   sing N N 258 
PHE OXT HXT  sing N N 259 
PRO N   CA   sing N N 260 
PRO N   CD   sing N N 261 
PRO N   H    sing N N 262 
PRO CA  C    sing N N 263 
PRO CA  CB   sing N N 264 
PRO CA  HA   sing N N 265 
PRO C   O    doub N N 266 
PRO C   OXT  sing N N 267 
PRO CB  CG   sing N N 268 
PRO CB  HB2  sing N N 269 
PRO CB  HB3  sing N N 270 
PRO CG  CD   sing N N 271 
PRO CG  HG2  sing N N 272 
PRO CG  HG3  sing N N 273 
PRO CD  HD2  sing N N 274 
PRO CD  HD3  sing N N 275 
PRO OXT HXT  sing N N 276 
SER N   CA   sing N N 277 
SER N   H    sing N N 278 
SER N   H2   sing N N 279 
SER CA  C    sing N N 280 
SER CA  CB   sing N N 281 
SER CA  HA   sing N N 282 
SER C   O    doub N N 283 
SER C   OXT  sing N N 284 
SER CB  OG   sing N N 285 
SER CB  HB2  sing N N 286 
SER CB  HB3  sing N N 287 
SER OG  HG   sing N N 288 
SER OXT HXT  sing N N 289 
THR N   CA   sing N N 290 
THR N   H    sing N N 291 
THR N   H2   sing N N 292 
THR CA  C    sing N N 293 
THR CA  CB   sing N N 294 
THR CA  HA   sing N N 295 
THR C   O    doub N N 296 
THR C   OXT  sing N N 297 
THR CB  OG1  sing N N 298 
THR CB  CG2  sing N N 299 
THR CB  HB   sing N N 300 
THR OG1 HG1  sing N N 301 
THR CG2 HG21 sing N N 302 
THR CG2 HG22 sing N N 303 
THR CG2 HG23 sing N N 304 
THR OXT HXT  sing N N 305 
TYR N   CA   sing N N 306 
TYR N   H    sing N N 307 
TYR N   H2   sing N N 308 
TYR CA  C    sing N N 309 
TYR CA  CB   sing N N 310 
TYR CA  HA   sing N N 311 
TYR C   O    doub N N 312 
TYR C   OXT  sing N N 313 
TYR CB  CG   sing N N 314 
TYR CB  HB2  sing N N 315 
TYR CB  HB3  sing N N 316 
TYR CG  CD1  doub Y N 317 
TYR CG  CD2  sing Y N 318 
TYR CD1 CE1  sing Y N 319 
TYR CD1 HD1  sing N N 320 
TYR CD2 CE2  doub Y N 321 
TYR CD2 HD2  sing N N 322 
TYR CE1 CZ   doub Y N 323 
TYR CE1 HE1  sing N N 324 
TYR CE2 CZ   sing Y N 325 
TYR CE2 HE2  sing N N 326 
TYR CZ  OH   sing N N 327 
TYR OH  HH   sing N N 328 
TYR OXT HXT  sing N N 329 
VAL N   CA   sing N N 330 
VAL N   H    sing N N 331 
VAL N   H2   sing N N 332 
VAL CA  C    sing N N 333 
VAL CA  CB   sing N N 334 
VAL CA  HA   sing N N 335 
VAL C   O    doub N N 336 
VAL C   OXT  sing N N 337 
VAL CB  CG1  sing N N 338 
VAL CB  CG2  sing N N 339 
VAL CB  HB   sing N N 340 
VAL CG1 HG11 sing N N 341 
VAL CG1 HG12 sing N N 342 
VAL CG1 HG13 sing N N 343 
VAL CG2 HG21 sing N N 344 
VAL CG2 HG22 sing N N 345 
VAL CG2 HG23 sing N N 346 
VAL OXT HXT  sing N N 347 
# 
_pdbx_initial_refinement_model.id               1 
_pdbx_initial_refinement_model.entity_id_list   ? 
_pdbx_initial_refinement_model.type             'experimental model' 
_pdbx_initial_refinement_model.source_name      PDB 
_pdbx_initial_refinement_model.accession_code   1MJN 
_pdbx_initial_refinement_model.details          ? 
# 
_atom_sites.entry_id                    1MQ9 
_atom_sites.fract_transf_matrix[1][1]   -0.00913411 
_atom_sites.fract_transf_matrix[1][2]   0.00248903 
_atom_sites.fract_transf_matrix[1][3]   0.02649224 
_atom_sites.fract_transf_matrix[2][1]   -0.01407398 
_atom_sites.fract_transf_matrix[2][2]   -0.02422291 
_atom_sites.fract_transf_matrix[2][3]   -0.00257667 
_atom_sites.fract_transf_matrix[3][1]   0.00297720 
_atom_sites.fract_transf_matrix[3][2]   -0.00185756 
_atom_sites.fract_transf_matrix[3][3]   0.00120101 
_atom_sites.fract_transf_vector[1]      0.203065 
_atom_sites.fract_transf_vector[2]      0.507082 
_atom_sites.fract_transf_vector[3]      0.181524 
# 
loop_
_atom_type.symbol 
C  
MN 
N  
O  
S  
# 
loop_
_atom_site.group_PDB 
_atom_site.id 
_atom_site.type_symbol 
_atom_site.label_atom_id 
_atom_site.label_alt_id 
_atom_site.label_comp_id 
_atom_site.label_asym_id 
_atom_site.label_entity_id 
_atom_site.label_seq_id 
_atom_site.pdbx_PDB_ins_code 
_atom_site.Cartn_x 
_atom_site.Cartn_y 
_atom_site.Cartn_z 
_atom_site.occupancy 
_atom_site.B_iso_or_equiv 
_atom_site.pdbx_formal_charge 
_atom_site.auth_seq_id 
_atom_site.auth_comp_id 
_atom_site.auth_asym_id 
_atom_site.auth_atom_id 
_atom_site.pdbx_PDB_model_num 
ATOM   1    N  N   . GLY A 1 2   ? 19.573  7.428   -1.765  1.00 38.38 ? 128 GLY A N   1 
ATOM   2    C  CA  . GLY A 1 2   ? 18.786  7.577   -0.501  1.00 37.09 ? 128 GLY A CA  1 
ATOM   3    C  C   . GLY A 1 2   ? 17.977  6.339   -0.166  1.00 35.37 ? 128 GLY A C   1 
ATOM   4    O  O   . GLY A 1 2   ? 17.388  5.717   -1.053  1.00 36.42 ? 128 GLY A O   1 
ATOM   5    N  N   . ASN A 1 3   ? 17.949  5.973   1.113   1.00 33.35 ? 129 ASN A N   1 
ATOM   6    C  CA  . ASN A 1 3   ? 17.204  4.793   1.553   1.00 29.85 ? 129 ASN A CA  1 
ATOM   7    C  C   . ASN A 1 3   ? 15.702  5.042   1.546   1.00 27.09 ? 129 ASN A C   1 
ATOM   8    O  O   . ASN A 1 3   ? 15.248  6.169   1.753   1.00 24.92 ? 129 ASN A O   1 
ATOM   9    C  CB  . ASN A 1 3   ? 17.654  4.364   2.948   1.00 30.44 ? 129 ASN A CB  1 
ATOM   10   C  CG  . ASN A 1 3   ? 19.068  3.828   2.963   1.00 31.76 ? 129 ASN A CG  1 
ATOM   11   O  OD1 . ASN A 1 3   ? 19.596  3.403   1.936   1.00 30.26 ? 129 ASN A OD1 1 
ATOM   12   N  ND2 . ASN A 1 3   ? 19.687  3.835   4.139   1.00 33.49 ? 129 ASN A ND2 1 
ATOM   13   N  N   . VAL A 1 4   ? 14.934  3.987   1.297   1.00 24.37 ? 130 VAL A N   1 
ATOM   14   C  CA  . VAL A 1 4   ? 13.482  4.103   1.251   1.00 23.03 ? 130 VAL A CA  1 
ATOM   15   C  C   . VAL A 1 4   ? 12.768  2.974   1.984   1.00 20.92 ? 130 VAL A C   1 
ATOM   16   O  O   . VAL A 1 4   ? 13.046  1.791   1.776   1.00 20.03 ? 130 VAL A O   1 
ATOM   17   C  CB  . VAL A 1 4   ? 12.962  4.140   -0.205  1.00 23.44 ? 130 VAL A CB  1 
ATOM   18   C  CG1 . VAL A 1 4   ? 11.469  4.416   -0.217  1.00 23.79 ? 130 VAL A CG1 1 
ATOM   19   C  CG2 . VAL A 1 4   ? 13.713  5.191   -1.019  1.00 21.59 ? 130 VAL A CG2 1 
ATOM   20   N  N   . ASP A 1 5   ? 11.864  3.361   2.871   1.00 18.89 ? 131 ASP A N   1 
ATOM   21   C  CA  . ASP A 1 5   ? 11.072  2.411   3.627   1.00 18.31 ? 131 ASP A CA  1 
ATOM   22   C  C   . ASP A 1 5   ? 9.679   2.495   3.036   1.00 16.03 ? 131 ASP A C   1 
ATOM   23   O  O   . ASP A 1 5   ? 8.966   3.481   3.236   1.00 14.84 ? 131 ASP A O   1 
ATOM   24   C  CB  . ASP A 1 5   ? 11.070  2.775   5.112   1.00 20.83 ? 131 ASP A CB  1 
ATOM   25   C  CG  . ASP A 1 5   ? 12.387  2.435   5.796   1.00 25.86 ? 131 ASP A CG  1 
ATOM   26   O  OD1 . ASP A 1 5   ? 13.220  1.734   5.186   1.00 25.77 ? 131 ASP A OD1 1 
ATOM   27   O  OD2 . ASP A 1 5   ? 12.591  2.867   6.951   1.00 26.28 ? 131 ASP A OD2 1 
ATOM   28   N  N   . LEU A 1 6   ? 9.324   1.474   2.265   1.00 12.45 ? 132 LEU A N   1 
ATOM   29   C  CA  . LEU A 1 6   ? 8.037   1.425   1.586   1.00 12.07 ? 132 LEU A CA  1 
ATOM   30   C  C   . LEU A 1 6   ? 7.095   0.389   2.189   1.00 11.09 ? 132 LEU A C   1 
ATOM   31   O  O   . LEU A 1 6   ? 7.467   -0.770  2.372   1.00 9.10  ? 132 LEU A O   1 
ATOM   32   C  CB  . LEU A 1 6   ? 8.265   1.132   0.098   1.00 11.83 ? 132 LEU A CB  1 
ATOM   33   C  CG  . LEU A 1 6   ? 7.104   1.177   -0.898  1.00 14.79 ? 132 LEU A CG  1 
ATOM   34   C  CD1 . LEU A 1 6   ? 7.667   1.373   -2.286  1.00 16.75 ? 132 LEU A CD1 1 
ATOM   35   C  CD2 . LEU A 1 6   ? 6.262   -0.095  -0.833  1.00 14.86 ? 132 LEU A CD2 1 
ATOM   36   N  N   . VAL A 1 7   ? 5.876   0.817   2.496   1.00 10.20 ? 133 VAL A N   1 
ATOM   37   C  CA  . VAL A 1 7   ? 4.875   -0.079  3.062   1.00 11.98 ? 133 VAL A CA  1 
ATOM   38   C  C   . VAL A 1 7   ? 3.730   -0.268  2.081   1.00 10.46 ? 133 VAL A C   1 
ATOM   39   O  O   . VAL A 1 7   ? 3.267   0.696   1.473   1.00 12.11 ? 133 VAL A O   1 
ATOM   40   C  CB  . VAL A 1 7   ? 4.259   0.484   4.368   1.00 11.37 ? 133 VAL A CB  1 
ATOM   41   C  CG1 . VAL A 1 7   ? 3.285   -0.526  4.969   1.00 13.60 ? 133 VAL A CG1 1 
ATOM   42   C  CG2 . VAL A 1 7   ? 5.340   0.821   5.363   1.00 16.31 ? 133 VAL A CG2 1 
ATOM   43   N  N   . PHE A 1 8   ? 3.326   -1.517  1.888   1.00 9.59  ? 134 PHE A N   1 
ATOM   44   C  CA  . PHE A 1 8   ? 2.191   -1.824  1.033   1.00 10.61 ? 134 PHE A CA  1 
ATOM   45   C  C   . PHE A 1 8   ? 0.986   -1.913  1.970   1.00 9.12  ? 134 PHE A C   1 
ATOM   46   O  O   . PHE A 1 8   ? 0.999   -2.678  2.942   1.00 11.31 ? 134 PHE A O   1 
ATOM   47   C  CB  . PHE A 1 8   ? 2.356   -3.177  0.330   1.00 9.14  ? 134 PHE A CB  1 
ATOM   48   C  CG  . PHE A 1 8   ? 3.411   -3.198  -0.725  1.00 10.17 ? 134 PHE A CG  1 
ATOM   49   C  CD1 . PHE A 1 8   ? 3.188   -2.601  -1.958  1.00 9.16  ? 134 PHE A CD1 1 
ATOM   50   C  CD2 . PHE A 1 8   ? 4.611   -3.860  -0.507  1.00 12.43 ? 134 PHE A CD2 1 
ATOM   51   C  CE1 . PHE A 1 8   ? 4.147   -2.666  -2.969  1.00 12.84 ? 134 PHE A CE1 1 
ATOM   52   C  CE2 . PHE A 1 8   ? 5.579   -3.931  -1.512  1.00 13.87 ? 134 PHE A CE2 1 
ATOM   53   C  CZ  . PHE A 1 8   ? 5.342   -3.330  -2.746  1.00 12.54 ? 134 PHE A CZ  1 
ATOM   54   N  N   . LEU A 1 9   ? -0.026  -1.099  1.713   1.00 10.40 ? 135 LEU A N   1 
ATOM   55   C  CA  . LEU A 1 9   ? -1.240  -1.105  2.521   1.00 9.57  ? 135 LEU A CA  1 
ATOM   56   C  C   . LEU A 1 9   ? -2.336  -1.595  1.570   1.00 12.03 ? 135 LEU A C   1 
ATOM   57   O  O   . LEU A 1 9   ? -2.819  -0.836  0.721   1.00 10.32 ? 135 LEU A O   1 
ATOM   58   C  CB  . LEU A 1 9   ? -1.535  0.311   3.054   1.00 8.17  ? 135 LEU A CB  1 
ATOM   59   C  CG  . LEU A 1 9   ? -2.785  0.521   3.932   1.00 9.18  ? 135 LEU A CG  1 
ATOM   60   C  CD1 . LEU A 1 9   ? -2.803  -0.493  5.033   1.00 6.36  ? 135 LEU A CD1 1 
ATOM   61   C  CD2 . LEU A 1 9   ? -2.819  1.946   4.527   1.00 4.25  ? 135 LEU A CD2 1 
ATOM   62   N  N   . PHE A 1 10  ? -2.696  -2.876  1.693   1.00 11.45 ? 136 PHE A N   1 
ATOM   63   C  CA  . PHE A 1 10  ? -3.657  -3.487  0.774   1.00 9.53  ? 136 PHE A CA  1 
ATOM   64   C  C   . PHE A 1 10  ? -5.028  -3.805  1.361   1.00 10.90 ? 136 PHE A C   1 
ATOM   65   O  O   . PHE A 1 10  ? -5.160  -4.333  2.473   1.00 6.67  ? 136 PHE A O   1 
ATOM   66   C  CB  . PHE A 1 10  ? -3.081  -4.721  0.035   1.00 11.57 ? 136 PHE A CB  1 
ATOM   67   C  CG  . PHE A 1 10  ? -2.653  -5.860  0.941   1.00 11.24 ? 136 PHE A CG  1 
ATOM   68   C  CD1 . PHE A 1 10  ? -1.532  -5.740  1.758   1.00 12.64 ? 136 PHE A CD1 1 
ATOM   69   C  CD2 . PHE A 1 10  ? -3.343  -7.073  0.928   1.00 12.48 ? 136 PHE A CD2 1 
ATOM   70   C  CE1 . PHE A 1 10  ? -1.100  -6.805  2.544   1.00 9.71  ? 136 PHE A CE1 1 
ATOM   71   C  CE2 . PHE A 1 10  ? -2.921  -8.148  1.708   1.00 11.31 ? 136 PHE A CE2 1 
ATOM   72   C  CZ  . PHE A 1 10  ? -1.798  -8.017  2.517   1.00 12.55 ? 136 PHE A CZ  1 
ATOM   73   N  N   . ASP A 1 11  ? -6.036  -3.476  0.560   1.00 9.38  ? 137 ASP A N   1 
ATOM   74   C  CA  . ASP A 1 11  ? -7.440  -3.669  0.869   1.00 9.96  ? 137 ASP A CA  1 
ATOM   75   C  C   . ASP A 1 11  ? -7.754  -5.169  0.925   1.00 10.99 ? 137 ASP A C   1 
ATOM   76   O  O   . ASP A 1 11  ? -7.482  -5.903  -0.024  1.00 10.52 ? 137 ASP A O   1 
ATOM   77   C  CB  . ASP A 1 11  ? -8.261  -3.000  -0.240  1.00 11.52 ? 137 ASP A CB  1 
ATOM   78   C  CG  . ASP A 1 11  ? -9.748  -2.910  0.070   1.00 14.60 ? 137 ASP A CG  1 
ATOM   79   O  OD1 . ASP A 1 11  ? -10.305 -3.800  0.751   1.00 14.65 ? 137 ASP A OD1 1 
ATOM   80   O  OD2 . ASP A 1 11  ? -10.369 -1.942  -0.413  1.00 13.21 ? 137 ASP A OD2 1 
ATOM   81   N  N   . GLY A 1 12  ? -8.314  -5.609  2.050   1.00 11.57 ? 138 GLY A N   1 
ATOM   82   C  CA  . GLY A 1 12  ? -8.686  -7.004  2.209   1.00 12.05 ? 138 GLY A CA  1 
ATOM   83   C  C   . GLY A 1 12  ? -10.153 -7.122  2.586   1.00 12.89 ? 138 GLY A C   1 
ATOM   84   O  O   . GLY A 1 12  ? -10.568 -8.084  3.230   1.00 12.29 ? 138 GLY A O   1 
ATOM   85   N  N   . SER A 1 13  ? -10.953 -6.154  2.159   1.00 12.63 ? 139 SER A N   1 
ATOM   86   C  CA  . SER A 1 13  ? -12.372 -6.158  2.488   1.00 12.26 ? 139 SER A CA  1 
ATOM   87   C  C   . SER A 1 13  ? -13.198 -7.176  1.703   1.00 11.89 ? 139 SER A C   1 
ATOM   88   O  O   . SER A 1 13  ? -12.721 -7.788  0.740   1.00 10.74 ? 139 SER A O   1 
ATOM   89   C  CB  . SER A 1 13  ? -12.965 -4.752  2.336   1.00 11.72 ? 139 SER A CB  1 
ATOM   90   O  OG  . SER A 1 13  ? -13.027 -4.348  0.980   1.00 13.66 ? 139 SER A OG  1 
ATOM   91   N  N   . MET A 1 14  ? -14.436 -7.358  2.147   1.00 11.06 ? 140 MET A N   1 
ATOM   92   C  CA  . MET A 1 14  ? -15.374 -8.292  1.532   1.00 13.32 ? 140 MET A CA  1 
ATOM   93   C  C   . MET A 1 14  ? -15.719 -7.919  0.089   1.00 13.06 ? 140 MET A C   1 
ATOM   94   O  O   . MET A 1 14  ? -16.086 -8.785  -0.708  1.00 11.14 ? 140 MET A O   1 
ATOM   95   C  CB  . MET A 1 14  ? -16.648 -8.379  2.381   1.00 15.38 ? 140 MET A CB  1 
ATOM   96   C  CG  . MET A 1 14  ? -17.736 -9.280  1.814   1.00 22.62 ? 140 MET A CG  1 
ATOM   97   S  SD  . MET A 1 14  ? -17.269 -11.019 1.795   1.00 28.63 ? 140 MET A SD  1 
ATOM   98   C  CE  . MET A 1 14  ? -18.015 -11.559 3.321   1.00 30.46 ? 140 MET A CE  1 
ATOM   99   N  N   . SER A 1 15  ? -15.577 -6.639  -0.257  1.00 13.46 ? 141 SER A N   1 
ATOM   100  C  CA  . SER A 1 15  ? -15.879 -6.196  -1.615  1.00 13.16 ? 141 SER A CA  1 
ATOM   101  C  C   . SER A 1 15  ? -14.894 -6.751  -2.652  1.00 16.15 ? 141 SER A C   1 
ATOM   102  O  O   . SER A 1 15  ? -15.173 -6.718  -3.853  1.00 14.80 ? 141 SER A O   1 
ATOM   103  C  CB  . SER A 1 15  ? -15.944 -4.664  -1.699  1.00 13.81 ? 141 SER A CB  1 
ATOM   104  O  OG  . SER A 1 15  ? -14.686 -4.060  -1.452  1.00 9.58  ? 141 SER A OG  1 
ATOM   105  N  N   . LEU A 1 16  ? -13.746 -7.252  -2.199  1.00 14.47 ? 142 LEU A N   1 
ATOM   106  C  CA  . LEU A 1 16  ? -12.764 -7.812  -3.127  1.00 16.84 ? 142 LEU A CA  1 
ATOM   107  C  C   . LEU A 1 16  ? -13.054 -9.256  -3.499  1.00 16.51 ? 142 LEU A C   1 
ATOM   108  O  O   . LEU A 1 16  ? -13.100 -10.139 -2.636  1.00 16.24 ? 142 LEU A O   1 
ATOM   109  C  CB  . LEU A 1 16  ? -11.337 -7.729  -2.573  1.00 17.99 ? 142 LEU A CB  1 
ATOM   110  C  CG  . LEU A 1 16  ? -10.563 -6.411  -2.613  1.00 19.68 ? 142 LEU A CG  1 
ATOM   111  C  CD1 . LEU A 1 16  ? -10.384 -5.937  -4.052  1.00 22.45 ? 142 LEU A CD1 1 
ATOM   112  C  CD2 . LEU A 1 16  ? -11.288 -5.376  -1.782  1.00 20.91 ? 142 LEU A CD2 1 
ATOM   113  N  N   . GLN A 1 17  ? -13.251 -9.494  -4.791  1.00 17.59 ? 143 GLN A N   1 
ATOM   114  C  CA  . GLN A 1 17  ? -13.492 -10.847 -5.280  1.00 17.43 ? 143 GLN A CA  1 
ATOM   115  C  C   . GLN A 1 17  ? -12.157 -11.581 -5.204  1.00 17.41 ? 143 GLN A C   1 
ATOM   116  O  O   . GLN A 1 17  ? -11.096 -10.958 -5.328  1.00 15.18 ? 143 GLN A O   1 
ATOM   117  C  CB  . GLN A 1 17  ? -14.044 -10.803 -6.704  1.00 18.20 ? 143 GLN A CB  1 
ATOM   118  C  CG  . GLN A 1 17  ? -15.411 -10.134 -6.766  1.00 22.94 ? 143 GLN A CG  1 
ATOM   119  C  CD  . GLN A 1 17  ? -15.978 -10.050 -8.169  1.00 24.60 ? 143 GLN A CD  1 
ATOM   120  O  OE1 . GLN A 1 17  ? -15.243 -10.043 -9.153  1.00 24.87 ? 143 GLN A OE1 1 
ATOM   121  N  NE2 . GLN A 1 17  ? -17.301 -9.975  -8.263  1.00 24.98 ? 143 GLN A NE2 1 
ATOM   122  N  N   . PRO A 1 18  ? -12.188 -12.911 -4.977  1.00 17.48 ? 144 PRO A N   1 
ATOM   123  C  CA  . PRO A 1 18  ? -10.965 -13.718 -4.871  1.00 16.82 ? 144 PRO A CA  1 
ATOM   124  C  C   . PRO A 1 18  ? -9.884  -13.459 -5.910  1.00 17.62 ? 144 PRO A C   1 
ATOM   125  O  O   . PRO A 1 18  ? -8.709  -13.327 -5.554  1.00 16.09 ? 144 PRO A O   1 
ATOM   126  C  CB  . PRO A 1 18  ? -11.487 -15.158 -4.908  1.00 16.73 ? 144 PRO A CB  1 
ATOM   127  C  CG  . PRO A 1 18  ? -12.871 -15.040 -5.484  1.00 20.03 ? 144 PRO A CG  1 
ATOM   128  C  CD  . PRO A 1 18  ? -13.380 -13.769 -4.900  1.00 17.51 ? 144 PRO A CD  1 
ATOM   129  N  N   . ASP A 1 19  ? -10.272 -13.381 -7.182  1.00 15.34 ? 145 ASP A N   1 
ATOM   130  C  CA  . ASP A 1 19  ? -9.312  -13.130 -8.253  1.00 16.11 ? 145 ASP A CA  1 
ATOM   131  C  C   . ASP A 1 19  ? -8.661  -11.750 -8.092  1.00 15.87 ? 145 ASP A C   1 
ATOM   132  O  O   . ASP A 1 19  ? -7.454  -11.604 -8.279  1.00 14.11 ? 145 ASP A O   1 
ATOM   133  C  CB  . ASP A 1 19  ? -9.989  -13.275 -9.621  0.50 17.85 ? 145 ASP A CB  1 
ATOM   134  C  CG  . ASP A 1 19  ? -10.486 -14.699 -9.878  0.50 22.38 ? 145 ASP A CG  1 
ATOM   135  O  OD1 . ASP A 1 19  ? -9.809  -15.658 -9.447  0.50 22.64 ? 145 ASP A OD1 1 
ATOM   136  O  OD2 . ASP A 1 19  ? -11.554 -14.864 -10.510 0.50 23.82 ? 145 ASP A OD2 1 
ATOM   137  N  N   . GLU A 1 20  ? -9.454  -10.758 -7.698  1.00 16.43 ? 146 GLU A N   1 
ATOM   138  C  CA  . GLU A 1 20  ? -8.953  -9.400  -7.482  1.00 15.95 ? 146 GLU A CA  1 
ATOM   139  C  C   . GLU A 1 20  ? -7.962  -9.349  -6.314  1.00 15.23 ? 146 GLU A C   1 
ATOM   140  O  O   . GLU A 1 20  ? -6.912  -8.711  -6.410  1.00 14.60 ? 146 GLU A O   1 
ATOM   141  C  CB  . GLU A 1 20  ? -10.116 -8.441  -7.233  0.50 16.33 ? 146 GLU A CB  1 
ATOM   142  C  CG  . GLU A 1 20  ? -11.003 -8.234  -8.447  0.50 20.64 ? 146 GLU A CG  1 
ATOM   143  C  CD  . GLU A 1 20  ? -10.279 -7.544  -9.587  0.50 22.61 ? 146 GLU A CD  1 
ATOM   144  O  OE1 . GLU A 1 20  ? -9.985  -8.214  -10.599 0.50 26.33 ? 146 GLU A OE1 1 
ATOM   145  O  OE2 . GLU A 1 20  ? -10.004 -6.329  -9.470  0.50 25.55 ? 146 GLU A OE2 1 
ATOM   146  N  N   . PHE A 1 21  ? -8.287  -10.029 -5.217  1.00 14.80 ? 147 PHE A N   1 
ATOM   147  C  CA  . PHE A 1 21  ? -7.392  -10.053 -4.057  1.00 16.48 ? 147 PHE A CA  1 
ATOM   148  C  C   . PHE A 1 21  ? -6.071  -10.697 -4.478  1.00 16.05 ? 147 PHE A C   1 
ATOM   149  O  O   . PHE A 1 21  ? -4.994  -10.232 -4.111  1.00 16.06 ? 147 PHE A O   1 
ATOM   150  C  CB  . PHE A 1 21  ? -8.015  -10.830 -2.895  1.00 12.10 ? 147 PHE A CB  1 
ATOM   151  C  CG  . PHE A 1 21  ? -7.189  -10.800 -1.636  1.00 12.82 ? 147 PHE A CG  1 
ATOM   152  C  CD1 . PHE A 1 21  ? -7.128  -9.646  -0.855  1.00 12.44 ? 147 PHE A CD1 1 
ATOM   153  C  CD2 . PHE A 1 21  ? -6.466  -11.916 -1.236  1.00 11.70 ? 147 PHE A CD2 1 
ATOM   154  C  CE1 . PHE A 1 21  ? -6.352  -9.605  0.310   1.00 11.02 ? 147 PHE A CE1 1 
ATOM   155  C  CE2 . PHE A 1 21  ? -5.686  -11.890 -0.075  1.00 11.25 ? 147 PHE A CE2 1 
ATOM   156  C  CZ  . PHE A 1 21  ? -5.628  -10.734 0.697   1.00 9.80  ? 147 PHE A CZ  1 
ATOM   157  N  N   . GLN A 1 22  ? -6.166  -11.753 -5.279  1.00 16.94 ? 148 GLN A N   1 
ATOM   158  C  CA  . GLN A 1 22  ? -4.988  -12.448 -5.776  1.00 18.03 ? 148 GLN A CA  1 
ATOM   159  C  C   . GLN A 1 22  ? -4.137  -11.515 -6.639  1.00 17.82 ? 148 GLN A C   1 
ATOM   160  O  O   . GLN A 1 22  ? -2.903  -11.559 -6.569  1.00 15.17 ? 148 GLN A O   1 
ATOM   161  C  CB  . GLN A 1 22  ? -5.395  -13.687 -6.577  1.00 22.95 ? 148 GLN A CB  1 
ATOM   162  C  CG  . GLN A 1 22  ? -4.223  -14.566 -6.967  1.00 26.41 ? 148 GLN A CG  1 
ATOM   163  C  CD  . GLN A 1 22  ? -3.442  -15.049 -5.754  1.00 29.43 ? 148 GLN A CD  1 
ATOM   164  O  OE1 . GLN A 1 22  ? -4.023  -15.498 -4.760  1.00 27.40 ? 148 GLN A OE1 1 
ATOM   165  N  NE2 . GLN A 1 22  ? -2.116  -14.950 -5.826  1.00 29.73 ? 148 GLN A NE2 1 
ATOM   166  N  N   . LYS A 1 23  ? -4.798  -10.674 -7.440  1.00 13.50 ? 149 LYS A N   1 
ATOM   167  C  CA  . LYS A 1 23  ? -4.094  -9.711  -8.287  1.00 16.75 ? 149 LYS A CA  1 
ATOM   168  C  C   . LYS A 1 23  ? -3.275  -8.742  -7.439  1.00 14.73 ? 149 LYS A C   1 
ATOM   169  O  O   . LYS A 1 23  ? -2.193  -8.321  -7.837  1.00 14.92 ? 149 LYS A O   1 
ATOM   170  C  CB  . LYS A 1 23  ? -5.070  -8.909  -9.150  1.00 17.73 ? 149 LYS A CB  1 
ATOM   171  C  CG  . LYS A 1 23  ? -5.606  -9.646  -10.358 1.00 24.88 ? 149 LYS A CG  1 
ATOM   172  C  CD  . LYS A 1 23  ? -6.481  -8.733  -11.210 1.00 30.76 ? 149 LYS A CD  1 
ATOM   173  C  CE  . LYS A 1 23  ? -7.022  -9.456  -12.440 1.00 35.85 ? 149 LYS A CE  1 
ATOM   174  N  NZ  . LYS A 1 23  ? -7.914  -10.600 -12.073 1.00 39.97 ? 149 LYS A NZ  1 
ATOM   175  N  N   . ILE A 1 24  ? -3.807  -8.388  -6.272  1.00 14.10 ? 150 ILE A N   1 
ATOM   176  C  CA  . ILE A 1 24  ? -3.121  -7.478  -5.364  1.00 12.44 ? 150 ILE A CA  1 
ATOM   177  C  C   . ILE A 1 24  ? -1.842  -8.106  -4.833  1.00 12.37 ? 150 ILE A C   1 
ATOM   178  O  O   . ILE A 1 24  ? -0.787  -7.457  -4.798  1.00 13.89 ? 150 ILE A O   1 
ATOM   179  C  CB  . ILE A 1 24  ? -4.018  -7.083  -4.179  1.00 12.59 ? 150 ILE A CB  1 
ATOM   180  C  CG1 . ILE A 1 24  ? -5.194  -6.240  -4.680  1.00 12.15 ? 150 ILE A CG1 1 
ATOM   181  C  CG2 . ILE A 1 24  ? -3.205  -6.310  -3.136  1.00 10.61 ? 150 ILE A CG2 1 
ATOM   182  C  CD1 . ILE A 1 24  ? -6.188  -5.881  -3.589  1.00 14.66 ? 150 ILE A CD1 1 
ATOM   183  N  N   . LEU A 1 25  ? -1.938  -9.361  -4.409  1.00 11.37 ? 151 LEU A N   1 
ATOM   184  C  CA  . LEU A 1 25  ? -0.783  -10.083 -3.892  1.00 15.27 ? 151 LEU A CA  1 
ATOM   185  C  C   . LEU A 1 25  ? 0.283   -10.171 -4.980  1.00 16.08 ? 151 LEU A C   1 
ATOM   186  O  O   . LEU A 1 25  ? 1.452   -9.909  -4.718  1.00 18.40 ? 151 LEU A O   1 
ATOM   187  C  CB  . LEU A 1 25  ? -1.179  -11.483 -3.425  1.00 14.41 ? 151 LEU A CB  1 
ATOM   188  C  CG  . LEU A 1 25  ? -2.155  -11.575 -2.252  1.00 19.19 ? 151 LEU A CG  1 
ATOM   189  C  CD1 . LEU A 1 25  ? -2.534  -13.039 -2.003  1.00 20.19 ? 151 LEU A CD1 1 
ATOM   190  C  CD2 . LEU A 1 25  ? -1.522  -10.966 -1.013  1.00 17.15 ? 151 LEU A CD2 1 
ATOM   191  N  N   . ASP A 1 26  ? -0.133  -10.505 -6.202  1.00 17.77 ? 152 ASP A N   1 
ATOM   192  C  CA  . ASP A 1 26  ? 0.791   -10.603 -7.339  1.00 20.36 ? 152 ASP A CA  1 
ATOM   193  C  C   . ASP A 1 26  ? 1.504   -9.276  -7.604  1.00 17.57 ? 152 ASP A C   1 
ATOM   194  O  O   . ASP A 1 26  ? 2.712   -9.249  -7.824  1.00 19.77 ? 152 ASP A O   1 
ATOM   195  C  CB  . ASP A 1 26  ? 0.051   -11.047 -8.609  1.00 24.46 ? 152 ASP A CB  1 
ATOM   196  C  CG  . ASP A 1 26  ? -0.425  -12.492 -8.542  1.00 30.63 ? 152 ASP A CG  1 
ATOM   197  O  OD1 . ASP A 1 26  ? 0.150   -13.283 -7.756  1.00 32.75 ? 152 ASP A OD1 1 
ATOM   198  O  OD2 . ASP A 1 26  ? -1.373  -12.836 -9.284  1.00 32.77 ? 152 ASP A OD2 1 
ATOM   199  N  N   . PHE A 1 27  ? 0.749   -8.180  -7.564  1.00 16.61 ? 153 PHE A N   1 
ATOM   200  C  CA  . PHE A 1 27  ? 1.294   -6.840  -7.790  1.00 14.92 ? 153 PHE A CA  1 
ATOM   201  C  C   . PHE A 1 27  ? 2.377   -6.505  -6.761  1.00 15.41 ? 153 PHE A C   1 
ATOM   202  O  O   . PHE A 1 27  ? 3.428   -5.968  -7.117  1.00 14.00 ? 153 PHE A O   1 
ATOM   203  C  CB  . PHE A 1 27  ? 0.169   -5.801  -7.744  1.00 16.32 ? 153 PHE A CB  1 
ATOM   204  C  CG  . PHE A 1 27  ? 0.648   -4.379  -7.642  1.00 19.11 ? 153 PHE A CG  1 
ATOM   205  C  CD1 . PHE A 1 27  ? 1.038   -3.677  -8.775  1.00 21.60 ? 153 PHE A CD1 1 
ATOM   206  C  CD2 . PHE A 1 27  ? 0.702   -3.740  -6.405  1.00 22.63 ? 153 PHE A CD2 1 
ATOM   207  C  CE1 . PHE A 1 27  ? 1.476   -2.355  -8.678  1.00 21.79 ? 153 PHE A CE1 1 
ATOM   208  C  CE2 . PHE A 1 27  ? 1.139   -2.422  -6.297  1.00 22.10 ? 153 PHE A CE2 1 
ATOM   209  C  CZ  . PHE A 1 27  ? 1.526   -1.729  -7.438  1.00 23.33 ? 153 PHE A CZ  1 
ATOM   210  N  N   . MET A 1 28  ? 2.120   -6.832  -5.494  1.00 14.43 ? 154 MET A N   1 
ATOM   211  C  CA  . MET A 1 28  ? 3.086   -6.572  -4.433  1.00 15.75 ? 154 MET A CA  1 
ATOM   212  C  C   . MET A 1 28  ? 4.366   -7.372  -4.661  1.00 16.31 ? 154 MET A C   1 
ATOM   213  O  O   . MET A 1 28  ? 5.468   -6.852  -4.479  1.00 15.38 ? 154 MET A O   1 
ATOM   214  C  CB  . MET A 1 28  ? 2.498   -6.892  -3.053  1.00 15.97 ? 154 MET A CB  1 
ATOM   215  C  CG  . MET A 1 28  ? 1.419   -5.911  -2.581  1.00 14.97 ? 154 MET A CG  1 
ATOM   216  S  SD  . MET A 1 28  ? 0.891   -6.192  -0.860  1.00 20.04 ? 154 MET A SD  1 
ATOM   217  C  CE  . MET A 1 28  ? 0.026   -7.745  -1.023  1.00 15.59 ? 154 MET A CE  1 
ATOM   218  N  N   . LYS A 1 29  ? 4.213   -8.634  -5.068  1.00 16.95 ? 155 LYS A N   1 
ATOM   219  C  CA  . LYS A 1 29  ? 5.360   -9.498  -5.316  1.00 18.67 ? 155 LYS A CA  1 
ATOM   220  C  C   . LYS A 1 29  ? 6.171   -8.954  -6.478  1.00 18.44 ? 155 LYS A C   1 
ATOM   221  O  O   . LYS A 1 29  ? 7.395   -8.902  -6.412  1.00 17.93 ? 155 LYS A O   1 
ATOM   222  C  CB  . LYS A 1 29  ? 4.926   -10.937 -5.614  1.00 18.48 ? 155 LYS A CB  1 
ATOM   223  C  CG  . LYS A 1 29  ? 4.412   -11.699 -4.406  1.00 20.93 ? 155 LYS A CG  1 
ATOM   224  C  CD  . LYS A 1 29  ? 3.943   -13.095 -4.797  1.00 23.81 ? 155 LYS A CD  1 
ATOM   225  C  CE  . LYS A 1 29  ? 3.348   -13.830 -3.602  1.00 26.73 ? 155 LYS A CE  1 
ATOM   226  N  NZ  . LYS A 1 29  ? 2.877   -15.205 -3.964  1.00 29.68 ? 155 LYS A NZ  1 
ATOM   227  N  N   . ASP A 1 30  ? 5.474   -8.519  -7.522  1.00 21.07 ? 156 ASP A N   1 
ATOM   228  C  CA  . ASP A 1 30  ? 6.127   -7.966  -8.700  1.00 23.99 ? 156 ASP A CA  1 
ATOM   229  C  C   . ASP A 1 30  ? 6.918   -6.698  -8.347  1.00 22.30 ? 156 ASP A C   1 
ATOM   230  O  O   . ASP A 1 30  ? 8.074   -6.559  -8.741  1.00 22.89 ? 156 ASP A O   1 
ATOM   231  C  CB  . ASP A 1 30  ? 5.089   -7.671  -9.787  1.00 28.19 ? 156 ASP A CB  1 
ATOM   232  C  CG  . ASP A 1 30  ? 5.709   -7.096  -11.048 1.00 34.54 ? 156 ASP A CG  1 
ATOM   233  O  OD1 . ASP A 1 30  ? 6.696   -7.678  -11.552 1.00 38.36 ? 156 ASP A OD1 1 
ATOM   234  O  OD2 . ASP A 1 30  ? 5.212   -6.058  -11.536 1.00 39.01 ? 156 ASP A OD2 1 
ATOM   235  N  N   . VAL A 1 31  ? 6.308   -5.796  -7.580  1.00 19.44 ? 157 VAL A N   1 
ATOM   236  C  CA  . VAL A 1 31  ? 6.978   -4.555  -7.188  1.00 21.23 ? 157 VAL A CA  1 
ATOM   237  C  C   . VAL A 1 31  ? 8.236   -4.819  -6.355  1.00 21.37 ? 157 VAL A C   1 
ATOM   238  O  O   . VAL A 1 31  ? 9.250   -4.129  -6.519  1.00 21.17 ? 157 VAL A O   1 
ATOM   239  C  CB  . VAL A 1 31  ? 6.023   -3.594  -6.424  1.00 20.64 ? 157 VAL A CB  1 
ATOM   240  C  CG1 . VAL A 1 31  ? 6.781   -2.352  -5.939  1.00 20.46 ? 157 VAL A CG1 1 
ATOM   241  C  CG2 . VAL A 1 31  ? 4.886   -3.162  -7.336  1.00 19.46 ? 157 VAL A CG2 1 
ATOM   242  N  N   . MET A 1 32  ? 8.180   -5.837  -5.496  1.00 20.93 ? 158 MET A N   1 
ATOM   243  C  CA  . MET A 1 32  ? 9.324   -6.190  -4.657  1.00 23.24 ? 158 MET A CA  1 
ATOM   244  C  C   . MET A 1 32  ? 10.464  -6.817  -5.460  1.00 24.81 ? 158 MET A C   1 
ATOM   245  O  O   . MET A 1 32  ? 11.631  -6.501  -5.227  1.00 24.27 ? 158 MET A O   1 
ATOM   246  C  CB  . MET A 1 32  ? 8.918   -7.129  -3.511  1.00 21.22 ? 158 MET A CB  1 
ATOM   247  C  CG  . MET A 1 32  ? 8.050   -6.476  -2.446  1.00 23.24 ? 158 MET A CG  1 
ATOM   248  S  SD  . MET A 1 32  ? 7.852   -7.506  -0.969  1.00 23.33 ? 158 MET A SD  1 
ATOM   249  C  CE  . MET A 1 32  ? 6.517   -8.520  -1.441  1.00 21.48 ? 158 MET A CE  1 
ATOM   250  N  N   . LYS A 1 33  ? 10.136  -7.705  -6.397  1.00 26.55 ? 159 LYS A N   1 
ATOM   251  C  CA  . LYS A 1 33  ? 11.182  -8.333  -7.190  1.00 29.61 ? 159 LYS A CA  1 
ATOM   252  C  C   . LYS A 1 33  ? 11.865  -7.300  -8.083  1.00 30.95 ? 159 LYS A C   1 
ATOM   253  O  O   . LYS A 1 33  ? 13.070  -7.383  -8.323  1.00 31.90 ? 159 LYS A O   1 
ATOM   254  C  CB  . LYS A 1 33  ? 10.664  -9.537  -7.994  0.50 29.67 ? 159 LYS A CB  1 
ATOM   255  C  CG  . LYS A 1 33  ? 9.740   -9.238  -9.168  0.50 31.89 ? 159 LYS A CG  1 
ATOM   256  C  CD  . LYS A 1 33  ? 9.567   -10.502 -10.017 0.50 33.33 ? 159 LYS A CD  1 
ATOM   257  C  CE  . LYS A 1 33  ? 8.708   -10.280 -11.262 0.50 33.22 ? 159 LYS A CE  1 
ATOM   258  N  NZ  . LYS A 1 33  ? 7.243   -10.396 -11.012 0.50 32.59 ? 159 LYS A NZ  1 
ATOM   259  N  N   . LYS A 1 34  ? 11.107  -6.288  -8.507  1.00 31.94 ? 160 LYS A N   1 
ATOM   260  C  CA  . LYS A 1 34  ? 11.650  -5.223  -9.348  1.00 32.70 ? 160 LYS A CA  1 
ATOM   261  C  C   . LYS A 1 34  ? 12.602  -4.326  -8.563  1.00 32.15 ? 160 LYS A C   1 
ATOM   262  O  O   . LYS A 1 34  ? 13.485  -3.691  -9.142  1.00 32.31 ? 160 LYS A O   1 
ATOM   263  C  CB  . LYS A 1 34  ? 10.530  -4.375  -9.954  1.00 34.97 ? 160 LYS A CB  1 
ATOM   264  C  CG  . LYS A 1 34  ? 9.806   -5.029  -11.120 1.00 38.78 ? 160 LYS A CG  1 
ATOM   265  C  CD  . LYS A 1 34  ? 8.735   -4.109  -11.700 1.00 41.65 ? 160 LYS A CD  1 
ATOM   266  C  CE  . LYS A 1 34  ? 8.102   -4.727  -12.943 1.00 43.48 ? 160 LYS A CE  1 
ATOM   267  N  NZ  . LYS A 1 34  ? 6.994   -3.897  -13.494 1.00 45.01 ? 160 LYS A NZ  1 
ATOM   268  N  N   . LEU A 1 35  ? 12.425  -4.288  -7.245  1.00 29.92 ? 161 LEU A N   1 
ATOM   269  C  CA  . LEU A 1 35  ? 13.266  -3.471  -6.381  1.00 29.96 ? 161 LEU A CA  1 
ATOM   270  C  C   . LEU A 1 35  ? 14.122  -4.310  -5.435  1.00 30.68 ? 161 LEU A C   1 
ATOM   271  O  O   . LEU A 1 35  ? 14.442  -3.873  -4.331  1.00 30.79 ? 161 LEU A O   1 
ATOM   272  C  CB  . LEU A 1 35  ? 12.403  -2.492  -5.579  1.00 27.87 ? 161 LEU A CB  1 
ATOM   273  C  CG  . LEU A 1 35  ? 11.720  -1.374  -6.369  1.00 27.79 ? 161 LEU A CG  1 
ATOM   274  C  CD1 . LEU A 1 35  ? 10.742  -0.619  -5.483  1.00 27.57 ? 161 LEU A CD1 1 
ATOM   275  C  CD2 . LEU A 1 35  ? 12.772  -0.430  -6.923  1.00 27.97 ? 161 LEU A CD2 1 
ATOM   276  N  N   . SER A 1 36  ? 14.487  -5.518  -5.860  1.00 32.57 ? 162 SER A N   1 
ATOM   277  C  CA  . SER A 1 36  ? 15.313  -6.392  -5.029  1.00 34.99 ? 162 SER A CA  1 
ATOM   278  C  C   . SER A 1 36  ? 16.773  -5.933  -5.037  1.00 36.20 ? 162 SER A C   1 
ATOM   279  O  O   . SER A 1 36  ? 17.239  -5.328  -6.007  1.00 35.19 ? 162 SER A O   1 
ATOM   280  C  CB  . SER A 1 36  ? 15.219  -7.844  -5.504  1.00 35.42 ? 162 SER A CB  1 
ATOM   281  O  OG  . SER A 1 36  ? 15.842  -8.015  -6.766  1.00 40.29 ? 162 SER A OG  1 
ATOM   282  N  N   . ASN A 1 37  ? 17.479  -6.216  -3.941  1.00 37.32 ? 163 ASN A N   1 
ATOM   283  C  CA  . ASN A 1 37  ? 18.890  -5.849  -3.779  1.00 38.94 ? 163 ASN A CA  1 
ATOM   284  C  C   . ASN A 1 37  ? 19.164  -4.367  -4.065  1.00 37.86 ? 163 ASN A C   1 
ATOM   285  O  O   . ASN A 1 37  ? 20.053  -4.030  -4.851  1.00 37.90 ? 163 ASN A O   1 
ATOM   286  C  CB  . ASN A 1 37  ? 19.790  -6.731  -4.663  1.00 41.68 ? 163 ASN A CB  1 
ATOM   287  C  CG  . ASN A 1 37  ? 19.776  -8.199  -4.252  1.00 44.22 ? 163 ASN A CG  1 
ATOM   288  O  OD1 . ASN A 1 37  ? 20.156  -8.551  -3.133  1.00 47.55 ? 163 ASN A OD1 1 
ATOM   289  N  ND2 . ASN A 1 37  ? 19.356  -9.065  -5.170  1.00 44.72 ? 163 ASN A ND2 1 
ATOM   290  N  N   . THR A 1 38  ? 18.370  -3.491  -3.453  1.00 36.32 ? 164 THR A N   1 
ATOM   291  C  CA  . THR A 1 38  ? 18.523  -2.045  -3.617  1.00 32.88 ? 164 THR A CA  1 
ATOM   292  C  C   . THR A 1 38  ? 18.469  -1.397  -2.239  1.00 31.60 ? 164 THR A C   1 
ATOM   293  O  O   . THR A 1 38  ? 18.632  -2.077  -1.228  1.00 33.23 ? 164 THR A O   1 
ATOM   294  C  CB  . THR A 1 38  ? 17.410  -1.426  -4.518  1.00 32.92 ? 164 THR A CB  1 
ATOM   295  O  OG1 . THR A 1 38  ? 16.121  -1.622  -3.918  1.00 34.56 ? 164 THR A OG1 1 
ATOM   296  C  CG2 . THR A 1 38  ? 17.424  -2.047  -5.898  1.00 31.24 ? 164 THR A CG2 1 
ATOM   297  N  N   . SER A 1 39  ? 18.241  -0.087  -2.199  1.00 28.56 ? 165 SER A N   1 
ATOM   298  C  CA  . SER A 1 39  ? 18.159  0.638   -0.933  1.00 26.92 ? 165 SER A CA  1 
ATOM   299  C  C   . SER A 1 39  ? 16.722  0.657   -0.406  1.00 23.59 ? 165 SER A C   1 
ATOM   300  O  O   . SER A 1 39  ? 16.384  1.422   0.496   1.00 21.64 ? 165 SER A O   1 
ATOM   301  C  CB  . SER A 1 39  ? 18.691  2.067   -1.104  1.00 26.73 ? 165 SER A CB  1 
ATOM   302  O  OG  . SER A 1 39  ? 17.959  2.778   -2.087  1.00 28.80 ? 165 SER A OG  1 
ATOM   303  N  N   . TYR A 1 40  ? 15.879  -0.181  -1.000  1.00 22.24 ? 166 TYR A N   1 
ATOM   304  C  CA  . TYR A 1 40  ? 14.481  -0.283  -0.610  1.00 21.06 ? 166 TYR A CA  1 
ATOM   305  C  C   . TYR A 1 40  ? 14.266  -1.422  0.374   1.00 19.79 ? 166 TYR A C   1 
ATOM   306  O  O   . TYR A 1 40  ? 14.851  -2.494  0.235   1.00 17.80 ? 166 TYR A O   1 
ATOM   307  C  CB  . TYR A 1 40  ? 13.602  -0.541  -1.836  1.00 20.89 ? 166 TYR A CB  1 
ATOM   308  C  CG  . TYR A 1 40  ? 13.128  0.694   -2.556  1.00 20.98 ? 166 TYR A CG  1 
ATOM   309  C  CD1 . TYR A 1 40  ? 13.943  1.338   -3.488  1.00 21.13 ? 166 TYR A CD1 1 
ATOM   310  C  CD2 . TYR A 1 40  ? 11.854  1.212   -2.324  1.00 19.98 ? 166 TYR A CD2 1 
ATOM   311  C  CE1 . TYR A 1 40  ? 13.500  2.465   -4.171  1.00 22.30 ? 166 TYR A CE1 1 
ATOM   312  C  CE2 . TYR A 1 40  ? 11.399  2.338   -3.004  1.00 22.00 ? 166 TYR A CE2 1 
ATOM   313  C  CZ  . TYR A 1 40  ? 12.230  2.959   -3.924  1.00 22.98 ? 166 TYR A CZ  1 
ATOM   314  O  OH  . TYR A 1 40  ? 11.792  4.073   -4.595  1.00 27.71 ? 166 TYR A OH  1 
ATOM   315  N  N   . GLN A 1 41  ? 13.433  -1.166  1.376   1.00 20.70 ? 167 GLN A N   1 
ATOM   316  C  CA  . GLN A 1 41  ? 13.064  -2.169  2.371   1.00 19.31 ? 167 GLN A CA  1 
ATOM   317  C  C   . GLN A 1 41  ? 11.543  -2.096  2.444   1.00 17.98 ? 167 GLN A C   1 
ATOM   318  O  O   . GLN A 1 41  ? 10.957  -1.011  2.341   1.00 18.41 ? 167 GLN A O   1 
ATOM   319  C  CB  . GLN A 1 41  ? 13.753  -1.910  3.712   1.00 21.47 ? 167 GLN A CB  1 
ATOM   320  C  CG  . GLN A 1 41  ? 15.278  -2.099  3.609   1.00 23.64 ? 167 GLN A CG  1 
ATOM   321  C  CD  . GLN A 1 41  ? 15.984  -2.252  4.946   1.00 25.56 ? 167 GLN A CD  1 
ATOM   322  O  OE1 . GLN A 1 41  ? 15.423  -1.957  6.008   1.00 24.83 ? 167 GLN A OE1 1 
ATOM   323  N  NE2 . GLN A 1 41  ? 17.230  -2.715  4.898   1.00 24.16 ? 167 GLN A NE2 1 
ATOM   324  N  N   . PHE A 1 42  ? 10.902  -3.252  2.583   1.00 15.32 ? 168 PHE A N   1 
ATOM   325  C  CA  . PHE A 1 42  ? 9.447   -3.305  2.565   1.00 13.44 ? 168 PHE A CA  1 
ATOM   326  C  C   . PHE A 1 42  ? 8.736   -3.893  3.767   1.00 13.93 ? 168 PHE A C   1 
ATOM   327  O  O   . PHE A 1 42  ? 9.278   -4.720  4.499   1.00 13.99 ? 168 PHE A O   1 
ATOM   328  C  CB  . PHE A 1 42  ? 8.990   -4.097  1.344   1.00 13.64 ? 168 PHE A CB  1 
ATOM   329  C  CG  . PHE A 1 42  ? 9.638   -3.676  0.063   1.00 13.08 ? 168 PHE A CG  1 
ATOM   330  C  CD1 . PHE A 1 42  ? 9.007   -2.779  -0.785  1.00 16.86 ? 168 PHE A CD1 1 
ATOM   331  C  CD2 . PHE A 1 42  ? 10.869  -4.206  -0.316  1.00 17.37 ? 168 PHE A CD2 1 
ATOM   332  C  CE1 . PHE A 1 42  ? 9.587   -2.412  -2.001  1.00 15.26 ? 168 PHE A CE1 1 
ATOM   333  C  CE2 . PHE A 1 42  ? 11.462  -3.848  -1.529  1.00 16.95 ? 168 PHE A CE2 1 
ATOM   334  C  CZ  . PHE A 1 42  ? 10.819  -2.951  -2.373  1.00 17.00 ? 168 PHE A CZ  1 
ATOM   335  N  N   . ALA A 1 43  ? 7.474   -3.495  3.895   1.00 13.42 ? 169 ALA A N   1 
ATOM   336  C  CA  . ALA A 1 43  ? 6.570   -3.957  4.934   1.00 13.30 ? 169 ALA A CA  1 
ATOM   337  C  C   . ALA A 1 43  ? 5.214   -4.059  4.229   1.00 12.90 ? 169 ALA A C   1 
ATOM   338  O  O   . ALA A 1 43  ? 5.004   -3.417  3.199   1.00 10.58 ? 169 ALA A O   1 
ATOM   339  C  CB  . ALA A 1 43  ? 6.513   -2.951  6.083   1.00 10.91 ? 169 ALA A CB  1 
ATOM   340  N  N   . ALA A 1 44  ? 4.317   -4.896  4.741   1.00 10.89 ? 170 ALA A N   1 
ATOM   341  C  CA  . ALA A 1 44  ? 2.999   -5.042  4.130   1.00 11.07 ? 170 ALA A CA  1 
ATOM   342  C  C   . ALA A 1 44  ? 1.940   -5.134  5.210   1.00 11.04 ? 170 ALA A C   1 
ATOM   343  O  O   . ALA A 1 44  ? 2.100   -5.853  6.190   1.00 9.82  ? 170 ALA A O   1 
ATOM   344  C  CB  . ALA A 1 44  ? 2.949   -6.257  3.217   1.00 9.53  ? 170 ALA A CB  1 
ATOM   345  N  N   . VAL A 1 45  ? 0.879   -4.356  5.038   1.00 12.21 ? 171 VAL A N   1 
ATOM   346  C  CA  . VAL A 1 45  ? -0.210  -4.309  6.002   1.00 9.40  ? 171 VAL A CA  1 
ATOM   347  C  C   . VAL A 1 45  ? -1.544  -4.535  5.304   1.00 9.22  ? 171 VAL A C   1 
ATOM   348  O  O   . VAL A 1 45  ? -1.859  -3.859  4.330   1.00 9.74  ? 171 VAL A O   1 
ATOM   349  C  CB  . VAL A 1 45  ? -0.272  -2.922  6.706   1.00 8.98  ? 171 VAL A CB  1 
ATOM   350  C  CG1 . VAL A 1 45  ? -1.470  -2.848  7.642   1.00 8.89  ? 171 VAL A CG1 1 
ATOM   351  C  CG2 . VAL A 1 45  ? 1.005   -2.655  7.486   1.00 9.70  ? 171 VAL A CG2 1 
ATOM   352  N  N   . GLN A 1 46  ? -2.308  -5.514  5.776   1.00 9.01  ? 172 GLN A N   1 
ATOM   353  C  CA  . GLN A 1 46  ? -3.623  -5.765  5.207   1.00 8.19  ? 172 GLN A CA  1 
ATOM   354  C  C   . GLN A 1 46  ? -4.633  -5.016  6.062   1.00 8.61  ? 172 GLN A C   1 
ATOM   355  O  O   . GLN A 1 46  ? -4.497  -4.949  7.288   1.00 10.59 ? 172 GLN A O   1 
ATOM   356  C  CB  . GLN A 1 46  ? -3.987  -7.260  5.209   1.00 7.89  ? 172 GLN A CB  1 
ATOM   357  C  CG  . GLN A 1 46  ? -5.365  -7.517  4.580   1.00 6.14  ? 172 GLN A CG  1 
ATOM   358  C  CD  . GLN A 1 46  ? -5.810  -8.976  4.566   1.00 9.68  ? 172 GLN A CD  1 
ATOM   359  O  OE1 . GLN A 1 46  ? -6.909  -9.286  4.095   1.00 10.98 ? 172 GLN A OE1 1 
ATOM   360  N  NE2 . GLN A 1 46  ? -4.973  -9.873  5.082   1.00 8.28  ? 172 GLN A NE2 1 
ATOM   361  N  N   . PHE A 1 47  ? -5.626  -4.419  5.418   1.00 9.45  ? 173 PHE A N   1 
ATOM   362  C  CA  . PHE A 1 47  ? -6.658  -3.717  6.157   1.00 9.54  ? 173 PHE A CA  1 
ATOM   363  C  C   . PHE A 1 47  ? -8.054  -4.089  5.679   1.00 9.79  ? 173 PHE A C   1 
ATOM   364  O  O   . PHE A 1 47  ? -8.324  -4.158  4.479   1.00 7.73  ? 173 PHE A O   1 
ATOM   365  C  CB  . PHE A 1 47  ? -6.456  -2.192  6.096   1.00 6.82  ? 173 PHE A CB  1 
ATOM   366  C  CG  . PHE A 1 47  ? -6.841  -1.559  4.773   1.00 8.67  ? 173 PHE A CG  1 
ATOM   367  C  CD1 . PHE A 1 47  ? -5.900  -1.389  3.764   1.00 8.01  ? 173 PHE A CD1 1 
ATOM   368  C  CD2 . PHE A 1 47  ? -8.147  -1.114  4.552   1.00 10.76 ? 173 PHE A CD2 1 
ATOM   369  C  CE1 . PHE A 1 47  ? -6.250  -0.785  2.549   1.00 9.54  ? 173 PHE A CE1 1 
ATOM   370  C  CE2 . PHE A 1 47  ? -8.506  -0.513  3.346   1.00 10.88 ? 173 PHE A CE2 1 
ATOM   371  C  CZ  . PHE A 1 47  ? -7.556  -0.348  2.342   1.00 9.26  ? 173 PHE A CZ  1 
ATOM   372  N  N   . SER A 1 48  ? -8.919  -4.373  6.641   1.00 8.24  ? 174 SER A N   1 
ATOM   373  C  CA  . SER A 1 48  ? -10.371 -4.408  6.344   1.00 10.44 ? 174 SER A CA  1 
ATOM   374  C  C   . SER A 1 48  ? -11.073 -3.649  7.458   1.00 12.25 ? 174 SER A C   1 
ATOM   375  O  O   . SER A 1 48  ? -11.106 -2.417  7.439   1.00 13.76 ? 174 SER A O   1 
ATOM   376  C  CB  . SER A 1 48  ? -10.663 -5.908  6.399   1.00 11.11 ? 174 SER A CB  1 
ATOM   377  O  OG  . SER A 1 48  ? -11.913 -6.199  5.794   1.00 12.37 ? 174 SER A OG  1 
ATOM   378  N  N   . THR A 1 49  ? -11.643 -4.366  8.417   1.00 12.33 ? 175 THR A N   1 
ATOM   379  C  CA  . THR A 1 49  ? -12.263 -3.696  9.545   1.00 13.70 ? 175 THR A CA  1 
ATOM   380  C  C   . THR A 1 49  ? -11.090 -3.360  10.450  1.00 14.39 ? 175 THR A C   1 
ATOM   381  O  O   . THR A 1 49  ? -10.970 -2.235  10.946  1.00 14.38 ? 175 THR A O   1 
ATOM   382  C  CB  . THR A 1 49  ? -13.241 -4.617  10.288  1.00 14.99 ? 175 THR A CB  1 
ATOM   383  O  OG1 . THR A 1 49  ? -14.392 -4.831  9.465   1.00 17.58 ? 175 THR A OG1 1 
ATOM   384  C  CG2 . THR A 1 49  ? -13.672 -3.984  11.617  1.00 17.04 ? 175 THR A CG2 1 
ATOM   385  N  N   . SER A 1 50  ? -10.181 -4.323  10.569  1.00 15.27 ? 176 SER A N   1 
ATOM   386  C  CA  . SER A 1 50  ? -8.993  -4.178  11.394  1.00 19.15 ? 176 SER A CA  1 
ATOM   387  C  C   . SER A 1 50  ? -7.734  -4.150  10.530  1.00 18.25 ? 176 SER A C   1 
ATOM   388  O  O   . SER A 1 50  ? -7.802  -4.308  9.312   1.00 17.52 ? 176 SER A O   1 
ATOM   389  C  CB  . SER A 1 50  ? -8.919  -5.302  12.425  1.00 23.09 ? 176 SER A CB  1 
ATOM   390  O  OG  . SER A 1 50  ? -7.958  -4.986  13.415  1.00 34.23 ? 176 SER A OG  1 
ATOM   391  N  N   . TYR A 1 51  ? -6.586  -3.986  11.178  1.00 17.00 ? 177 TYR A N   1 
ATOM   392  C  CA  . TYR A 1 51  ? -5.304  -3.863  10.492  1.00 16.04 ? 177 TYR A CA  1 
ATOM   393  C  C   . TYR A 1 51  ? -4.309  -4.907  10.940  1.00 16.55 ? 177 TYR A C   1 
ATOM   394  O  O   . TYR A 1 51  ? -4.153  -5.146  12.133  1.00 17.42 ? 177 TYR A O   1 
ATOM   395  C  CB  . TYR A 1 51  ? -4.744  -2.463  10.765  1.00 16.38 ? 177 TYR A CB  1 
ATOM   396  C  CG  . TYR A 1 51  ? -5.838  -1.432  10.804  1.00 16.66 ? 177 TYR A CG  1 
ATOM   397  C  CD1 . TYR A 1 51  ? -6.625  -1.196  9.676   1.00 18.27 ? 177 TYR A CD1 1 
ATOM   398  C  CD2 . TYR A 1 51  ? -6.159  -0.762  11.985  1.00 16.47 ? 177 TYR A CD2 1 
ATOM   399  C  CE1 . TYR A 1 51  ? -7.701  -0.332  9.719   1.00 17.15 ? 177 TYR A CE1 1 
ATOM   400  C  CE2 . TYR A 1 51  ? -7.243  0.110   12.035  1.00 18.19 ? 177 TYR A CE2 1 
ATOM   401  C  CZ  . TYR A 1 51  ? -8.009  0.311   10.896  1.00 16.44 ? 177 TYR A CZ  1 
ATOM   402  O  OH  . TYR A 1 51  ? -9.112  1.125   10.932  1.00 19.71 ? 177 TYR A OH  1 
ATOM   403  N  N   . LYS A 1 52  ? -3.605  -5.502  9.986   1.00 16.55 ? 178 LYS A N   1 
ATOM   404  C  CA  . LYS A 1 52  ? -2.630  -6.529  10.312  1.00 17.24 ? 178 LYS A CA  1 
ATOM   405  C  C   . LYS A 1 52  ? -1.343  -6.382  9.512   1.00 17.23 ? 178 LYS A C   1 
ATOM   406  O  O   . LYS A 1 52  ? -1.374  -6.310  8.284   1.00 15.93 ? 178 LYS A O   1 
ATOM   407  C  CB  . LYS A 1 52  ? -3.243  -7.910  10.047  1.00 20.20 ? 178 LYS A CB  1 
ATOM   408  C  CG  . LYS A 1 52  ? -2.383  -9.092  10.447  1.00 20.51 ? 178 LYS A CG  1 
ATOM   409  C  CD  . LYS A 1 52  ? -3.137  -10.389 10.209  1.00 24.05 ? 178 LYS A CD  1 
ATOM   410  C  CE  . LYS A 1 52  ? -2.365  -11.600 10.736  1.00 26.06 ? 178 LYS A CE  1 
ATOM   411  N  NZ  . LYS A 1 52  ? -1.026  -11.736 10.083  1.00 28.21 ? 178 LYS A NZ  1 
ATOM   412  N  N   . THR A 1 53  ? -0.216  -6.323  10.217  1.00 15.44 ? 179 THR A N   1 
ATOM   413  C  CA  . THR A 1 53  ? 1.085   -6.235  9.568   1.00 14.80 ? 179 THR A CA  1 
ATOM   414  C  C   . THR A 1 53  ? 1.436   -7.669  9.165   1.00 17.44 ? 179 THR A C   1 
ATOM   415  O  O   . THR A 1 53  ? 1.632   -8.530  10.020  1.00 16.45 ? 179 THR A O   1 
ATOM   416  C  CB  . THR A 1 53  ? 2.156   -5.680  10.537  1.00 17.39 ? 179 THR A CB  1 
ATOM   417  O  OG1 . THR A 1 53  ? 1.746   -4.388  11.006  1.00 14.22 ? 179 THR A OG1 1 
ATOM   418  C  CG2 . THR A 1 53  ? 3.515   -5.557  9.844   1.00 13.86 ? 179 THR A CG2 1 
ATOM   419  N  N   . GLU A 1 54  ? 1.450   -7.947  7.867   1.00 14.88 ? 180 GLU A N   1 
ATOM   420  C  CA  . GLU A 1 54  ? 1.762   -9.294  7.401   1.00 16.33 ? 180 GLU A CA  1 
ATOM   421  C  C   . GLU A 1 54  ? 3.252   -9.601  7.501   1.00 14.16 ? 180 GLU A C   1 
ATOM   422  O  O   . GLU A 1 54  ? 3.647   -10.719 7.797   1.00 14.02 ? 180 GLU A O   1 
ATOM   423  C  CB  . GLU A 1 54  ? 1.225   -9.497  5.987   1.00 20.15 ? 180 GLU A CB  1 
ATOM   424  C  CG  . GLU A 1 54  ? -0.279  -9.182  5.875   1.00 21.24 ? 180 GLU A CG  1 
ATOM   425  C  CD  . GLU A 1 54  ? -1.189  -10.204 6.572   1.00 23.18 ? 180 GLU A CD  1 
ATOM   426  O  OE1 . GLU A 1 54  ? -0.689  -11.157 7.208   1.00 23.96 ? 180 GLU A OE1 1 
ATOM   427  O  OE2 . GLU A 1 54  ? -2.422  -10.055 6.466   1.00 22.12 ? 180 GLU A OE2 1 
ATOM   428  N  N   . PHE A 1 55  ? 4.075   -8.595  7.245   1.00 13.47 ? 181 PHE A N   1 
ATOM   429  C  CA  . PHE A 1 55  ? 5.518   -8.691  7.527   1.00 12.62 ? 181 PHE A CA  1 
ATOM   430  C  C   . PHE A 1 55  ? 6.080   -7.289  7.646   1.00 11.52 ? 181 PHE A C   1 
ATOM   431  O  O   . PHE A 1 55  ? 5.581   -6.363  7.013   1.00 10.81 ? 181 PHE A O   1 
ATOM   432  C  CB  . PHE A 1 55  ? 6.167   -9.477  6.371   1.00 10.40 ? 181 PHE A CB  1 
ATOM   433  C  CG  . PHE A 1 55  ? 6.263   -8.728  5.065   1.00 14.55 ? 181 PHE A CG  1 
ATOM   434  C  CD1 . PHE A 1 55  ? 7.273   -7.786  4.852   1.00 13.14 ? 181 PHE A CD1 1 
ATOM   435  C  CD2 . PHE A 1 55  ? 5.397   -9.020  4.019   1.00 14.16 ? 181 PHE A CD2 1 
ATOM   436  C  CE1 . PHE A 1 55  ? 7.415   -7.156  3.614   1.00 12.95 ? 181 PHE A CE1 1 
ATOM   437  C  CE2 . PHE A 1 55  ? 5.530   -8.398  2.779   1.00 13.48 ? 181 PHE A CE2 1 
ATOM   438  C  CZ  . PHE A 1 55  ? 6.546   -7.460  2.576   1.00 12.57 ? 181 PHE A CZ  1 
ATOM   439  N  N   . ASP A 1 56  ? 7.082   -7.127  8.496   1.00 13.28 ? 182 ASP A N   1 
ATOM   440  C  CA  . ASP A 1 56  ? 7.688   -5.821  8.704   1.00 15.19 ? 182 ASP A CA  1 
ATOM   441  C  C   . ASP A 1 56  ? 9.041   -5.665  8.013   1.00 15.24 ? 182 ASP A C   1 
ATOM   442  O  O   . ASP A 1 56  ? 9.544   -6.611  7.398   1.00 13.98 ? 182 ASP A O   1 
ATOM   443  C  CB  . ASP A 1 56  ? 7.792   -5.521  10.208  1.00 17.60 ? 182 ASP A CB  1 
ATOM   444  C  CG  . ASP A 1 56  ? 8.614   -6.551  10.963  1.00 22.71 ? 182 ASP A CG  1 
ATOM   445  O  OD1 . ASP A 1 56  ? 9.618   -7.058  10.421  1.00 26.01 ? 182 ASP A OD1 1 
ATOM   446  O  OD2 . ASP A 1 56  ? 8.261   -6.849  12.122  1.00 29.23 ? 182 ASP A OD2 1 
ATOM   447  N  N   . PHE A 1 57  ? 9.650   -4.486  8.159   1.00 14.16 ? 183 PHE A N   1 
ATOM   448  C  CA  . PHE A 1 57  ? 10.980  -4.241  7.611   1.00 14.63 ? 183 PHE A CA  1 
ATOM   449  C  C   . PHE A 1 57  ? 12.068  -5.244  7.968   1.00 16.32 ? 183 PHE A C   1 
ATOM   450  O  O   . PHE A 1 57  ? 12.855  -5.639  7.107   1.00 14.85 ? 183 PHE A O   1 
ATOM   451  C  CB  . PHE A 1 57  ? 11.415  -2.815  7.922   1.00 13.99 ? 183 PHE A CB  1 
ATOM   452  C  CG  . PHE A 1 57  ? 10.464  -1.783  7.397   1.00 13.89 ? 183 PHE A CG  1 
ATOM   453  C  CD1 . PHE A 1 57  ? 10.307  -1.608  6.026   1.00 12.95 ? 183 PHE A CD1 1 
ATOM   454  C  CD2 . PHE A 1 57  ? 9.699   -1.014  8.265   1.00 12.61 ? 183 PHE A CD2 1 
ATOM   455  C  CE1 . PHE A 1 57  ? 9.399   -0.685  5.527   1.00 14.39 ? 183 PHE A CE1 1 
ATOM   456  C  CE2 . PHE A 1 57  ? 8.787   -0.087  7.774   1.00 14.40 ? 183 PHE A CE2 1 
ATOM   457  C  CZ  . PHE A 1 57  ? 8.638   0.077   6.405   1.00 14.78 ? 183 PHE A CZ  1 
ATOM   458  N  N   . SER A 1 58  ? 12.081  -5.671  9.230   1.00 16.98 ? 184 SER A N   1 
ATOM   459  C  CA  . SER A 1 58  ? 13.050  -6.644  9.718   1.00 19.77 ? 184 SER A CA  1 
ATOM   460  C  C   . SER A 1 58  ? 12.840  -8.002  9.056   1.00 19.06 ? 184 SER A C   1 
ATOM   461  O  O   . SER A 1 58  ? 13.805  -8.683  8.716   1.00 20.71 ? 184 SER A O   1 
ATOM   462  C  CB  . SER A 1 58  ? 12.938  -6.788  11.233  1.00 22.23 ? 184 SER A CB  1 
ATOM   463  O  OG  . SER A 1 58  ? 13.446  -5.641  11.886  1.00 29.80 ? 184 SER A OG  1 
ATOM   464  N  N   . ASP A 1 59  ? 11.577  -8.391  8.886   1.00 18.06 ? 185 ASP A N   1 
ATOM   465  C  CA  . ASP A 1 59  ? 11.246  -9.663  8.245   1.00 18.85 ? 185 ASP A CA  1 
ATOM   466  C  C   . ASP A 1 59  ? 11.771  -9.657  6.806   1.00 17.89 ? 185 ASP A C   1 
ATOM   467  O  O   . ASP A 1 59  ? 12.336  -10.647 6.346   1.00 16.89 ? 185 ASP A O   1 
ATOM   468  C  CB  . ASP A 1 59  ? 9.729   -9.911  8.254   1.00 20.10 ? 185 ASP A CB  1 
ATOM   469  C  CG  . ASP A 1 59  ? 9.146   -10.011 9.667   1.00 23.33 ? 185 ASP A CG  1 
ATOM   470  O  OD1 . ASP A 1 59  ? 7.939   -9.736  9.832   1.00 26.42 ? 185 ASP A OD1 1 
ATOM   471  O  OD2 . ASP A 1 59  ? 9.881   -10.345 10.618  1.00 27.43 ? 185 ASP A OD2 1 
ATOM   472  N  N   . TYR A 1 60  ? 11.621  -8.523  6.115   1.00 16.95 ? 186 TYR A N   1 
ATOM   473  C  CA  . TYR A 1 60  ? 12.098  -8.408  4.739   1.00 17.11 ? 186 TYR A CA  1 
ATOM   474  C  C   . TYR A 1 60  ? 13.606  -8.613  4.679   1.00 18.54 ? 186 TYR A C   1 
ATOM   475  O  O   . TYR A 1 60  ? 14.097  -9.382  3.854   1.00 18.75 ? 186 TYR A O   1 
ATOM   476  C  CB  . TYR A 1 60  ? 11.742  -7.048  4.124   1.00 15.58 ? 186 TYR A CB  1 
ATOM   477  C  CG  . TYR A 1 60  ? 12.312  -6.864  2.730   1.00 16.15 ? 186 TYR A CG  1 
ATOM   478  C  CD1 . TYR A 1 60  ? 11.771  -7.549  1.640   1.00 18.04 ? 186 TYR A CD1 1 
ATOM   479  C  CD2 . TYR A 1 60  ? 13.412  -6.031  2.505   1.00 16.92 ? 186 TYR A CD2 1 
ATOM   480  C  CE1 . TYR A 1 60  ? 12.314  -7.415  0.354   1.00 19.40 ? 186 TYR A CE1 1 
ATOM   481  C  CE2 . TYR A 1 60  ? 13.961  -5.884  1.225   1.00 19.87 ? 186 TYR A CE2 1 
ATOM   482  C  CZ  . TYR A 1 60  ? 13.406  -6.579  0.156   1.00 19.41 ? 186 TYR A CZ  1 
ATOM   483  O  OH  . TYR A 1 60  ? 13.935  -6.437  -1.106  1.00 21.75 ? 186 TYR A OH  1 
ATOM   484  N  N   . VAL A 1 61  ? 14.333  -7.940  5.565   1.00 18.97 ? 187 VAL A N   1 
ATOM   485  C  CA  . VAL A 1 61  ? 15.788  -8.063  5.598   1.00 23.74 ? 187 VAL A CA  1 
ATOM   486  C  C   . VAL A 1 61  ? 16.189  -9.520  5.845   1.00 24.98 ? 187 VAL A C   1 
ATOM   487  O  O   . VAL A 1 61  ? 17.090  -10.039 5.191   1.00 24.92 ? 187 VAL A O   1 
ATOM   488  C  CB  . VAL A 1 61  ? 16.409  -7.160  6.687   1.00 23.49 ? 187 VAL A CB  1 
ATOM   489  C  CG1 . VAL A 1 61  ? 17.929  -7.209  6.619   1.00 27.50 ? 187 VAL A CG1 1 
ATOM   490  C  CG2 . VAL A 1 61  ? 15.929  -5.726  6.521   1.00 26.18 ? 187 VAL A CG2 1 
ATOM   491  N  N   . LYS A 1 62  ? 15.451  -10.193 6.728   1.00 25.82 ? 188 LYS A N   1 
ATOM   492  C  CA  . LYS A 1 62  ? 15.724  -11.589 7.070   1.00 26.66 ? 188 LYS A CA  1 
ATOM   493  C  C   . LYS A 1 62  ? 15.384  -12.613 5.990   1.00 26.68 ? 188 LYS A C   1 
ATOM   494  O  O   . LYS A 1 62  ? 16.221  -13.433 5.624   1.00 25.92 ? 188 LYS A O   1 
ATOM   495  C  CB  . LYS A 1 62  ? 14.984  -11.978 8.351   1.00 27.26 ? 188 LYS A CB  1 
ATOM   496  C  CG  . LYS A 1 62  ? 15.505  -11.335 9.623   1.00 29.60 ? 188 LYS A CG  1 
ATOM   497  C  CD  . LYS A 1 62  ? 14.642  -11.745 10.813  1.00 31.62 ? 188 LYS A CD  1 
ATOM   498  C  CE  . LYS A 1 62  ? 15.114  -11.107 12.114  1.00 30.41 ? 188 LYS A CE  1 
ATOM   499  N  NZ  . LYS A 1 62  ? 14.161  -11.380 13.227  1.00 30.43 ? 188 LYS A NZ  1 
ATOM   500  N  N   . ARG A 1 63  ? 14.150  -12.578 5.499   1.00 27.96 ? 189 ARG A N   1 
ATOM   501  C  CA  . ARG A 1 63  ? 13.697  -13.547 4.504   1.00 28.85 ? 189 ARG A CA  1 
ATOM   502  C  C   . ARG A 1 63  ? 13.824  -13.145 3.035   1.00 30.29 ? 189 ARG A C   1 
ATOM   503  O  O   . ARG A 1 63  ? 14.053  -14.004 2.183   1.00 30.99 ? 189 ARG A O   1 
ATOM   504  C  CB  . ARG A 1 63  ? 12.261  -13.981 4.812   1.00 28.15 ? 189 ARG A CB  1 
ATOM   505  C  CG  . ARG A 1 63  ? 12.111  -14.845 6.060   1.00 26.66 ? 189 ARG A CG  1 
ATOM   506  C  CD  . ARG A 1 63  ? 12.274  -14.067 7.349   1.00 30.67 ? 189 ARG A CD  1 
ATOM   507  N  NE  . ARG A 1 63  ? 12.507  -14.930 8.509   1.00 31.20 ? 189 ARG A NE  1 
ATOM   508  C  CZ  . ARG A 1 63  ? 13.383  -15.934 8.544   1.00 33.32 ? 189 ARG A CZ  1 
ATOM   509  N  NH1 . ARG A 1 63  ? 14.125  -16.231 7.480   1.00 34.36 ? 189 ARG A NH1 1 
ATOM   510  N  NH2 . ARG A 1 63  ? 13.546  -16.630 9.657   1.00 25.25 ? 189 ARG A NH2 1 
ATOM   511  N  N   . LYS A 1 64  ? 13.614  -11.863 2.741   1.00 31.15 ? 190 LYS A N   1 
ATOM   512  C  CA  . LYS A 1 64  ? 13.720  -11.307 1.382   1.00 31.10 ? 190 LYS A CA  1 
ATOM   513  C  C   . LYS A 1 64  ? 12.769  -11.832 0.302   1.00 29.76 ? 190 LYS A C   1 
ATOM   514  O  O   . LYS A 1 64  ? 12.521  -11.145 -0.689  1.00 30.95 ? 190 LYS A O   1 
ATOM   515  C  CB  . LYS A 1 64  ? 15.163  -11.406 0.871   1.00 34.07 ? 190 LYS A CB  1 
ATOM   516  C  CG  . LYS A 1 64  ? 16.187  -10.726 1.761   1.00 36.30 ? 190 LYS A CG  1 
ATOM   517  C  CD  . LYS A 1 64  ? 17.563  -10.726 1.116   1.00 40.83 ? 190 LYS A CD  1 
ATOM   518  C  CE  . LYS A 1 64  ? 18.629  -10.196 2.066   1.00 42.56 ? 190 LYS A CE  1 
ATOM   519  N  NZ  . LYS A 1 64  ? 18.309  -8.828  2.563   1.00 42.83 ? 190 LYS A NZ  1 
ATOM   520  N  N   . ASP A 1 65  ? 12.256  -13.044 0.480   1.00 27.55 ? 191 ASP A N   1 
ATOM   521  C  CA  . ASP A 1 65  ? 11.577  -13.743 -0.644  1.00 29.08 ? 191 ASP A CA  1 
ATOM   522  C  C   . ASP A 1 65  ? 10.110  -13.309 -0.523  1.00 28.21 ? 191 ASP A C   1 
ATOM   523  O  O   . ASP A 1 65  ? 9.457   -13.577 0.481   1.00 27.22 ? 191 ASP A O   1 
ATOM   524  C  CB  . ASP A 1 65  ? 11.693  -15.268 -0.545  1.00 31.75 ? 191 ASP A CB  1 
ATOM   525  C  CG  . ASP A 1 65  ? 10.977  -15.987 -1.670  1.00 34.25 ? 191 ASP A CG  1 
ATOM   526  O  OD1 . ASP A 1 65  ? 11.252  -15.683 -2.853  1.00 39.18 ? 191 ASP A OD1 1 
ATOM   527  O  OD2 . ASP A 1 65  ? 10.147  -16.868 -1.373  1.00 38.50 ? 191 ASP A OD2 1 
ATOM   528  N  N   . PRO A 1 66  ? 9.578   -12.630 -1.554  1.00 27.71 ? 192 PRO A N   1 
ATOM   529  C  CA  . PRO A 1 66  ? 8.191   -12.155 -1.567  1.00 25.85 ? 192 PRO A CA  1 
ATOM   530  C  C   . PRO A 1 66  ? 7.164   -13.280 -1.415  1.00 25.66 ? 192 PRO A C   1 
ATOM   531  O  O   . PRO A 1 66  ? 6.111   -13.087 -0.802  1.00 23.08 ? 192 PRO A O   1 
ATOM   532  C  CB  . PRO A 1 66  ? 8.086   -11.471 -2.928  1.00 26.80 ? 192 PRO A CB  1 
ATOM   533  C  CG  . PRO A 1 66  ? 9.473   -10.942 -3.137  1.00 25.98 ? 192 PRO A CG  1 
ATOM   534  C  CD  . PRO A 1 66  ? 10.302  -12.138 -2.741  1.00 27.54 ? 192 PRO A CD  1 
ATOM   535  N  N   . ASP A 1 67  ? 7.470   -14.443 -1.986  1.00 24.68 ? 193 ASP A N   1 
ATOM   536  C  CA  . ASP A 1 67  ? 6.580   -15.596 -1.897  1.00 25.12 ? 193 ASP A CA  1 
ATOM   537  C  C   . ASP A 1 67  ? 6.451   -16.051 -0.443  1.00 22.80 ? 193 ASP A C   1 
ATOM   538  O  O   . ASP A 1 67  ? 5.347   -16.282 0.047   1.00 22.35 ? 193 ASP A O   1 
ATOM   539  C  CB  . ASP A 1 67  ? 7.106   -16.766 -2.747  1.00 28.31 ? 193 ASP A CB  1 
ATOM   540  C  CG  . ASP A 1 67  ? 6.877   -16.575 -4.245  1.00 33.36 ? 193 ASP A CG  1 
ATOM   541  O  OD1 . ASP A 1 67  ? 7.693   -17.099 -5.034  1.00 35.55 ? 193 ASP A OD1 1 
ATOM   542  O  OD2 . ASP A 1 67  ? 5.876   -15.937 -4.642  1.00 34.67 ? 193 ASP A OD2 1 
ATOM   543  N  N   . ALA A 1 68  ? 7.586   -16.196 0.233   1.00 20.62 ? 194 ALA A N   1 
ATOM   544  C  CA  . ALA A 1 68  ? 7.598   -16.635 1.625   1.00 18.84 ? 194 ALA A CA  1 
ATOM   545  C  C   . ALA A 1 68  ? 7.053   -15.571 2.574   1.00 18.60 ? 194 ALA A C   1 
ATOM   546  O  O   . ALA A 1 68  ? 6.457   -15.899 3.600   1.00 17.31 ? 194 ALA A O   1 
ATOM   547  C  CB  . ALA A 1 68  ? 9.000   -17.054 2.040   1.00 19.92 ? 194 ALA A CB  1 
ATOM   548  N  N   . LEU A 1 69  ? 7.227   -14.301 2.210   1.00 16.89 ? 195 LEU A N   1 
ATOM   549  C  CA  . LEU A 1 69  ? 6.747   -13.193 3.036   1.00 17.69 ? 195 LEU A CA  1 
ATOM   550  C  C   . LEU A 1 69  ? 5.223   -13.021 3.077   1.00 17.76 ? 195 LEU A C   1 
ATOM   551  O  O   . LEU A 1 69  ? 4.676   -12.574 4.087   1.00 17.94 ? 195 LEU A O   1 
ATOM   552  C  CB  . LEU A 1 69  ? 7.408   -11.881 2.590   1.00 18.76 ? 195 LEU A CB  1 
ATOM   553  C  CG  . LEU A 1 69  ? 8.870   -11.717 3.015   1.00 18.31 ? 195 LEU A CG  1 
ATOM   554  C  CD1 . LEU A 1 69  ? 9.483   -10.498 2.339   1.00 18.46 ? 195 LEU A CD1 1 
ATOM   555  C  CD2 . LEU A 1 69  ? 8.943   -11.591 4.537   1.00 18.26 ? 195 LEU A CD2 1 
ATOM   556  N  N   . LEU A 1 70  ? 4.549   -13.349 1.977   1.00 16.66 ? 196 LEU A N   1 
ATOM   557  C  CA  . LEU A 1 70  ? 3.092   -13.219 1.893   1.00 18.92 ? 196 LEU A CA  1 
ATOM   558  C  C   . LEU A 1 70  ? 2.364   -14.564 1.976   1.00 19.97 ? 196 LEU A C   1 
ATOM   559  O  O   . LEU A 1 70  ? 1.151   -14.629 1.792   1.00 20.97 ? 196 LEU A O   1 
ATOM   560  C  CB  . LEU A 1 70  ? 2.703   -12.497 0.593   1.00 18.26 ? 196 LEU A CB  1 
ATOM   561  C  CG  . LEU A 1 70  ? 3.120   -11.022 0.508   1.00 19.04 ? 196 LEU A CG  1 
ATOM   562  C  CD1 . LEU A 1 70  ? 3.027   -10.521 -0.925  1.00 18.79 ? 196 LEU A CD1 1 
ATOM   563  C  CD2 . LEU A 1 70  ? 2.255   -10.186 1.434   1.00 16.68 ? 196 LEU A CD2 1 
ATOM   564  N  N   . LYS A 1 71  ? 3.101   -15.612 2.331   1.00 20.43 ? 197 LYS A N   1 
ATOM   565  C  CA  . LYS A 1 71  ? 2.578   -16.974 2.425   1.00 22.36 ? 197 LYS A CA  1 
ATOM   566  C  C   . LYS A 1 71  ? 1.447   -17.203 3.438   1.00 22.90 ? 197 LYS A C   1 
ATOM   567  O  O   . LYS A 1 71  ? 0.534   -17.996 3.190   1.00 19.25 ? 197 LYS A O   1 
ATOM   568  C  CB  . LYS A 1 71  ? 3.738   -17.929 2.713   1.00 24.51 ? 197 LYS A CB  1 
ATOM   569  C  CG  . LYS A 1 71  ? 3.430   -19.412 2.586   1.00 30.77 ? 197 LYS A CG  1 
ATOM   570  C  CD  . LYS A 1 71  ? 4.703   -20.206 2.818   1.00 35.29 ? 197 LYS A CD  1 
ATOM   571  C  CE  . LYS A 1 71  ? 4.510   -21.699 2.638   1.00 39.90 ? 197 LYS A CE  1 
ATOM   572  N  NZ  . LYS A 1 71  ? 5.780   -22.431 2.945   1.00 40.99 ? 197 LYS A NZ  1 
ATOM   573  N  N   . HIS A 1 72  ? 1.494   -16.494 4.562   1.00 22.34 ? 198 HIS A N   1 
ATOM   574  C  CA  . HIS A 1 72  ? 0.490   -16.653 5.611   1.00 23.71 ? 198 HIS A CA  1 
ATOM   575  C  C   . HIS A 1 72  ? -0.697  -15.707 5.515   1.00 22.78 ? 198 HIS A C   1 
ATOM   576  O  O   . HIS A 1 72  ? -1.571  -15.722 6.385   1.00 21.79 ? 198 HIS A O   1 
ATOM   577  C  CB  . HIS A 1 72  ? 1.143   -16.508 6.988   1.00 27.93 ? 198 HIS A CB  1 
ATOM   578  C  CG  . HIS A 1 72  ? 2.169   -17.555 7.281   1.00 34.23 ? 198 HIS A CG  1 
ATOM   579  N  ND1 . HIS A 1 72  ? 2.046   -18.442 8.330   1.00 38.19 ? 198 HIS A ND1 1 
ATOM   580  C  CD2 . HIS A 1 72  ? 3.321   -17.879 6.647   1.00 34.96 ? 198 HIS A CD2 1 
ATOM   581  C  CE1 . HIS A 1 72  ? 3.078   -19.268 8.327   1.00 38.15 ? 198 HIS A CE1 1 
ATOM   582  N  NE2 . HIS A 1 72  ? 3.866   -18.948 7.315   1.00 36.38 ? 198 HIS A NE2 1 
ATOM   583  N  N   . VAL A 1 73  ? -0.724  -14.879 4.472   1.00 19.24 ? 199 VAL A N   1 
ATOM   584  C  CA  . VAL A 1 73  ? -1.806  -13.918 4.287   1.00 15.82 ? 199 VAL A CA  1 
ATOM   585  C  C   . VAL A 1 73  ? -3.179  -14.567 4.091   1.00 17.73 ? 199 VAL A C   1 
ATOM   586  O  O   . VAL A 1 73  ? -3.353  -15.467 3.267   1.00 16.40 ? 199 VAL A O   1 
ATOM   587  C  CB  . VAL A 1 73  ? -1.505  -12.960 3.110   1.00 17.78 ? 199 VAL A CB  1 
ATOM   588  C  CG1 . VAL A 1 73  ? -2.705  -12.074 2.822   1.00 17.45 ? 199 VAL A CG1 1 
ATOM   589  C  CG2 . VAL A 1 73  ? -0.286  -12.102 3.431   1.00 14.80 ? 199 VAL A CG2 1 
ATOM   590  N  N   . LYS A 1 74  ? -4.146  -14.117 4.887   1.00 17.49 ? 200 LYS A N   1 
ATOM   591  C  CA  . LYS A 1 74  ? -5.512  -14.618 4.804   1.00 18.27 ? 200 LYS A CA  1 
ATOM   592  C  C   . LYS A 1 74  ? -6.405  -13.434 4.472   1.00 18.26 ? 200 LYS A C   1 
ATOM   593  O  O   . LYS A 1 74  ? -6.363  -12.416 5.168   1.00 16.96 ? 200 LYS A O   1 
ATOM   594  C  CB  . LYS A 1 74  ? -5.948  -15.221 6.143   1.00 20.70 ? 200 LYS A CB  1 
ATOM   595  C  CG  . LYS A 1 74  ? -5.206  -16.484 6.548   1.00 24.85 ? 200 LYS A CG  1 
ATOM   596  C  CD  . LYS A 1 74  ? -5.458  -17.619 5.570   1.00 27.76 ? 200 LYS A CD  1 
ATOM   597  C  CE  . LYS A 1 74  ? -4.903  -18.933 6.099   1.00 31.28 ? 200 LYS A CE  1 
ATOM   598  N  NZ  . LYS A 1 74  ? -5.307  -20.085 5.238   1.00 34.78 ? 200 LYS A NZ  1 
ATOM   599  N  N   . HIS A 1 75  ? -7.193  -13.557 3.401   1.00 14.38 ? 201 HIS A N   1 
ATOM   600  C  CA  . HIS A 1 75  ? -8.104  -12.492 2.994   1.00 14.32 ? 201 HIS A CA  1 
ATOM   601  C  C   . HIS A 1 75  ? -9.091  -12.240 4.140   1.00 15.05 ? 201 HIS A C   1 
ATOM   602  O  O   . HIS A 1 75  ? -9.895  -13.108 4.472   1.00 15.39 ? 201 HIS A O   1 
ATOM   603  C  CB  . HIS A 1 75  ? -8.854  -12.900 1.721   1.00 13.87 ? 201 HIS A CB  1 
ATOM   604  C  CG  . HIS A 1 75  ? -9.623  -11.784 1.085   1.00 14.20 ? 201 HIS A CG  1 
ATOM   605  N  ND1 . HIS A 1 75  ? -10.292 -11.927 -0.112  1.00 12.65 ? 201 HIS A ND1 1 
ATOM   606  C  CD2 . HIS A 1 75  ? -9.812  -10.496 1.467   1.00 14.07 ? 201 HIS A CD2 1 
ATOM   607  C  CE1 . HIS A 1 75  ? -10.859 -10.780 -0.439  1.00 11.56 ? 201 HIS A CE1 1 
ATOM   608  N  NE2 . HIS A 1 75  ? -10.585 -9.896  0.502   1.00 12.63 ? 201 HIS A NE2 1 
ATOM   609  N  N   . MET A 1 76  ? -9.032  -11.048 4.731   1.00 15.89 ? 202 MET A N   1 
ATOM   610  C  CA  . MET A 1 76  ? -9.899  -10.698 5.858   1.00 14.90 ? 202 MET A CA  1 
ATOM   611  C  C   . MET A 1 76  ? -11.393 -10.772 5.571   1.00 16.20 ? 202 MET A C   1 
ATOM   612  O  O   . MET A 1 76  ? -12.154 -11.304 6.381   1.00 15.10 ? 202 MET A O   1 
ATOM   613  C  CB  . MET A 1 76  ? -9.544  -9.314  6.407   1.00 15.75 ? 202 MET A CB  1 
ATOM   614  C  CG  . MET A 1 76  ? -8.228  -9.264  7.164   1.00 15.51 ? 202 MET A CG  1 
ATOM   615  S  SD  . MET A 1 76  ? -7.720  -7.577  7.475   1.00 18.93 ? 202 MET A SD  1 
ATOM   616  C  CE  . MET A 1 76  ? -6.232  -7.814  8.389   1.00 19.55 ? 202 MET A CE  1 
ATOM   617  N  N   . LEU A 1 77  ? -11.816 -10.186 4.453   1.00 16.38 ? 203 LEU A N   1 
ATOM   618  C  CA  . LEU A 1 77  ? -13.219 -10.207 4.050   1.00 17.91 ? 203 LEU A CA  1 
ATOM   619  C  C   . LEU A 1 77  ? -14.187 -9.548  5.041   1.00 17.55 ? 203 LEU A C   1 
ATOM   620  O  O   . LEU A 1 77  ? -15.185 -10.152 5.437   1.00 16.47 ? 203 LEU A O   1 
ATOM   621  C  CB  . LEU A 1 77  ? -13.658 -11.653 3.779   1.00 18.91 ? 203 LEU A CB  1 
ATOM   622  C  CG  . LEU A 1 77  ? -12.987 -12.370 2.606   1.00 19.33 ? 203 LEU A CG  1 
ATOM   623  C  CD1 . LEU A 1 77  ? -13.210 -13.868 2.706   1.00 20.47 ? 203 LEU A CD1 1 
ATOM   624  C  CD2 . LEU A 1 77  ? -13.543 -11.832 1.304   1.00 19.81 ? 203 LEU A CD2 1 
ATOM   625  N  N   . LEU A 1 78  ? -13.873 -8.321  5.453   1.00 15.56 ? 204 LEU A N   1 
ATOM   626  C  CA  . LEU A 1 78  ? -14.723 -7.572  6.369   1.00 13.77 ? 204 LEU A CA  1 
ATOM   627  C  C   . LEU A 1 78  ? -15.002 -6.180  5.777   1.00 13.13 ? 204 LEU A C   1 
ATOM   628  O  O   . LEU A 1 78  ? -15.028 -6.038  4.555   1.00 11.25 ? 204 LEU A O   1 
ATOM   629  C  CB  . LEU A 1 78  ? -14.088 -7.489  7.761   1.00 13.59 ? 204 LEU A CB  1 
ATOM   630  C  CG  . LEU A 1 78  ? -13.946 -8.799  8.550   1.00 17.79 ? 204 LEU A CG  1 
ATOM   631  C  CD1 . LEU A 1 78  ? -13.289 -8.515  9.891   1.00 19.15 ? 204 LEU A CD1 1 
ATOM   632  C  CD2 . LEU A 1 78  ? -15.310 -9.457  8.769   1.00 18.15 ? 204 LEU A CD2 1 
ATOM   633  N  N   . LEU A 1 79  ? -15.205 -5.164  6.618   1.00 11.46 ? 205 LEU A N   1 
ATOM   634  C  CA  . LEU A 1 79  ? -15.205 -3.761  6.105   1.00 12.87 ? 205 LEU A CA  1 
ATOM   635  C  C   . LEU A 1 79  ? -13.996 -3.077  5.453   1.00 12.00 ? 205 LEU A C   1 
ATOM   636  O  O   . LEU A 1 79  ? -12.935 -3.679  5.336   1.00 12.02 ? 205 LEU A O   1 
ATOM   637  C  CB  . LEU A 1 79  ? -15.789 -2.895  7.225   1.00 13.68 ? 205 LEU A CB  1 
ATOM   638  C  CG  . LEU A 1 79  ? -17.118 -3.422  7.790   1.00 15.98 ? 205 LEU A CG  1 
ATOM   639  C  CD1 . LEU A 1 79  ? -17.560 -2.578  8.971   1.00 17.91 ? 205 LEU A CD1 1 
ATOM   640  C  CD2 . LEU A 1 79  ? -18.193 -3.450  6.704   1.00 16.44 ? 205 LEU A CD2 1 
ATOM   641  N  N   . THR A 1 80  ? -14.161 -1.832  5.009   1.00 13.20 ? 206 THR A N   1 
ATOM   642  C  CA  . THR A 1 80  ? -13.036 -1.073  4.460   1.00 13.91 ? 206 THR A CA  1 
ATOM   643  C  C   . THR A 1 80  ? -12.653 0.215   5.198   1.00 14.27 ? 206 THR A C   1 
ATOM   644  O  O   . THR A 1 80  ? -12.958 1.316   4.743   1.00 15.20 ? 206 THR A O   1 
ATOM   645  C  CB  . THR A 1 80  ? -13.421 -0.740  2.997   1.00 14.36 ? 206 THR A CB  1 
ATOM   646  O  OG1 . THR A 1 80  ? -14.135 -1.848  2.435   1.00 17.23 ? 206 THR A OG1 1 
ATOM   647  C  CG2 . THR A 1 80  ? -12.172 -0.485  2.152   1.00 8.93  ? 206 THR A CG2 1 
ATOM   648  N  N   . ASN A 1 81  ? -11.978 0.075   6.335   1.00 14.45 ? 207 ASN A N   1 
ATOM   649  C  CA  . ASN A 1 81  ? -11.572 1.235   7.132   1.00 16.13 ? 207 ASN A CA  1 
ATOM   650  C  C   . ASN A 1 81  ? -10.228 1.799   6.682   1.00 13.81 ? 207 ASN A C   1 
ATOM   651  O  O   . ASN A 1 81  ? -9.233  1.739   7.394   1.00 14.84 ? 207 ASN A O   1 
ATOM   652  C  CB  . ASN A 1 81  ? -11.558 0.879   8.625   1.00 17.24 ? 207 ASN A CB  1 
ATOM   653  C  CG  . ASN A 1 81  ? -12.939 0.548   9.148   1.00 20.78 ? 207 ASN A CG  1 
ATOM   654  O  OD1 . ASN A 1 81  ? -13.938 1.028   8.616   1.00 23.77 ? 207 ASN A OD1 1 
ATOM   655  N  ND2 . ASN A 1 81  ? -13.009 -0.295  10.176  1.00 21.34 ? 207 ASN A ND2 1 
ATOM   656  N  N   . THR A 1 82  ? -10.248 2.419   5.509   1.00 14.22 ? 208 THR A N   1 
ATOM   657  C  CA  . THR A 1 82  ? -9.060  2.989   4.888   1.00 13.83 ? 208 THR A CA  1 
ATOM   658  C  C   . THR A 1 82  ? -8.374  4.100   5.678   1.00 14.84 ? 208 THR A C   1 
ATOM   659  O  O   . THR A 1 82  ? -7.145  4.163   5.730   1.00 14.82 ? 208 THR A O   1 
ATOM   660  C  CB  . THR A 1 82  ? -9.402  3.470   3.476   1.00 11.39 ? 208 THR A CB  1 
ATOM   661  O  OG1 . THR A 1 82  ? -10.179 2.450   2.821   1.00 14.22 ? 208 THR A OG1 1 
ATOM   662  C  CG2 . THR A 1 82  ? -8.139  3.740   2.679   1.00 10.59 ? 208 THR A CG2 1 
ATOM   663  N  N   . PHE A 1 83  ? -9.160  4.993   6.267   1.00 15.85 ? 209 PHE A N   1 
ATOM   664  C  CA  . PHE A 1 83  ? -8.582  6.080   7.049   1.00 15.82 ? 209 PHE A CA  1 
ATOM   665  C  C   . PHE A 1 83  ? -7.894  5.531   8.294   1.00 15.40 ? 209 PHE A C   1 
ATOM   666  O  O   . PHE A 1 83  ? -6.752  5.891   8.590   1.00 14.47 ? 209 PHE A O   1 
ATOM   667  C  CB  . PHE A 1 83  ? -9.653  7.101   7.403   1.00 17.76 ? 209 PHE A CB  1 
ATOM   668  C  CG  . PHE A 1 83  ? -10.187 7.833   6.214   1.00 20.95 ? 209 PHE A CG  1 
ATOM   669  C  CD1 . PHE A 1 83  ? -9.487  8.899   5.670   1.00 22.58 ? 209 PHE A CD1 1 
ATOM   670  C  CD2 . PHE A 1 83  ? -11.395 7.456   5.633   1.00 23.47 ? 209 PHE A CD2 1 
ATOM   671  C  CE1 . PHE A 1 83  ? -9.981  9.588   4.565   1.00 23.45 ? 209 PHE A CE1 1 
ATOM   672  C  CE2 . PHE A 1 83  ? -11.896 8.137   4.530   1.00 24.10 ? 209 PHE A CE2 1 
ATOM   673  C  CZ  . PHE A 1 83  ? -11.189 9.206   3.997   1.00 22.26 ? 209 PHE A CZ  1 
ATOM   674  N  N   . GLY A 1 84  ? -8.573  4.630   8.996   1.00 12.79 ? 210 GLY A N   1 
ATOM   675  C  CA  . GLY A 1 84  ? -7.977  4.021   10.175  1.00 14.07 ? 210 GLY A CA  1 
ATOM   676  C  C   . GLY A 1 84  ? -6.710  3.266   9.787   1.00 13.98 ? 210 GLY A C   1 
ATOM   677  O  O   . GLY A 1 84  ? -5.723  3.281   10.519  1.00 13.67 ? 210 GLY A O   1 
ATOM   678  N  N   . ALA A 1 85  ? -6.723  2.650   8.605   1.00 13.19 ? 211 ALA A N   1 
ATOM   679  C  CA  . ALA A 1 85  ? -5.576  1.892   8.111   1.00 13.15 ? 211 ALA A CA  1 
ATOM   680  C  C   . ALA A 1 85  ? -4.377  2.802   7.900   1.00 12.14 ? 211 ALA A C   1 
ATOM   681  O  O   . ALA A 1 85  ? -3.266  2.476   8.313   1.00 12.47 ? 211 ALA A O   1 
ATOM   682  C  CB  . ALA A 1 85  ? -5.927  1.167   6.812   1.00 10.79 ? 211 ALA A CB  1 
ATOM   683  N  N   . ILE A 1 86  ? -4.608  3.943   7.257   1.00 12.11 ? 212 ILE A N   1 
ATOM   684  C  CA  . ILE A 1 86  ? -3.541  4.905   7.004   1.00 13.77 ? 212 ILE A CA  1 
ATOM   685  C  C   . ILE A 1 86  ? -2.934  5.389   8.335   1.00 15.59 ? 212 ILE A C   1 
ATOM   686  O  O   . ILE A 1 86  ? -1.715  5.506   8.464   1.00 15.20 ? 212 ILE A O   1 
ATOM   687  C  CB  . ILE A 1 86  ? -4.061  6.081   6.148   1.00 14.59 ? 212 ILE A CB  1 
ATOM   688  C  CG1 . ILE A 1 86  ? -4.473  5.558   4.765   1.00 17.31 ? 212 ILE A CG1 1 
ATOM   689  C  CG2 . ILE A 1 86  ? -2.983  7.153   5.989   1.00 17.73 ? 212 ILE A CG2 1 
ATOM   690  C  CD1 . ILE A 1 86  ? -5.143  6.588   3.879   1.00 18.53 ? 212 ILE A CD1 1 
ATOM   691  N  N   . ASN A 1 87  ? -3.785  5.625   9.329   1.00 16.30 ? 213 ASN A N   1 
ATOM   692  C  CA  . ASN A 1 87  ? -3.311  6.058   10.644  1.00 18.38 ? 213 ASN A CA  1 
ATOM   693  C  C   . ASN A 1 87  ? -2.501  4.951   11.331  1.00 18.10 ? 213 ASN A C   1 
ATOM   694  O  O   . ASN A 1 87  ? -1.460  5.217   11.935  1.00 18.19 ? 213 ASN A O   1 
ATOM   695  C  CB  . ASN A 1 87  ? -4.486  6.501   11.517  1.00 20.38 ? 213 ASN A CB  1 
ATOM   696  C  CG  . ASN A 1 87  ? -4.946  7.916   11.195  1.00 26.03 ? 213 ASN A CG  1 
ATOM   697  O  OD1 . ASN A 1 87  ? -4.227  8.881   11.449  1.00 27.26 ? 213 ASN A OD1 1 
ATOM   698  N  ND2 . ASN A 1 87  ? -6.136  8.043   10.621  1.00 26.85 ? 213 ASN A ND2 1 
ATOM   699  N  N   . TYR A 1 88  ? -2.968  3.709   11.212  1.00 15.26 ? 214 TYR A N   1 
ATOM   700  C  CA  . TYR A 1 88  ? -2.269  2.565   11.798  1.00 15.80 ? 214 TYR A CA  1 
ATOM   701  C  C   . TYR A 1 88  ? -0.839  2.483   11.249  1.00 16.52 ? 214 TYR A C   1 
ATOM   702  O  O   . TYR A 1 88  ? 0.117   2.290   12.005  1.00 15.80 ? 214 TYR A O   1 
ATOM   703  C  CB  . TYR A 1 88  ? -3.022  1.262   11.492  1.00 14.62 ? 214 TYR A CB  1 
ATOM   704  C  CG  . TYR A 1 88  ? -2.262  -0.002  11.851  1.00 15.51 ? 214 TYR A CG  1 
ATOM   705  C  CD1 . TYR A 1 88  ? -2.302  -0.521  13.145  1.00 17.97 ? 214 TYR A CD1 1 
ATOM   706  C  CD2 . TYR A 1 88  ? -1.503  -0.677  10.891  1.00 16.13 ? 214 TYR A CD2 1 
ATOM   707  C  CE1 . TYR A 1 88  ? -1.608  -1.685  13.477  1.00 20.39 ? 214 TYR A CE1 1 
ATOM   708  C  CE2 . TYR A 1 88  ? -0.804  -1.838  11.206  1.00 19.75 ? 214 TYR A CE2 1 
ATOM   709  C  CZ  . TYR A 1 88  ? -0.862  -2.337  12.500  1.00 22.04 ? 214 TYR A CZ  1 
ATOM   710  O  OH  . TYR A 1 88  ? -0.185  -3.488  12.812  1.00 25.68 ? 214 TYR A OH  1 
ATOM   711  N  N   . VAL A 1 89  ? -0.694  2.647   9.938   1.00 12.78 ? 215 VAL A N   1 
ATOM   712  C  CA  . VAL A 1 89  ? 0.624   2.585   9.320   1.00 15.56 ? 215 VAL A CA  1 
ATOM   713  C  C   . VAL A 1 89  ? 1.542   3.701   9.827   1.00 17.60 ? 215 VAL A C   1 
ATOM   714  O  O   . VAL A 1 89  ? 2.704   3.454   10.151  1.00 19.31 ? 215 VAL A O   1 
ATOM   715  C  CB  . VAL A 1 89  ? 0.523   2.614   7.770   1.00 14.20 ? 215 VAL A CB  1 
ATOM   716  C  CG1 . VAL A 1 89  ? 1.889   2.881   7.144   1.00 17.59 ? 215 VAL A CG1 1 
ATOM   717  C  CG2 . VAL A 1 89  ? -0.033  1.284   7.261   1.00 13.90 ? 215 VAL A CG2 1 
ATOM   718  N  N   . ALA A 1 90  ? 0.998   4.907   9.952   1.00 18.38 ? 216 ALA A N   1 
ATOM   719  C  CA  . ALA A 1 90  ? 1.767   6.060   10.413  1.00 21.26 ? 216 ALA A CA  1 
ATOM   720  C  C   . ALA A 1 90  ? 2.315   5.934   11.834  1.00 24.23 ? 216 ALA A C   1 
ATOM   721  O  O   . ALA A 1 90  ? 3.366   6.494   12.147  1.00 27.55 ? 216 ALA A O   1 
ATOM   722  C  CB  . ALA A 1 90  ? 0.920   7.317   10.310  1.00 19.93 ? 216 ALA A CB  1 
ATOM   723  N  N   . THR A 1 91  ? 1.619   5.199   12.695  1.00 23.77 ? 217 THR A N   1 
ATOM   724  C  CA  . THR A 1 91  ? 2.060   5.072   14.079  1.00 24.84 ? 217 THR A CA  1 
ATOM   725  C  C   . THR A 1 91  ? 2.587   3.711   14.509  1.00 24.42 ? 217 THR A C   1 
ATOM   726  O  O   . THR A 1 91  ? 3.412   3.635   15.413  1.00 26.81 ? 217 THR A O   1 
ATOM   727  C  CB  . THR A 1 91  ? 0.935   5.490   15.066  1.00 25.31 ? 217 THR A CB  1 
ATOM   728  O  OG1 . THR A 1 91  ? -0.206  4.641   14.892  1.00 27.61 ? 217 THR A OG1 1 
ATOM   729  C  CG2 . THR A 1 91  ? 0.516   6.927   14.822  1.00 28.25 ? 217 THR A CG2 1 
ATOM   730  N  N   . GLU A 1 92  ? 2.124   2.644   13.865  1.00 21.51 ? 218 GLU A N   1 
ATOM   731  C  CA  . GLU A 1 92  ? 2.531   1.289   14.241  1.00 21.49 ? 218 GLU A CA  1 
ATOM   732  C  C   . GLU A 1 92  ? 3.509   0.567   13.319  1.00 20.32 ? 218 GLU A C   1 
ATOM   733  O  O   . GLU A 1 92  ? 4.016   -0.494  13.676  1.00 20.02 ? 218 GLU A O   1 
ATOM   734  C  CB  . GLU A 1 92  ? 1.289   0.406   14.415  1.00 24.72 ? 218 GLU A CB  1 
ATOM   735  C  CG  . GLU A 1 92  ? 0.260   0.923   15.425  1.00 33.04 ? 218 GLU A CG  1 
ATOM   736  C  CD  . GLU A 1 92  ? 0.794   0.971   16.852  1.00 37.93 ? 218 GLU A CD  1 
ATOM   737  O  OE1 . GLU A 1 92  ? 0.861   -0.097  17.500  1.00 42.64 ? 218 GLU A OE1 1 
ATOM   738  O  OE2 . GLU A 1 92  ? 1.137   2.076   17.326  1.00 41.05 ? 218 GLU A OE2 1 
ATOM   739  N  N   . VAL A 1 93  ? 3.781   1.118   12.141  1.00 19.52 ? 219 VAL A N   1 
ATOM   740  C  CA  . VAL A 1 93  ? 4.679   0.447   11.205  1.00 19.51 ? 219 VAL A CA  1 
ATOM   741  C  C   . VAL A 1 93  ? 6.063   1.064   11.064  1.00 19.77 ? 219 VAL A C   1 
ATOM   742  O  O   . VAL A 1 93  ? 7.064   0.351   11.126  1.00 18.75 ? 219 VAL A O   1 
ATOM   743  C  CB  . VAL A 1 93  ? 4.019   0.296   9.815   1.00 21.02 ? 219 VAL A CB  1 
ATOM   744  C  CG1 . VAL A 1 93  ? 4.959   -0.404  8.851   1.00 19.03 ? 219 VAL A CG1 1 
ATOM   745  C  CG2 . VAL A 1 93  ? 2.714   -0.487  9.944   1.00 20.15 ? 219 VAL A CG2 1 
ATOM   746  N  N   . PHE A 1 94  ? 6.120   2.373   10.828  1.00 21.35 ? 220 PHE A N   1 
ATOM   747  C  CA  . PHE A 1 94  ? 7.398   3.063   10.686  1.00 23.57 ? 220 PHE A CA  1 
ATOM   748  C  C   . PHE A 1 94  ? 8.064   3.262   12.047  1.00 26.78 ? 220 PHE A C   1 
ATOM   749  O  O   . PHE A 1 94  ? 8.235   4.389   12.515  1.00 30.26 ? 220 PHE A O   1 
ATOM   750  C  CB  . PHE A 1 94  ? 7.201   4.402   9.978   1.00 19.93 ? 220 PHE A CB  1 
ATOM   751  C  CG  . PHE A 1 94  ? 6.812   4.263   8.536   1.00 20.62 ? 220 PHE A CG  1 
ATOM   752  C  CD1 . PHE A 1 94  ? 7.766   3.932   7.581   1.00 17.35 ? 220 PHE A CD1 1 
ATOM   753  C  CD2 . PHE A 1 94  ? 5.494   4.458   8.134   1.00 16.19 ? 220 PHE A CD2 1 
ATOM   754  C  CE1 . PHE A 1 94  ? 7.419   3.794   6.246   1.00 18.16 ? 220 PHE A CE1 1 
ATOM   755  C  CE2 . PHE A 1 94  ? 5.135   4.322   6.796   1.00 16.18 ? 220 PHE A CE2 1 
ATOM   756  C  CZ  . PHE A 1 94  ? 6.101   3.990   5.851   1.00 17.15 ? 220 PHE A CZ  1 
ATOM   757  N  N   . ARG A 1 95  ? 8.430   2.148   12.674  1.00 27.95 ? 221 ARG A N   1 
ATOM   758  C  CA  . ARG A 1 95  ? 9.072   2.144   13.987  1.00 29.11 ? 221 ARG A CA  1 
ATOM   759  C  C   . ARG A 1 95  ? 10.428  1.468   13.894  1.00 29.68 ? 221 ARG A C   1 
ATOM   760  O  O   . ARG A 1 95  ? 10.564  0.411   13.268  1.00 28.57 ? 221 ARG A O   1 
ATOM   761  C  CB  . ARG A 1 95  ? 8.197   1.397   15.001  1.00 30.35 ? 221 ARG A CB  1 
ATOM   762  C  CG  . ARG A 1 95  ? 6.966   2.161   15.447  1.00 33.31 ? 221 ARG A CG  1 
ATOM   763  C  CD  . ARG A 1 95  ? 5.998   1.280   16.225  1.00 36.64 ? 221 ARG A CD  1 
ATOM   764  N  NE  . ARG A 1 95  ? 6.646   0.520   17.294  1.00 41.34 ? 221 ARG A NE  1 
ATOM   765  C  CZ  . ARG A 1 95  ? 7.108   1.041   18.428  1.00 43.02 ? 221 ARG A CZ  1 
ATOM   766  N  NH1 . ARG A 1 95  ? 7.001   2.345   18.666  1.00 44.09 ? 221 ARG A NH1 1 
ATOM   767  N  NH2 . ARG A 1 95  ? 7.703   0.257   19.317  1.00 44.61 ? 221 ARG A NH2 1 
ATOM   768  N  N   . GLU A 1 96  ? 11.424  2.076   14.534  1.00 30.36 ? 222 GLU A N   1 
ATOM   769  C  CA  . GLU A 1 96  ? 12.790  1.560   14.543  1.00 30.64 ? 222 GLU A CA  1 
ATOM   770  C  C   . GLU A 1 96  ? 12.847  0.131   15.084  1.00 30.90 ? 222 GLU A C   1 
ATOM   771  O  O   . GLU A 1 96  ? 13.676  -0.673  14.655  1.00 31.52 ? 222 GLU A O   1 
ATOM   772  C  CB  . GLU A 1 96  ? 13.693  2.464   15.390  0.50 31.75 ? 222 GLU A CB  1 
ATOM   773  C  CG  . GLU A 1 96  ? 13.731  3.935   14.961  0.50 34.41 ? 222 GLU A CG  1 
ATOM   774  C  CD  . GLU A 1 96  ? 12.459  4.711   15.300  0.50 35.73 ? 222 GLU A CD  1 
ATOM   775  O  OE1 . GLU A 1 96  ? 11.732  4.319   16.240  0.50 36.02 ? 222 GLU A OE1 1 
ATOM   776  O  OE2 . GLU A 1 96  ? 12.193  5.729   14.623  0.50 36.28 ? 222 GLU A OE2 1 
ATOM   777  N  N   . GLU A 1 97  ? 11.952  -0.173  16.020  1.00 30.56 ? 223 GLU A N   1 
ATOM   778  C  CA  . GLU A 1 97  ? 11.874  -1.495  16.634  1.00 32.60 ? 223 GLU A CA  1 
ATOM   779  C  C   . GLU A 1 97  ? 11.469  -2.555  15.613  1.00 31.57 ? 223 GLU A C   1 
ATOM   780  O  O   . GLU A 1 97  ? 11.770  -3.735  15.778  1.00 32.83 ? 223 GLU A O   1 
ATOM   781  C  CB  . GLU A 1 97  ? 10.858  -1.487  17.784  1.00 36.32 ? 223 GLU A CB  1 
ATOM   782  C  CG  . GLU A 1 97  ? 11.203  -0.559  18.952  1.00 41.84 ? 223 GLU A CG  1 
ATOM   783  C  CD  . GLU A 1 97  ? 11.175  0.925   18.583  1.00 45.55 ? 223 GLU A CD  1 
ATOM   784  O  OE1 . GLU A 1 97  ? 10.269  1.346   17.828  1.00 46.83 ? 223 GLU A OE1 1 
ATOM   785  O  OE2 . GLU A 1 97  ? 12.062  1.669   19.056  1.00 46.08 ? 223 GLU A OE2 1 
ATOM   786  N  N   . LEU A 1 98  ? 10.779  -2.124  14.562  1.00 30.12 ? 224 LEU A N   1 
ATOM   787  C  CA  . LEU A 1 98  ? 10.313  -3.024  13.514  1.00 28.17 ? 224 LEU A CA  1 
ATOM   788  C  C   . LEU A 1 98  ? 11.225  -3.050  12.286  1.00 27.16 ? 224 LEU A C   1 
ATOM   789  O  O   . LEU A 1 98  ? 10.888  -3.652  11.266  1.00 24.38 ? 224 LEU A O   1 
ATOM   790  C  CB  . LEU A 1 98  ? 8.874   -2.666  13.121  1.00 29.11 ? 224 LEU A CB  1 
ATOM   791  C  CG  . LEU A 1 98  ? 7.738   -3.241  13.980  1.00 31.44 ? 224 LEU A CG  1 
ATOM   792  C  CD1 . LEU A 1 98  ? 8.088   -3.243  15.460  1.00 33.22 ? 224 LEU A CD1 1 
ATOM   793  C  CD2 . LEU A 1 98  ? 6.458   -2.460  13.734  1.00 30.72 ? 224 LEU A CD2 1 
ATOM   794  N  N   . GLY A 1 99  ? 12.389  -2.413  12.406  1.00 26.51 ? 225 GLY A N   1 
ATOM   795  C  CA  . GLY A 1 99  ? 13.347  -2.388  11.318  1.00 25.75 ? 225 GLY A CA  1 
ATOM   796  C  C   . GLY A 1 99  ? 13.384  -1.123  10.477  1.00 26.15 ? 225 GLY A C   1 
ATOM   797  O  O   . GLY A 1 99  ? 14.204  -1.022  9.565   1.00 25.30 ? 225 GLY A O   1 
ATOM   798  N  N   . ALA A 1 100 ? 12.511  -0.161  10.766  1.00 23.76 ? 226 ALA A N   1 
ATOM   799  C  CA  . ALA A 1 100 ? 12.480  1.085   10.000  1.00 26.09 ? 226 ALA A CA  1 
ATOM   800  C  C   . ALA A 1 100 ? 13.730  1.931   10.234  1.00 27.49 ? 226 ALA A C   1 
ATOM   801  O  O   . ALA A 1 100 ? 14.198  2.060   11.366  1.00 29.96 ? 226 ALA A O   1 
ATOM   802  C  CB  . ALA A 1 100 ? 11.240  1.885   10.344  1.00 25.16 ? 226 ALA A CB  1 
ATOM   803  N  N   . ARG A 1 101 ? 14.271  2.492   9.157   1.00 26.91 ? 227 ARG A N   1 
ATOM   804  C  CA  . ARG A 1 101 ? 15.459  3.341   9.230   1.00 29.05 ? 227 ARG A CA  1 
ATOM   805  C  C   . ARG A 1 101 ? 15.028  4.803   9.404   1.00 30.68 ? 227 ARG A C   1 
ATOM   806  O  O   . ARG A 1 101 ? 14.219  5.319   8.632   1.00 31.23 ? 227 ARG A O   1 
ATOM   807  C  CB  . ARG A 1 101 ? 16.318  3.143   7.980   1.00 27.26 ? 227 ARG A CB  1 
ATOM   808  C  CG  . ARG A 1 101 ? 16.835  1.713   7.844   1.00 28.00 ? 227 ARG A CG  1 
ATOM   809  C  CD  . ARG A 1 101 ? 17.400  1.428   6.465   1.00 29.43 ? 227 ARG A CD  1 
ATOM   810  N  NE  . ARG A 1 101 ? 16.377  1.493   5.424   1.00 29.63 ? 227 ARG A NE  1 
ATOM   811  C  CZ  . ARG A 1 101 ? 16.582  1.185   4.146   1.00 31.32 ? 227 ARG A CZ  1 
ATOM   812  N  NH1 . ARG A 1 101 ? 17.780  0.781   3.736   1.00 30.67 ? 227 ARG A NH1 1 
ATOM   813  N  NH2 . ARG A 1 101 ? 15.590  1.298   3.269   1.00 30.19 ? 227 ARG A NH2 1 
ATOM   814  N  N   . PRO A 1 102 ? 15.555  5.480   10.438  1.00 32.78 ? 228 PRO A N   1 
ATOM   815  C  CA  . PRO A 1 102 ? 15.282  6.878   10.806  1.00 32.05 ? 228 PRO A CA  1 
ATOM   816  C  C   . PRO A 1 102 ? 15.470  7.907   9.696   1.00 30.99 ? 228 PRO A C   1 
ATOM   817  O  O   . PRO A 1 102 ? 14.726  8.884   9.608   1.00 31.87 ? 228 PRO A O   1 
ATOM   818  C  CB  . PRO A 1 102 ? 16.277  7.128   11.942  1.00 33.56 ? 228 PRO A CB  1 
ATOM   819  C  CG  . PRO A 1 102 ? 16.439  5.776   12.553  1.00 33.86 ? 228 PRO A CG  1 
ATOM   820  C  CD  . PRO A 1 102 ? 16.574  4.906   11.335  1.00 33.76 ? 228 PRO A CD  1 
ATOM   821  N  N   . ASP A 1 103 ? 16.484  7.682   8.872   1.00 28.82 ? 229 ASP A N   1 
ATOM   822  C  CA  . ASP A 1 103 ? 16.847  8.558   7.760   1.00 28.04 ? 229 ASP A CA  1 
ATOM   823  C  C   . ASP A 1 103 ? 16.064  8.306   6.471   1.00 27.86 ? 229 ASP A C   1 
ATOM   824  O  O   . ASP A 1 103 ? 15.877  9.216   5.656   1.00 26.52 ? 229 ASP A O   1 
ATOM   825  C  CB  . ASP A 1 103 ? 18.332  8.359   7.457   1.00 27.68 ? 229 ASP A CB  1 
ATOM   826  C  CG  . ASP A 1 103 ? 18.695  6.886   7.281   1.00 27.47 ? 229 ASP A CG  1 
ATOM   827  O  OD1 . ASP A 1 103 ? 18.679  6.143   8.291   1.00 24.87 ? 229 ASP A OD1 1 
ATOM   828  O  OD2 . ASP A 1 103 ? 18.972  6.466   6.134   1.00 25.88 ? 229 ASP A OD2 1 
ATOM   829  N  N   . ALA A 1 104 ? 15.628  7.065   6.282   1.00 25.79 ? 230 ALA A N   1 
ATOM   830  C  CA  . ALA A 1 104 ? 14.920  6.676   5.071   1.00 23.71 ? 230 ALA A CA  1 
ATOM   831  C  C   . ALA A 1 104 ? 13.626  7.417   4.781   1.00 21.55 ? 230 ALA A C   1 
ATOM   832  O  O   . ALA A 1 104 ? 12.904  7.829   5.692   1.00 22.15 ? 230 ALA A O   1 
ATOM   833  C  CB  . ALA A 1 104 ? 14.673  5.171   5.069   1.00 25.21 ? 230 ALA A CB  1 
ATOM   834  N  N   . THR A 1 105 ? 13.361  7.607   3.491   1.00 20.26 ? 231 THR A N   1 
ATOM   835  C  CA  . THR A 1 105 ? 12.138  8.253   3.046   1.00 19.35 ? 231 THR A CA  1 
ATOM   836  C  C   . THR A 1 105 ? 11.006  7.244   3.286   1.00 17.23 ? 231 THR A C   1 
ATOM   837  O  O   . THR A 1 105 ? 11.159  6.049   3.011   1.00 16.67 ? 231 THR A O   1 
ATOM   838  C  CB  . THR A 1 105 ? 12.207  8.595   1.534   1.00 22.65 ? 231 THR A CB  1 
ATOM   839  O  OG1 . THR A 1 105 ? 13.391  9.355   1.263   1.00 25.17 ? 231 THR A OG1 1 
ATOM   840  C  CG2 . THR A 1 105 ? 10.989  9.416   1.112   1.00 24.44 ? 231 THR A CG2 1 
ATOM   841  N  N   . LYS A 1 106 ? 9.894   7.711   3.839   1.00 15.66 ? 232 LYS A N   1 
ATOM   842  C  CA  . LYS A 1 106 ? 8.756   6.836   4.103   1.00 14.70 ? 232 LYS A CA  1 
ATOM   843  C  C   . LYS A 1 106 ? 7.784   6.887   2.945   1.00 13.94 ? 232 LYS A C   1 
ATOM   844  O  O   . LYS A 1 106 ? 7.277   7.955   2.592   1.00 12.93 ? 232 LYS A O   1 
ATOM   845  C  CB  . LYS A 1 106 ? 8.027   7.261   5.369   1.00 15.83 ? 232 LYS A CB  1 
ATOM   846  C  CG  . LYS A 1 106 ? 8.873   7.285   6.614   1.00 16.91 ? 232 LYS A CG  1 
ATOM   847  C  CD  . LYS A 1 106 ? 8.028   7.788   7.751   1.00 19.34 ? 232 LYS A CD  1 
ATOM   848  C  CE  . LYS A 1 106 ? 8.826   7.971   9.017   1.00 25.39 ? 232 LYS A CE  1 
ATOM   849  N  NZ  . LYS A 1 106 ? 7.962   8.601   10.055  1.00 30.03 ? 232 LYS A NZ  1 
ATOM   850  N  N   . VAL A 1 107 ? 7.511   5.724   2.366   1.00 10.69 ? 233 VAL A N   1 
ATOM   851  C  CA  . VAL A 1 107 ? 6.592   5.637   1.248   1.00 12.20 ? 233 VAL A CA  1 
ATOM   852  C  C   . VAL A 1 107 ? 5.476   4.645   1.538   1.00 13.91 ? 233 VAL A C   1 
ATOM   853  O  O   . VAL A 1 107 ? 5.695   3.595   2.143   1.00 13.76 ? 233 VAL A O   1 
ATOM   854  C  CB  . VAL A 1 107 ? 7.323   5.216   -0.041  1.00 12.11 ? 233 VAL A CB  1 
ATOM   855  C  CG1 . VAL A 1 107 ? 6.336   5.128   -1.210  1.00 16.54 ? 233 VAL A CG1 1 
ATOM   856  C  CG2 . VAL A 1 107 ? 8.439   6.207   -0.352  1.00 13.95 ? 233 VAL A CG2 1 
ATOM   857  N  N   . LEU A 1 108 ? 4.279   4.996   1.085   1.00 14.53 ? 234 LEU A N   1 
ATOM   858  C  CA  . LEU A 1 108 ? 3.106   4.168   1.254   1.00 14.62 ? 234 LEU A CA  1 
ATOM   859  C  C   . LEU A 1 108 ? 2.465   3.929   -0.112  1.00 14.36 ? 234 LEU A C   1 
ATOM   860  O  O   . LEU A 1 108 ? 2.312   4.856   -0.908  1.00 16.06 ? 234 LEU A O   1 
ATOM   861  C  CB  . LEU A 1 108 ? 2.126   4.889   2.181   1.00 17.22 ? 234 LEU A CB  1 
ATOM   862  C  CG  . LEU A 1 108 ? 0.952   4.169   2.829   1.00 22.85 ? 234 LEU A CG  1 
ATOM   863  C  CD1 . LEU A 1 108 ? 1.370   2.802   3.351   1.00 23.00 ? 234 LEU A CD1 1 
ATOM   864  C  CD2 . LEU A 1 108 ? 0.413   5.051   3.962   1.00 23.13 ? 234 LEU A CD2 1 
ATOM   865  N  N   . ILE A 1 109 ? 2.199   2.662   -0.415  1.00 12.39 ? 235 ILE A N   1 
ATOM   866  C  CA  . ILE A 1 109 ? 1.538   2.283   -1.648  1.00 12.08 ? 235 ILE A CA  1 
ATOM   867  C  C   . ILE A 1 109 ? 0.209   1.681   -1.193  1.00 12.19 ? 235 ILE A C   1 
ATOM   868  O  O   . ILE A 1 109 ? 0.170   0.584   -0.629  1.00 11.61 ? 235 ILE A O   1 
ATOM   869  C  CB  . ILE A 1 109 ? 2.353   1.258   -2.464  1.00 11.92 ? 235 ILE A CB  1 
ATOM   870  C  CG1 . ILE A 1 109 ? 3.629   1.915   -3.009  1.00 13.66 ? 235 ILE A CG1 1 
ATOM   871  C  CG2 . ILE A 1 109 ? 1.514   0.719   -3.614  1.00 13.13 ? 235 ILE A CG2 1 
ATOM   872  C  CD1 . ILE A 1 109 ? 4.389   1.067   -4.031  1.00 16.62 ? 235 ILE A CD1 1 
ATOM   873  N  N   . ILE A 1 110 ? -0.859  2.453   -1.351  1.00 10.88 ? 236 ILE A N   1 
ATOM   874  C  CA  . ILE A 1 110 ? -2.183  2.015   -0.940  1.00 13.16 ? 236 ILE A CA  1 
ATOM   875  C  C   . ILE A 1 110 ? -2.937  1.412   -2.117  1.00 12.48 ? 236 ILE A C   1 
ATOM   876  O  O   . ILE A 1 110 ? -3.105  2.051   -3.154  1.00 12.95 ? 236 ILE A O   1 
ATOM   877  C  CB  . ILE A 1 110 ? -2.984  3.179   -0.316  1.00 12.76 ? 236 ILE A CB  1 
ATOM   878  C  CG1 . ILE A 1 110 ? -2.142  3.853   0.776   1.00 14.29 ? 236 ILE A CG1 1 
ATOM   879  C  CG2 . ILE A 1 110 ? -4.300  2.651   0.264   1.00 11.38 ? 236 ILE A CG2 1 
ATOM   880  C  CD1 . ILE A 1 110 ? -2.765  5.108   1.384   1.00 17.98 ? 236 ILE A CD1 1 
ATOM   881  N  N   . ILE A 1 111 ? -3.366  0.169   -1.942  1.00 10.30 ? 237 ILE A N   1 
ATOM   882  C  CA  . ILE A 1 111 ? -4.092  -0.574  -2.966  1.00 13.56 ? 237 ILE A CA  1 
ATOM   883  C  C   . ILE A 1 111 ? -5.532  -0.814  -2.504  1.00 15.39 ? 237 ILE A C   1 
ATOM   884  O  O   . ILE A 1 111 ? -5.778  -1.634  -1.618  1.00 15.57 ? 237 ILE A O   1 
ATOM   885  C  CB  . ILE A 1 111 ? -3.401  -1.924  -3.222  1.00 12.65 ? 237 ILE A CB  1 
ATOM   886  C  CG1 . ILE A 1 111 ? -1.916  -1.691  -3.523  1.00 13.83 ? 237 ILE A CG1 1 
ATOM   887  C  CG2 . ILE A 1 111 ? -4.066  -2.646  -4.390  1.00 13.54 ? 237 ILE A CG2 1 
ATOM   888  C  CD1 . ILE A 1 111 ? -1.001  -2.778  -3.009  1.00 16.27 ? 237 ILE A CD1 1 
ATOM   889  N  N   . THR A 1 112 ? -6.479  -0.123  -3.133  1.00 16.76 ? 238 THR A N   1 
ATOM   890  C  CA  . THR A 1 112 ? -7.888  -0.223  -2.757  1.00 19.64 ? 238 THR A CA  1 
ATOM   891  C  C   . THR A 1 112 ? -8.793  0.183   -3.918  1.00 23.60 ? 238 THR A C   1 
ATOM   892  O  O   . THR A 1 112 ? -8.314  0.663   -4.948  1.00 23.01 ? 238 THR A O   1 
ATOM   893  C  CB  . THR A 1 112 ? -8.182  0.695   -1.537  1.00 19.42 ? 238 THR A CB  1 
ATOM   894  O  OG1 . THR A 1 112 ? -9.546  0.546   -1.115  1.00 21.96 ? 238 THR A OG1 1 
ATOM   895  C  CG2 . THR A 1 112 ? -7.920  2.150   -1.882  1.00 21.59 ? 238 THR A CG2 1 
ATOM   896  N  N   . ASP A 1 113 ? -10.094 -0.062  -3.781  1.00 24.86 ? 239 ASP A N   1 
ATOM   897  C  CA  . ASP A 1 113 ? -11.025 0.329   -4.832  1.00 28.78 ? 239 ASP A CA  1 
ATOM   898  C  C   . ASP A 1 113 ? -11.623 1.710   -4.539  1.00 31.39 ? 239 ASP A C   1 
ATOM   899  O  O   . ASP A 1 113 ? -12.603 2.122   -5.154  1.00 33.83 ? 239 ASP A O   1 
ATOM   900  C  CB  . ASP A 1 113 ? -12.110 -0.739  -5.065  1.00 29.23 ? 239 ASP A CB  1 
ATOM   901  C  CG  . ASP A 1 113 ? -13.006 -0.965  -3.851  1.00 31.90 ? 239 ASP A CG  1 
ATOM   902  O  OD1 . ASP A 1 113 ? -12.766 -0.354  -2.789  1.00 31.89 ? 239 ASP A OD1 1 
ATOM   903  O  OD2 . ASP A 1 113 ? -13.959 -1.767  -3.967  1.00 32.28 ? 239 ASP A OD2 1 
ATOM   904  N  N   . GLY A 1 114 ? -11.020 2.414   -3.580  1.00 33.17 ? 240 GLY A N   1 
ATOM   905  C  CA  . GLY A 1 114 ? -11.459 3.754   -3.233  1.00 34.54 ? 240 GLY A CA  1 
ATOM   906  C  C   . GLY A 1 114 ? -12.529 3.940   -2.176  1.00 34.84 ? 240 GLY A C   1 
ATOM   907  O  O   . GLY A 1 114 ? -12.419 4.834   -1.339  1.00 33.51 ? 240 GLY A O   1 
ATOM   908  N  N   . GLU A 1 115 ? -13.578 3.131   -2.231  1.00 35.77 ? 241 GLU A N   1 
ATOM   909  C  CA  . GLU A 1 115 ? -14.676 3.235   -1.272  1.00 37.38 ? 241 GLU A CA  1 
ATOM   910  C  C   . GLU A 1 115 ? -14.287 2.872   0.164   1.00 37.19 ? 241 GLU A C   1 
ATOM   911  O  O   . GLU A 1 115 ? -13.909 1.737   0.448   1.00 39.96 ? 241 GLU A O   1 
ATOM   912  C  CB  . GLU A 1 115 ? -15.866 2.393   -1.749  0.50 37.83 ? 241 GLU A CB  1 
ATOM   913  C  CG  . GLU A 1 115 ? -15.493 0.981   -2.182  0.50 39.29 ? 241 GLU A CG  1 
ATOM   914  C  CD  . GLU A 1 115 ? -16.535 0.318   -3.074  0.50 40.58 ? 241 GLU A CD  1 
ATOM   915  O  OE1 . GLU A 1 115 ? -17.173 1.020   -3.893  0.50 40.12 ? 241 GLU A OE1 1 
ATOM   916  O  OE2 . GLU A 1 115 ? -16.696 -0.917  -2.971  0.50 40.27 ? 241 GLU A OE2 1 
ATOM   917  N  N   . ALA A 1 116 ? -14.352 3.859   1.056   1.00 35.59 ? 242 ALA A N   1 
ATOM   918  C  CA  . ALA A 1 116 ? -14.032 3.657   2.470   1.00 33.73 ? 242 ALA A CA  1 
ATOM   919  C  C   . ALA A 1 116 ? -15.317 3.670   3.305   1.00 31.62 ? 242 ALA A C   1 
ATOM   920  O  O   . ALA A 1 116 ? -16.242 4.431   3.023   1.00 31.14 ? 242 ALA A O   1 
ATOM   921  C  CB  . ALA A 1 116 ? -13.068 4.733   2.957   1.00 33.51 ? 242 ALA A CB  1 
ATOM   922  N  N   . THR A 1 117 ? -15.377 2.802   4.310   1.00 31.13 ? 243 THR A N   1 
ATOM   923  C  CA  . THR A 1 117 ? -16.548 2.701   5.177   1.00 29.98 ? 243 THR A CA  1 
ATOM   924  C  C   . THR A 1 117 ? -16.413 3.539   6.441   1.00 31.05 ? 243 THR A C   1 
ATOM   925  O  O   . THR A 1 117 ? -17.322 3.579   7.273   1.00 31.23 ? 243 THR A O   1 
ATOM   926  C  CB  . THR A 1 117 ? -16.861 1.229   5.562   1.00 29.30 ? 243 THR A CB  1 
ATOM   927  O  OG1 . THR A 1 117 ? -15.697 0.610   6.120   1.00 27.81 ? 243 THR A OG1 1 
ATOM   928  C  CG2 . THR A 1 117 ? -17.326 0.439   4.343   1.00 27.68 ? 243 THR A CG2 1 
ATOM   929  N  N   . ASP A 1 118 ? -15.268 4.194   6.589   1.00 31.06 ? 244 ASP A N   1 
ATOM   930  C  CA  . ASP A 1 118 ? -15.026 5.047   7.741   1.00 33.62 ? 244 ASP A CA  1 
ATOM   931  C  C   . ASP A 1 118 ? -14.667 6.446   7.269   1.00 35.41 ? 244 ASP A C   1 
ATOM   932  O  O   . ASP A 1 118 ? -14.576 6.703   6.067   1.00 35.81 ? 244 ASP A O   1 
ATOM   933  C  CB  . ASP A 1 118 ? -13.925 4.471   8.650   1.00 32.78 ? 244 ASP A CB  1 
ATOM   934  C  CG  . ASP A 1 118 ? -12.525 4.502   8.013   1.00 32.17 ? 244 ASP A CG  1 
ATOM   935  O  OD1 . ASP A 1 118 ? -12.397 4.649   6.775   1.00 31.11 ? 244 ASP A OD1 1 
ATOM   936  O  OD2 . ASP A 1 118 ? -11.542 4.354   8.773   1.00 29.43 ? 244 ASP A OD2 1 
ATOM   937  N  N   . SER A 1 119 ? -14.444 7.342   8.217   1.00 38.75 ? 245 SER A N   1 
ATOM   938  C  CA  . SER A 1 119 ? -13.963 8.680   7.885   1.00 41.03 ? 245 SER A CA  1 
ATOM   939  C  C   . SER A 1 119 ? -12.981 9.228   8.905   1.00 41.32 ? 245 SER A C   1 
ATOM   940  O  O   . SER A 1 119 ? -12.697 8.585   9.917   1.00 42.40 ? 245 SER A O   1 
ATOM   941  C  CB  . SER A 1 119 ? -15.223 9.547   7.826   1.00 41.45 ? 245 SER A CB  1 
ATOM   942  O  OG  . SER A 1 119 ? -16.018 9.372   8.988   1.00 45.23 ? 245 SER A OG  1 
ATOM   943  N  N   . GLY A 1 120 ? -12.445 10.408  8.615   1.00 41.76 ? 246 GLY A N   1 
ATOM   944  C  CA  . GLY A 1 120 ? -11.494 11.033  9.512   1.00 42.45 ? 246 GLY A CA  1 
ATOM   945  C  C   . GLY A 1 120 ? -10.375 11.710  8.749   1.00 43.25 ? 246 GLY A C   1 
ATOM   946  O  O   . GLY A 1 120 ? -10.427 11.834  7.522   1.00 44.15 ? 246 GLY A O   1 
ATOM   947  N  N   . ASN A 1 121 ? -9.367  12.171  9.479   1.00 43.55 ? 247 ASN A N   1 
ATOM   948  C  CA  . ASN A 1 121 ? -8.228  12.832  8.860   1.00 42.69 ? 247 ASN A CA  1 
ATOM   949  C  C   . ASN A 1 121 ? -7.000  11.938  8.940   1.00 40.55 ? 247 ASN A C   1 
ATOM   950  O  O   . ASN A 1 121 ? -6.884  11.094  9.831   1.00 39.81 ? 247 ASN A O   1 
ATOM   951  C  CB  . ASN A 1 121 ? -7.944  14.171  9.545   1.00 44.78 ? 247 ASN A CB  1 
ATOM   952  C  CG  . ASN A 1 121 ? -7.668  14.017  11.023  1.00 47.23 ? 247 ASN A CG  1 
ATOM   953  O  OD1 . ASN A 1 121 ? -8.577  14.112  11.846  1.00 49.01 ? 247 ASN A OD1 1 
ATOM   954  N  ND2 . ASN A 1 121 ? -6.409  13.761  11.370  1.00 47.42 ? 247 ASN A ND2 1 
ATOM   955  N  N   . ILE A 1 122 ? -6.084  12.133  8.000   1.00 37.98 ? 248 ILE A N   1 
ATOM   956  C  CA  . ILE A 1 122 ? -4.851  11.364  7.954   1.00 36.45 ? 248 ILE A CA  1 
ATOM   957  C  C   . ILE A 1 122 ? -3.653  12.297  8.112   1.00 34.78 ? 248 ILE A C   1 
ATOM   958  O  O   . ILE A 1 122 ? -2.665  12.186  7.382   1.00 34.88 ? 248 ILE A O   1 
ATOM   959  C  CB  . ILE A 1 122 ? -4.741  10.576  6.631   1.00 35.57 ? 248 ILE A CB  1 
ATOM   960  C  CG1 . ILE A 1 122 ? -4.977  11.505  5.434   1.00 35.82 ? 248 ILE A CG1 1 
ATOM   961  C  CG2 . ILE A 1 122 ? -5.733  9.427   6.632   1.00 36.42 ? 248 ILE A CG2 1 
ATOM   962  C  CD1 . ILE A 1 122 ? -4.734  10.856  4.089   1.00 36.87 ? 248 ILE A CD1 1 
ATOM   963  N  N   A ASP A 1 123 ? -3.746  13.218  9.068   0.50 35.47 ? 249 ASP A N   1 
ATOM   964  N  N   B ASP A 1 123 ? -3.761  13.211  9.071   0.50 34.72 ? 249 ASP A N   1 
ATOM   965  C  CA  A ASP A 1 123 ? -2.672  14.176  9.318   0.50 34.79 ? 249 ASP A CA  1 
ATOM   966  C  CA  B ASP A 1 123 ? -2.711  14.184  9.360   0.50 33.48 ? 249 ASP A CA  1 
ATOM   967  C  C   A ASP A 1 123 ? -1.439  13.481  9.880   0.50 33.60 ? 249 ASP A C   1 
ATOM   968  C  C   B ASP A 1 123 ? -1.463  13.512  9.921   0.50 32.67 ? 249 ASP A C   1 
ATOM   969  O  O   A ASP A 1 123 ? -0.315  13.922  9.652   0.50 33.48 ? 249 ASP A O   1 
ATOM   970  O  O   B ASP A 1 123 ? -0.349  13.992  9.724   0.50 32.67 ? 249 ASP A O   1 
ATOM   971  C  CB  A ASP A 1 123 ? -3.140  15.297  10.262  0.50 36.80 ? 249 ASP A CB  1 
ATOM   972  C  CB  B ASP A 1 123 ? -3.224  15.240  10.346  0.50 33.69 ? 249 ASP A CB  1 
ATOM   973  C  CG  A ASP A 1 123 ? -2.818  15.020  11.725  0.50 38.54 ? 249 ASP A CG  1 
ATOM   974  C  CG  B ASP A 1 123 ? -4.418  16.024  9.808   0.50 34.20 ? 249 ASP A CG  1 
ATOM   975  O  OD1 A ASP A 1 123 ? -3.623  14.344  12.400  0.50 39.95 ? 249 ASP A OD1 1 
ATOM   976  O  OD1 B ASP A 1 123 ? -4.493  16.250  8.579   0.50 33.55 ? 249 ASP A OD1 1 
ATOM   977  O  OD2 A ASP A 1 123 ? -1.758  15.488  12.199  0.50 39.53 ? 249 ASP A OD2 1 
ATOM   978  O  OD2 B ASP A 1 123 ? -5.280  16.423  10.622  0.50 32.97 ? 249 ASP A OD2 1 
ATOM   979  N  N   . ALA A 1 124 ? -1.659  12.393  10.614  1.00 32.07 ? 250 ALA A N   1 
ATOM   980  C  CA  . ALA A 1 124 ? -0.560  11.632  11.204  1.00 29.72 ? 250 ALA A CA  1 
ATOM   981  C  C   . ALA A 1 124 ? 0.307   10.985  10.117  1.00 28.18 ? 250 ALA A C   1 
ATOM   982  O  O   . ALA A 1 124 ? 1.415   10.525  10.385  1.00 29.12 ? 250 ALA A O   1 
ATOM   983  C  CB  . ALA A 1 124 ? -1.111  10.570  12.140  1.00 28.52 ? 250 ALA A CB  1 
ATOM   984  N  N   . ALA A 1 125 ? -0.198  10.978  8.887   1.00 25.09 ? 251 ALA A N   1 
ATOM   985  C  CA  . ALA A 1 125 ? 0.511   10.385  7.762   1.00 24.15 ? 251 ALA A CA  1 
ATOM   986  C  C   . ALA A 1 125 ? 0.998   11.425  6.759   1.00 22.65 ? 251 ALA A C   1 
ATOM   987  O  O   . ALA A 1 125 ? 1.498   11.073  5.697   1.00 20.22 ? 251 ALA A O   1 
ATOM   988  C  CB  . ALA A 1 125 ? -0.391  9.372   7.068   1.00 23.02 ? 251 ALA A CB  1 
ATOM   989  N  N   . LYS A 1 126 ? 0.885   12.701  7.122   1.00 24.12 ? 252 LYS A N   1 
ATOM   990  C  CA  . LYS A 1 126 ? 1.289   13.798  6.247   1.00 24.07 ? 252 LYS A CA  1 
ATOM   991  C  C   . LYS A 1 126 ? 2.727   13.704  5.737   1.00 23.88 ? 252 LYS A C   1 
ATOM   992  O  O   . LYS A 1 126 ? 2.997   14.037  4.587   1.00 25.14 ? 252 LYS A O   1 
ATOM   993  C  CB  . LYS A 1 126 ? 1.065   15.146  6.943   1.00 25.36 ? 252 LYS A CB  1 
ATOM   994  C  CG  . LYS A 1 126 ? 1.929   15.374  8.176   1.00 24.81 ? 252 LYS A CG  1 
ATOM   995  C  CD  . LYS A 1 126 ? 1.554   16.665  8.886   1.00 26.70 ? 252 LYS A CD  1 
ATOM   996  C  CE  . LYS A 1 126 ? 2.419   16.877  10.120  1.00 29.24 ? 252 LYS A CE  1 
ATOM   997  N  NZ  . LYS A 1 126 ? 2.188   18.200  10.767  1.00 30.90 ? 252 LYS A NZ  1 
ATOM   998  N  N   . ASP A 1 127 ? 3.638   13.233  6.586   1.00 24.13 ? 253 ASP A N   1 
ATOM   999  C  CA  . ASP A 1 127 ? 5.047   13.108  6.219   1.00 24.66 ? 253 ASP A CA  1 
ATOM   1000 C  C   . ASP A 1 127 ? 5.383   11.888  5.350   1.00 24.61 ? 253 ASP A C   1 
ATOM   1001 O  O   . ASP A 1 127 ? 6.514   11.746  4.873   1.00 24.45 ? 253 ASP A O   1 
ATOM   1002 C  CB  . ASP A 1 127 ? 5.935   13.150  7.475   1.00 30.39 ? 253 ASP A CB  1 
ATOM   1003 C  CG  . ASP A 1 127 ? 5.558   12.091  8.511   1.00 33.87 ? 253 ASP A CG  1 
ATOM   1004 O  OD1 . ASP A 1 127 ? 4.348   11.873  8.763   1.00 35.22 ? 253 ASP A OD1 1 
ATOM   1005 O  OD2 . ASP A 1 127 ? 6.487   11.485  9.090   1.00 36.12 ? 253 ASP A OD2 1 
ATOM   1006 N  N   . ILE A 1 128 ? 4.400   11.016  5.135   1.00 22.08 ? 254 ILE A N   1 
ATOM   1007 C  CA  . ILE A 1 128 ? 4.599   9.827   4.305   1.00 18.62 ? 254 ILE A CA  1 
ATOM   1008 C  C   . ILE A 1 128 ? 4.167   10.123  2.870   1.00 14.91 ? 254 ILE A C   1 
ATOM   1009 O  O   . ILE A 1 128 ? 3.106   10.696  2.654   1.00 16.46 ? 254 ILE A O   1 
ATOM   1010 C  CB  . ILE A 1 128 ? 3.746   8.639   4.814   1.00 19.22 ? 254 ILE A CB  1 
ATOM   1011 C  CG1 . ILE A 1 128 ? 4.078   8.342   6.277   1.00 19.62 ? 254 ILE A CG1 1 
ATOM   1012 C  CG2 . ILE A 1 128 ? 3.961   7.403   3.926   1.00 17.50 ? 254 ILE A CG2 1 
ATOM   1013 C  CD1 . ILE A 1 128 ? 3.140   7.349   6.928   1.00 22.11 ? 254 ILE A CD1 1 
ATOM   1014 N  N   . ILE A 1 129 ? 4.995   9.745   1.898   1.00 15.37 ? 255 ILE A N   1 
ATOM   1015 C  CA  . ILE A 1 129 ? 4.660   9.929   0.484   1.00 15.60 ? 255 ILE A CA  1 
ATOM   1016 C  C   . ILE A 1 129 ? 3.645   8.821   0.139   1.00 15.74 ? 255 ILE A C   1 
ATOM   1017 O  O   . ILE A 1 129 ? 3.969   7.637   0.196   1.00 14.56 ? 255 ILE A O   1 
ATOM   1018 C  CB  . ILE A 1 129 ? 5.908   9.786   -0.428  1.00 17.14 ? 255 ILE A CB  1 
ATOM   1019 C  CG1 . ILE A 1 129 ? 7.021   10.752  0.013   1.00 19.36 ? 255 ILE A CG1 1 
ATOM   1020 C  CG2 . ILE A 1 129 ? 5.528   10.042  -1.874  1.00 19.29 ? 255 ILE A CG2 1 
ATOM   1021 C  CD1 . ILE A 1 129 ? 6.569   12.193  0.207   1.00 20.20 ? 255 ILE A CD1 1 
ATOM   1022 N  N   . ARG A 1 130 ? 2.429   9.216   -0.225  1.00 15.22 ? 256 ARG A N   1 
ATOM   1023 C  CA  . ARG A 1 130 ? 1.353   8.265   -0.521  1.00 16.38 ? 256 ARG A CA  1 
ATOM   1024 C  C   . ARG A 1 130 ? 0.947   8.089   -1.985  1.00 15.47 ? 256 ARG A C   1 
ATOM   1025 O  O   . ARG A 1 130 ? 0.404   9.003   -2.605  1.00 16.01 ? 256 ARG A O   1 
ATOM   1026 C  CB  . ARG A 1 130 ? 0.102   8.637   0.288   1.00 14.59 ? 256 ARG A CB  1 
ATOM   1027 C  CG  . ARG A 1 130 ? 0.350   8.822   1.787   1.00 17.28 ? 256 ARG A CG  1 
ATOM   1028 C  CD  . ARG A 1 130 ? -0.874  9.383   2.519   1.00 20.25 ? 256 ARG A CD  1 
ATOM   1029 N  NE  . ARG A 1 130 ? -1.285  10.704  2.038   1.00 24.21 ? 256 ARG A NE  1 
ATOM   1030 C  CZ  . ARG A 1 130 ? -0.636  11.840  2.283   1.00 27.54 ? 256 ARG A CZ  1 
ATOM   1031 N  NH1 . ARG A 1 130 ? 0.474   11.843  3.014   1.00 28.97 ? 256 ARG A NH1 1 
ATOM   1032 N  NH2 . ARG A 1 130 ? -1.104  12.983  1.797   1.00 28.98 ? 256 ARG A NH2 1 
ATOM   1033 N  N   . TYR A 1 131 ? 1.175   6.890   -2.511  1.00 15.16 ? 257 TYR A N   1 
ATOM   1034 C  CA  . TYR A 1 131 ? 0.790   6.548   -3.881  1.00 15.06 ? 257 TYR A CA  1 
ATOM   1035 C  C   . TYR A 1 131 ? -0.455  5.680   -3.746  1.00 15.13 ? 257 TYR A C   1 
ATOM   1036 O  O   . TYR A 1 131 ? -0.516  4.833   -2.849  1.00 14.36 ? 257 TYR A O   1 
ATOM   1037 C  CB  . TYR A 1 131 ? 1.883   5.733   -4.572  1.00 14.42 ? 257 TYR A CB  1 
ATOM   1038 C  CG  . TYR A 1 131 ? 3.141   6.505   -4.856  1.00 19.67 ? 257 TYR A CG  1 
ATOM   1039 C  CD1 . TYR A 1 131 ? 4.181   6.543   -3.928  1.00 17.29 ? 257 TYR A CD1 1 
ATOM   1040 C  CD2 . TYR A 1 131 ? 3.313   7.170   -6.072  1.00 16.93 ? 257 TYR A CD2 1 
ATOM   1041 C  CE1 . TYR A 1 131 ? 5.360   7.216   -4.201  1.00 20.42 ? 257 TYR A CE1 1 
ATOM   1042 C  CE2 . TYR A 1 131 ? 4.493   7.849   -6.359  1.00 18.13 ? 257 TYR A CE2 1 
ATOM   1043 C  CZ  . TYR A 1 131 ? 5.512   7.866   -5.421  1.00 19.40 ? 257 TYR A CZ  1 
ATOM   1044 O  OH  . TYR A 1 131 ? 6.685   8.522   -5.700  1.00 21.75 ? 257 TYR A OH  1 
ATOM   1045 N  N   . ILE A 1 132 ? -1.458  5.908   -4.591  1.00 11.99 ? 258 ILE A N   1 
ATOM   1046 C  CA  . ILE A 1 132 ? -2.690  5.120   -4.519  1.00 13.94 ? 258 ILE A CA  1 
ATOM   1047 C  C   . ILE A 1 132 ? -2.884  4.343   -5.807  1.00 14.68 ? 258 ILE A C   1 
ATOM   1048 O  O   . ILE A 1 132 ? -2.891  4.922   -6.893  1.00 15.23 ? 258 ILE A O   1 
ATOM   1049 C  CB  . ILE A 1 132 ? -3.953  5.995   -4.310  1.00 14.65 ? 258 ILE A CB  1 
ATOM   1050 C  CG1 . ILE A 1 132 ? -3.714  7.068   -3.241  1.00 18.23 ? 258 ILE A CG1 1 
ATOM   1051 C  CG2 . ILE A 1 132 ? -5.128  5.111   -3.907  1.00 15.52 ? 258 ILE A CG2 1 
ATOM   1052 C  CD1 . ILE A 1 132 ? -3.341  6.528   -1.873  1.00 19.35 ? 258 ILE A CD1 1 
ATOM   1053 N  N   . ILE A 1 133 ? -3.051  3.030   -5.677  1.00 15.23 ? 259 ILE A N   1 
ATOM   1054 C  CA  . ILE A 1 133 ? -3.252  2.156   -6.825  1.00 14.31 ? 259 ILE A CA  1 
ATOM   1055 C  C   . ILE A 1 133 ? -4.694  1.654   -6.804  1.00 16.20 ? 259 ILE A C   1 
ATOM   1056 O  O   . ILE A 1 133 ? -5.094  0.916   -5.903  1.00 16.92 ? 259 ILE A O   1 
ATOM   1057 C  CB  . ILE A 1 133 ? -2.299  0.943   -6.776  1.00 14.17 ? 259 ILE A CB  1 
ATOM   1058 C  CG1 . ILE A 1 133 ? -0.850  1.401   -6.589  1.00 16.71 ? 259 ILE A CG1 1 
ATOM   1059 C  CG2 . ILE A 1 133 ? -2.453  0.101   -8.027  1.00 16.62 ? 259 ILE A CG2 1 
ATOM   1060 C  CD1 . ILE A 1 133 ? -0.300  2.269   -7.710  1.00 18.67 ? 259 ILE A CD1 1 
ATOM   1061 N  N   . GLY A 1 134 ? -5.482  2.098   -7.775  1.00 15.96 ? 260 GLY A N   1 
ATOM   1062 C  CA  . GLY A 1 134 ? -6.866  1.676   -7.858  1.00 18.21 ? 260 GLY A CA  1 
ATOM   1063 C  C   . GLY A 1 134 ? -7.012  0.275   -8.429  1.00 20.51 ? 260 GLY A C   1 
ATOM   1064 O  O   . GLY A 1 134 ? -6.363  -0.074  -9.419  1.00 17.40 ? 260 GLY A O   1 
ATOM   1065 N  N   . ILE A 1 135 ? -7.847  -0.527  -7.781  1.00 22.42 ? 261 ILE A N   1 
ATOM   1066 C  CA  . ILE A 1 135 ? -8.113  -1.907  -8.188  1.00 27.43 ? 261 ILE A CA  1 
ATOM   1067 C  C   . ILE A 1 135 ? -9.463  -1.937  -8.885  1.00 29.05 ? 261 ILE A C   1 
ATOM   1068 O  O   . ILE A 1 135 ? -10.289 -1.049  -8.685  1.00 30.03 ? 261 ILE A O   1 
ATOM   1069 C  CB  . ILE A 1 135 ? -8.272  -2.844  -6.972  1.00 29.38 ? 261 ILE A CB  1 
ATOM   1070 C  CG1 . ILE A 1 135 ? -7.323  -2.457  -5.849  1.00 32.34 ? 261 ILE A CG1 1 
ATOM   1071 C  CG2 . ILE A 1 135 ? -8.007  -4.284  -7.375  1.00 34.69 ? 261 ILE A CG2 1 
ATOM   1072 C  CD1 . ILE A 1 135 ? -7.710  -3.087  -4.538  1.00 33.65 ? 261 ILE A CD1 1 
ATOM   1073 N  N   . GLY A 1 136 ? -9.718  -3.012  -9.623  1.00 32.06 ? 262 GLY A N   1 
ATOM   1074 C  CA  . GLY A 1 136 ? -10.983 -3.152  -10.322 1.00 33.70 ? 262 GLY A CA  1 
ATOM   1075 C  C   . GLY A 1 136 ? -10.998 -2.501  -11.688 1.00 34.93 ? 262 GLY A C   1 
ATOM   1076 O  O   . GLY A 1 136 ? -10.053 -1.820  -12.074 1.00 35.33 ? 262 GLY A O   1 
ATOM   1077 N  N   . LYS A 1 137 ? -12.097 -2.698  -12.410 1.00 36.04 ? 263 LYS A N   1 
ATOM   1078 C  CA  . LYS A 1 137 ? -12.274 -2.146  -13.749 1.00 36.15 ? 263 LYS A CA  1 
ATOM   1079 C  C   . LYS A 1 137 ? -13.146 -0.884  -13.775 1.00 35.16 ? 263 LYS A C   1 
ATOM   1080 O  O   . LYS A 1 137 ? -13.761 -0.562  -14.796 1.00 36.53 ? 263 LYS A O   1 
ATOM   1081 C  CB  . LYS A 1 137 ? -12.850 -3.228  -14.672 0.50 38.37 ? 263 LYS A CB  1 
ATOM   1082 C  CG  . LYS A 1 137 ? -13.797 -4.195  -13.972 0.50 39.67 ? 263 LYS A CG  1 
ATOM   1083 C  CD  . LYS A 1 137 ? -14.042 -5.437  -14.806 0.50 42.60 ? 263 LYS A CD  1 
ATOM   1084 C  CE  . LYS A 1 137 ? -14.775 -6.496  -13.999 0.50 43.96 ? 263 LYS A CE  1 
ATOM   1085 N  NZ  . LYS A 1 137 ? -14.951 -7.754  -14.774 0.50 45.38 ? 263 LYS A NZ  1 
ATOM   1086 N  N   A HIS A 1 138 ? -13.172 -0.166  -12.656 0.50 33.41 ? 264 HIS A N   1 
ATOM   1087 N  N   B HIS A 1 138 ? -13.178 -0.166  -12.655 0.50 33.72 ? 264 HIS A N   1 
ATOM   1088 C  CA  A HIS A 1 138 ? -13.963 1.057   -12.539 0.50 32.90 ? 264 HIS A CA  1 
ATOM   1089 C  CA  B HIS A 1 138 ? -13.969 1.058   -12.549 0.50 33.39 ? 264 HIS A CA  1 
ATOM   1090 C  C   A HIS A 1 138 ? -13.111 2.326   -12.439 0.50 31.16 ? 264 HIS A C   1 
ATOM   1091 C  C   B HIS A 1 138 ? -13.114 2.328   -12.454 0.50 31.53 ? 264 HIS A C   1 
ATOM   1092 O  O   A HIS A 1 138 ? -13.614 3.397   -12.092 0.50 31.98 ? 264 HIS A O   1 
ATOM   1093 O  O   B HIS A 1 138 ? -13.623 3.404   -12.133 0.50 32.40 ? 264 HIS A O   1 
ATOM   1094 C  CB  A HIS A 1 138 ? -14.910 0.958   -11.339 0.50 32.49 ? 264 HIS A CB  1 
ATOM   1095 C  CB  B HIS A 1 138 ? -14.923 0.971   -11.352 0.50 33.78 ? 264 HIS A CB  1 
ATOM   1096 C  CG  A HIS A 1 138 ? -14.220 0.661   -10.044 0.50 33.32 ? 264 HIS A CG  1 
ATOM   1097 C  CG  B HIS A 1 138 ? -15.962 -0.101  -11.483 0.50 34.88 ? 264 HIS A CG  1 
ATOM   1098 N  ND1 A HIS A 1 138 ? -14.498 1.343   -8.879  0.50 33.10 ? 264 HIS A ND1 1 
ATOM   1099 N  ND1 B HIS A 1 138 ? -15.648 -1.442  -11.532 0.50 36.18 ? 264 HIS A ND1 1 
ATOM   1100 C  CD2 A HIS A 1 138 ? -13.274 -0.255  -9.726  0.50 31.87 ? 264 HIS A CD2 1 
ATOM   1101 C  CD2 B HIS A 1 138 ? -17.311 -0.027  -11.576 0.50 35.43 ? 264 HIS A CD2 1 
ATOM   1102 C  CE1 A HIS A 1 138 ? -13.755 0.859   -7.900  0.50 33.76 ? 264 HIS A CE1 1 
ATOM   1103 C  CE1 B HIS A 1 138 ? -16.759 -2.148  -11.650 0.50 35.89 ? 264 HIS A CE1 1 
ATOM   1104 N  NE2 A HIS A 1 138 ? -13.004 -0.110  -8.387  0.50 33.67 ? 264 HIS A NE2 1 
ATOM   1105 N  NE2 B HIS A 1 138 ? -17.782 -1.314  -11.678 0.50 35.53 ? 264 HIS A NE2 1 
ATOM   1106 N  N   . PHE A 1 139 ? -11.820 2.199   -12.739 1.00 29.24 ? 265 PHE A N   1 
ATOM   1107 C  CA  . PHE A 1 139 ? -10.899 3.335   -12.696 1.00 26.54 ? 265 PHE A CA  1 
ATOM   1108 C  C   . PHE A 1 139 ? -10.210 3.543   -14.037 1.00 27.27 ? 265 PHE A C   1 
ATOM   1109 O  O   . PHE A 1 139 ? -9.093  4.055   -14.091 1.00 27.03 ? 265 PHE A O   1 
ATOM   1110 C  CB  . PHE A 1 139 ? -9.828  3.130   -11.628 1.00 22.73 ? 265 PHE A CB  1 
ATOM   1111 C  CG  . PHE A 1 139 ? -10.339 3.229   -10.232 1.00 21.08 ? 265 PHE A CG  1 
ATOM   1112 C  CD1 . PHE A 1 139 ? -10.932 4.399   -9.778  1.00 20.96 ? 265 PHE A CD1 1 
ATOM   1113 C  CD2 . PHE A 1 139 ? -10.233 2.150   -9.366  1.00 19.82 ? 265 PHE A CD2 1 
ATOM   1114 C  CE1 . PHE A 1 139 ? -11.414 4.493   -8.475  1.00 21.04 ? 265 PHE A CE1 1 
ATOM   1115 C  CE2 . PHE A 1 139 ? -10.710 2.237   -8.062  1.00 17.59 ? 265 PHE A CE2 1 
ATOM   1116 C  CZ  . PHE A 1 139 ? -11.302 3.409   -7.617  1.00 18.26 ? 265 PHE A CZ  1 
ATOM   1117 N  N   A GLN A 1 140 ? -10.902 3.174   -15.111 0.50 27.74 ? 266 GLN A N   1 
ATOM   1118 N  N   B GLN A 1 140 ? -10.868 3.155   -15.124 0.50 27.93 ? 266 GLN A N   1 
ATOM   1119 C  CA  A GLN A 1 140 ? -10.373 3.296   -16.465 0.50 29.25 ? 266 GLN A CA  1 
ATOM   1120 C  CA  B GLN A 1 140 ? -10.269 3.309   -16.446 0.50 29.50 ? 266 GLN A CA  1 
ATOM   1121 C  C   A GLN A 1 140 ? -10.071 4.742   -16.852 0.50 29.26 ? 266 GLN A C   1 
ATOM   1122 C  C   B GLN A 1 140 ? -10.029 4.767   -16.832 0.50 29.32 ? 266 GLN A C   1 
ATOM   1123 O  O   A GLN A 1 140 ? -9.104  5.014   -17.567 0.50 29.54 ? 266 GLN A O   1 
ATOM   1124 O  O   B GLN A 1 140 ? -9.064  5.074   -17.537 0.50 29.22 ? 266 GLN A O   1 
ATOM   1125 C  CB  A GLN A 1 140 ? -11.360 2.686   -17.462 0.50 30.09 ? 266 GLN A CB  1 
ATOM   1126 C  CB  B GLN A 1 140 ? -11.099 2.587   -17.509 0.50 30.58 ? 266 GLN A CB  1 
ATOM   1127 C  CG  A GLN A 1 140 ? -11.785 1.263   -17.116 0.50 31.61 ? 266 GLN A CG  1 
ATOM   1128 C  CG  B GLN A 1 140 ? -11.097 1.066   -17.357 0.50 33.13 ? 266 GLN A CG  1 
ATOM   1129 C  CD  A GLN A 1 140 ? -12.668 0.637   -18.181 0.50 32.39 ? 266 GLN A CD  1 
ATOM   1130 C  CD  B GLN A 1 140 ? -9.697  0.464   -17.401 0.50 33.66 ? 266 GLN A CD  1 
ATOM   1131 O  OE1 A GLN A 1 140 ? -12.227 0.400   -19.305 0.50 31.51 ? 266 GLN A OE1 1 
ATOM   1132 O  OE1 B GLN A 1 140 ? -9.181  -0.015  -16.390 0.50 35.32 ? 266 GLN A OE1 1 
ATOM   1133 N  NE2 A GLN A 1 140 ? -13.919 0.362   -17.827 0.50 32.79 ? 266 GLN A NE2 1 
ATOM   1134 N  NE2 B GLN A 1 140 ? -9.081  0.482   -18.578 0.50 34.88 ? 266 GLN A NE2 1 
ATOM   1135 N  N   . THR A 1 141 ? -10.873 5.668   -16.338 1.00 28.55 ? 267 THR A N   1 
ATOM   1136 C  CA  . THR A 1 141 ? -10.701 7.079   -16.651 1.00 26.45 ? 267 THR A CA  1 
ATOM   1137 C  C   . THR A 1 141 ? -10.123 7.936   -15.523 1.00 24.24 ? 267 THR A C   1 
ATOM   1138 O  O   . THR A 1 141 ? -10.224 7.593   -14.340 1.00 20.89 ? 267 THR A O   1 
ATOM   1139 C  CB  . THR A 1 141 ? -12.008 7.684   -17.165 1.00 27.54 ? 267 THR A CB  1 
ATOM   1140 O  OG1 . THR A 1 141 ? -11.710 8.872   -17.899 1.00 34.43 ? 267 THR A OG1 1 
ATOM   1141 C  CG2 . THR A 1 141 ? -12.943 8.018   -16.020 1.00 27.03 ? 267 THR A CG2 1 
ATOM   1142 N  N   . LYS A 1 142 ? -9.498  9.049   -15.906 1.00 21.95 ? 268 LYS A N   1 
ATOM   1143 C  CA  . LYS A 1 142 ? -8.902  9.972   -14.945 1.00 22.26 ? 268 LYS A CA  1 
ATOM   1144 C  C   . LYS A 1 142 ? -9.953  10.593  -14.036 1.00 20.85 ? 268 LYS A C   1 
ATOM   1145 O  O   . LYS A 1 142 ? -9.693  10.821  -12.859 1.00 19.43 ? 268 LYS A O   1 
ATOM   1146 C  CB  . LYS A 1 142 ? -8.116  11.073  -15.663 1.00 22.69 ? 268 LYS A CB  1 
ATOM   1147 C  CG  . LYS A 1 142 ? -6.795  10.606  -16.248 1.00 24.70 ? 268 LYS A CG  1 
ATOM   1148 C  CD  . LYS A 1 142 ? -5.761  10.359  -15.161 1.00 28.12 ? 268 LYS A CD  1 
ATOM   1149 C  CE  . LYS A 1 142 ? -5.306  11.666  -14.518 1.00 30.43 ? 268 LYS A CE  1 
ATOM   1150 N  NZ  . LYS A 1 142 ? -4.202  11.465  -13.530 1.00 33.49 ? 268 LYS A NZ  1 
ATOM   1151 N  N   . GLU A 1 143 ? -11.139 10.858  -14.581 1.00 20.12 ? 269 GLU A N   1 
ATOM   1152 C  CA  . GLU A 1 143 ? -12.213 11.445  -13.788 1.00 21.30 ? 269 GLU A CA  1 
ATOM   1153 C  C   . GLU A 1 143 ? -12.649 10.500  -12.671 1.00 19.31 ? 269 GLU A C   1 
ATOM   1154 O  O   . GLU A 1 143 ? -12.915 10.942  -11.561 1.00 17.90 ? 269 GLU A O   1 
ATOM   1155 C  CB  . GLU A 1 143 ? -13.416 11.805  -14.660 1.00 26.23 ? 269 GLU A CB  1 
ATOM   1156 C  CG  . GLU A 1 143 ? -13.141 12.884  -15.706 1.00 33.23 ? 269 GLU A CG  1 
ATOM   1157 C  CD  . GLU A 1 143 ? -12.317 12.377  -16.877 1.00 35.69 ? 269 GLU A CD  1 
ATOM   1158 O  OE1 . GLU A 1 143 ? -12.610 11.267  -17.363 1.00 37.98 ? 269 GLU A OE1 1 
ATOM   1159 O  OE2 . GLU A 1 143 ? -11.384 13.084  -17.315 1.00 39.32 ? 269 GLU A OE2 1 
ATOM   1160 N  N   . SER A 1 144 ? -12.693 9.201   -12.959 1.00 17.32 ? 270 SER A N   1 
ATOM   1161 C  CA  . SER A 1 144 ? -13.098 8.216   -11.961 1.00 18.31 ? 270 SER A CA  1 
ATOM   1162 C  C   . SER A 1 144 ? -12.052 8.100   -10.863 1.00 18.82 ? 270 SER A C   1 
ATOM   1163 O  O   . SER A 1 144 ? -12.368 7.739   -9.732  1.00 20.25 ? 270 SER A O   1 
ATOM   1164 C  CB  . SER A 1 144 ? -13.333 6.843   -12.601 1.00 18.64 ? 270 SER A CB  1 
ATOM   1165 O  OG  . SER A 1 144 ? -12.138 6.299   -13.136 1.00 18.02 ? 270 SER A OG  1 
ATOM   1166 N  N   . GLN A 1 145 ? -10.808 8.431   -11.197 1.00 16.68 ? 271 GLN A N   1 
ATOM   1167 C  CA  . GLN A 1 145 ? -9.732  8.356   -10.227 1.00 16.59 ? 271 GLN A CA  1 
ATOM   1168 C  C   . GLN A 1 145 ? -9.783  9.476   -9.191  1.00 17.27 ? 271 GLN A C   1 
ATOM   1169 O  O   . GLN A 1 145 ? -9.117  9.399   -8.166  1.00 16.12 ? 271 GLN A O   1 
ATOM   1170 C  CB  . GLN A 1 145 ? -8.381  8.285   -10.938 1.00 18.58 ? 271 GLN A CB  1 
ATOM   1171 C  CG  . GLN A 1 145 ? -8.164  6.932   -11.620 1.00 18.97 ? 271 GLN A CG  1 
ATOM   1172 C  CD  . GLN A 1 145 ? -6.962  6.908   -12.540 1.00 19.56 ? 271 GLN A CD  1 
ATOM   1173 O  OE1 . GLN A 1 145 ? -5.979  7.611   -12.317 1.00 21.16 ? 271 GLN A OE1 1 
ATOM   1174 N  NE2 . GLN A 1 145 ? -7.039  6.092   -13.590 1.00 21.96 ? 271 GLN A NE2 1 
ATOM   1175 N  N   . GLU A 1 146 ? -10.633 10.473  -9.430  1.00 16.27 ? 272 GLU A N   1 
ATOM   1176 C  CA  . GLU A 1 146 ? -10.801 11.595  -8.504  1.00 15.92 ? 272 GLU A CA  1 
ATOM   1177 C  C   . GLU A 1 146 ? -11.147 11.107  -7.090  1.00 15.99 ? 272 GLU A C   1 
ATOM   1178 O  O   . GLU A 1 146 ? -10.796 11.752  -6.107  1.00 13.12 ? 272 GLU A O   1 
ATOM   1179 C  CB  . GLU A 1 146 ? -11.925 12.517  -8.979  1.00 15.03 ? 272 GLU A CB  1 
ATOM   1180 C  CG  . GLU A 1 146 ? -11.540 13.498  -10.065 1.00 14.38 ? 272 GLU A CG  1 
ATOM   1181 C  CD  . GLU A 1 146 ? -11.312 14.905  -9.529  1.00 13.74 ? 272 GLU A CD  1 
ATOM   1182 O  OE1 . GLU A 1 146 ? -12.014 15.317  -8.581  1.00 12.82 ? 272 GLU A OE1 1 
ATOM   1183 O  OE2 . GLU A 1 146 ? -10.443 15.607  -10.075 1.00 14.00 ? 272 GLU A OE2 1 
ATOM   1184 N  N   . THR A 1 147 ? -11.835 9.968   -7.003  1.00 15.29 ? 273 THR A N   1 
ATOM   1185 C  CA  . THR A 1 147 ? -12.235 9.413   -5.711  1.00 16.75 ? 273 THR A CA  1 
ATOM   1186 C  C   . THR A 1 147 ? -11.047 8.945   -4.879  1.00 13.82 ? 273 THR A C   1 
ATOM   1187 O  O   . THR A 1 147 ? -11.165 8.735   -3.671  1.00 13.91 ? 273 THR A O   1 
ATOM   1188 C  CB  . THR A 1 147 ? -13.222 8.243   -5.887  1.00 20.08 ? 273 THR A CB  1 
ATOM   1189 O  OG1 . THR A 1 147 ? -12.581 7.181   -6.598  1.00 26.17 ? 273 THR A OG1 1 
ATOM   1190 C  CG2 . THR A 1 147 ? -14.444 8.693   -6.673  1.00 20.13 ? 273 THR A CG2 1 
ATOM   1191 N  N   . LEU A 1 148 ? -9.898  8.801   -5.528  1.00 11.11 ? 274 LEU A N   1 
ATOM   1192 C  CA  . LEU A 1 148 ? -8.692  8.347   -4.849  1.00 12.28 ? 274 LEU A CA  1 
ATOM   1193 C  C   . LEU A 1 148 ? -7.811  9.515   -4.392  1.00 12.64 ? 274 LEU A C   1 
ATOM   1194 O  O   . LEU A 1 148 ? -6.943  9.344   -3.532  1.00 13.36 ? 274 LEU A O   1 
ATOM   1195 C  CB  . LEU A 1 148 ? -7.896  7.417   -5.779  1.00 12.99 ? 274 LEU A CB  1 
ATOM   1196 C  CG  . LEU A 1 148 ? -8.621  6.143   -6.246  1.00 13.82 ? 274 LEU A CG  1 
ATOM   1197 C  CD1 . LEU A 1 148 ? -7.774  5.397   -7.263  1.00 14.87 ? 274 LEU A CD1 1 
ATOM   1198 C  CD2 . LEU A 1 148 ? -8.926  5.246   -5.050  1.00 13.46 ? 274 LEU A CD2 1 
ATOM   1199 N  N   . HIS A 1 149 ? -8.083  10.701  -4.926  1.00 10.53 ? 275 HIS A N   1 
ATOM   1200 C  CA  . HIS A 1 149 ? -7.303  11.903  -4.614  1.00 13.18 ? 275 HIS A CA  1 
ATOM   1201 C  C   . HIS A 1 149 ? -7.085  12.205  -3.132  1.00 13.76 ? 275 HIS A C   1 
ATOM   1202 O  O   . HIS A 1 149 ? -5.966  12.492  -2.724  1.00 13.59 ? 275 HIS A O   1 
ATOM   1203 C  CB  . HIS A 1 149 ? -7.918  13.135  -5.288  1.00 11.94 ? 275 HIS A CB  1 
ATOM   1204 C  CG  . HIS A 1 149 ? -7.784  13.146  -6.781  1.00 16.28 ? 275 HIS A CG  1 
ATOM   1205 N  ND1 . HIS A 1 149 ? -8.258  14.177  -7.563  1.00 16.03 ? 275 HIS A ND1 1 
ATOM   1206 C  CD2 . HIS A 1 149 ? -7.210  12.262  -7.633  1.00 15.55 ? 275 HIS A CD2 1 
ATOM   1207 C  CE1 . HIS A 1 149 ? -7.981  13.929  -8.831  1.00 16.40 ? 275 HIS A CE1 1 
ATOM   1208 N  NE2 . HIS A 1 149 ? -7.346  12.774  -8.900  1.00 16.79 ? 275 HIS A NE2 1 
ATOM   1209 N  N   . LYS A 1 150 ? -8.142  12.109  -2.329  1.00 16.57 ? 276 LYS A N   1 
ATOM   1210 C  CA  . LYS A 1 150 ? -8.048  12.411  -0.903  1.00 18.30 ? 276 LYS A CA  1 
ATOM   1211 C  C   . LYS A 1 150 ? -7.017  11.610  -0.104  1.00 19.28 ? 276 LYS A C   1 
ATOM   1212 O  O   . LYS A 1 150 ? -6.515  12.086  0.912   1.00 20.37 ? 276 LYS A O   1 
ATOM   1213 C  CB  . LYS A 1 150 ? -9.431  12.330  -0.239  1.00 19.25 ? 276 LYS A CB  1 
ATOM   1214 C  CG  . LYS A 1 150 ? -10.103 10.984  -0.312  1.00 23.05 ? 276 LYS A CG  1 
ATOM   1215 C  CD  . LYS A 1 150 ? -11.523 11.075  0.225   1.00 28.41 ? 276 LYS A CD  1 
ATOM   1216 C  CE  . LYS A 1 150 ? -12.220 9.730   0.192   1.00 29.85 ? 276 LYS A CE  1 
ATOM   1217 N  NZ  . LYS A 1 150 ? -12.346 9.200   -1.201  1.00 34.43 ? 276 LYS A NZ  1 
ATOM   1218 N  N   . PHE A 1 151 ? -6.675  10.415  -0.577  1.00 18.87 ? 277 PHE A N   1 
ATOM   1219 C  CA  . PHE A 1 151 ? -5.697  9.569   0.113   1.00 18.15 ? 277 PHE A CA  1 
ATOM   1220 C  C   . PHE A 1 151 ? -4.249  9.784   -0.345  1.00 17.13 ? 277 PHE A C   1 
ATOM   1221 O  O   . PHE A 1 151 ? -3.310  9.374   0.343   1.00 16.64 ? 277 PHE A O   1 
ATOM   1222 C  CB  . PHE A 1 151 ? -6.028  8.092   -0.109  1.00 18.11 ? 277 PHE A CB  1 
ATOM   1223 C  CG  . PHE A 1 151 ? -7.392  7.691   0.355   1.00 19.87 ? 277 PHE A CG  1 
ATOM   1224 C  CD1 . PHE A 1 151 ? -7.702  7.670   1.711   1.00 21.75 ? 277 PHE A CD1 1 
ATOM   1225 C  CD2 . PHE A 1 151 ? -8.364  7.304   -0.562  1.00 22.55 ? 277 PHE A CD2 1 
ATOM   1226 C  CE1 . PHE A 1 151 ? -8.956  7.266   2.148   1.00 22.97 ? 277 PHE A CE1 1 
ATOM   1227 C  CE2 . PHE A 1 151 ? -9.627  6.897   -0.131  1.00 24.17 ? 277 PHE A CE2 1 
ATOM   1228 C  CZ  . PHE A 1 151 ? -9.920  6.878   1.229   1.00 21.31 ? 277 PHE A CZ  1 
ATOM   1229 N  N   . ALA A 1 152 ? -4.069  10.417  -1.501  1.00 13.72 ? 278 ALA A N   1 
ATOM   1230 C  CA  . ALA A 1 152 ? -2.738  10.600  -2.061  1.00 12.14 ? 278 ALA A CA  1 
ATOM   1231 C  C   . ALA A 1 152 ? -1.987  11.875  -1.745  1.00 13.81 ? 278 ALA A C   1 
ATOM   1232 O  O   . ALA A 1 152 ? -2.567  12.869  -1.313  1.00 15.12 ? 278 ALA A O   1 
ATOM   1233 C  CB  . ALA A 1 152 ? -2.797  10.425  -3.565  1.00 13.17 ? 278 ALA A CB  1 
ATOM   1234 N  N   . SER A 1 153 ? -0.679  11.826  -1.989  1.00 14.53 ? 279 SER A N   1 
ATOM   1235 C  CA  . SER A 1 153 ? 0.187   12.985  -1.820  1.00 15.74 ? 279 SER A CA  1 
ATOM   1236 C  C   . SER A 1 153 ? -0.163  13.899  -2.998  1.00 17.89 ? 279 SER A C   1 
ATOM   1237 O  O   . SER A 1 153 ? -0.771  13.447  -3.981  1.00 15.47 ? 279 SER A O   1 
ATOM   1238 C  CB  . SER A 1 153 ? 1.660   12.573  -1.895  1.00 14.44 ? 279 SER A CB  1 
ATOM   1239 O  OG  . SER A 1 153 ? 2.044   11.845  -0.743  1.00 13.32 ? 279 SER A OG  1 
ATOM   1240 N  N   . LYS A 1 154 ? 0.209   15.175  -2.902  1.00 20.83 ? 280 LYS A N   1 
ATOM   1241 C  CA  . LYS A 1 154 ? -0.096  16.147  -3.952  1.00 23.31 ? 280 LYS A CA  1 
ATOM   1242 C  C   . LYS A 1 154 ? 1.111   16.509  -4.823  1.00 24.20 ? 280 LYS A C   1 
ATOM   1243 O  O   . LYS A 1 154 ? 2.238   16.585  -4.331  1.00 23.07 ? 280 LYS A O   1 
ATOM   1244 C  CB  . LYS A 1 154 ? -0.679  17.419  -3.334  1.00 24.34 ? 280 LYS A CB  1 
ATOM   1245 C  CG  . LYS A 1 154 ? -1.735  17.184  -2.262  1.00 30.02 ? 280 LYS A CG  1 
ATOM   1246 C  CD  . LYS A 1 154 ? -2.879  16.281  -2.729  1.00 31.94 ? 280 LYS A CD  1 
ATOM   1247 C  CE  . LYS A 1 154 ? -3.835  16.000  -1.567  1.00 35.25 ? 280 LYS A CE  1 
ATOM   1248 N  NZ  . LYS A 1 154 ? -4.854  14.958  -1.873  1.00 36.01 ? 280 LYS A NZ  1 
ATOM   1249 N  N   . PRO A 1 155 ? 0.885   16.759  -6.130  1.00 25.09 ? 281 PRO A N   1 
ATOM   1250 C  CA  . PRO A 1 155 ? -0.406  16.719  -6.832  1.00 25.83 ? 281 PRO A CA  1 
ATOM   1251 C  C   . PRO A 1 155 ? -0.989  15.311  -7.009  1.00 26.96 ? 281 PRO A C   1 
ATOM   1252 O  O   . PRO A 1 155 ? -0.313  14.394  -7.478  1.00 24.89 ? 281 PRO A O   1 
ATOM   1253 C  CB  . PRO A 1 155 ? -0.082  17.375  -8.176  1.00 26.98 ? 281 PRO A CB  1 
ATOM   1254 C  CG  . PRO A 1 155 ? 1.351   17.026  -8.384  1.00 27.47 ? 281 PRO A CG  1 
ATOM   1255 C  CD  . PRO A 1 155 ? 1.940   17.272  -7.021  1.00 25.29 ? 281 PRO A CD  1 
ATOM   1256 N  N   . ALA A 1 156 ? -2.259  15.170  -6.640  1.00 27.73 ? 282 ALA A N   1 
ATOM   1257 C  CA  . ALA A 1 156 ? -2.974  13.899  -6.714  1.00 30.57 ? 282 ALA A CA  1 
ATOM   1258 C  C   . ALA A 1 156 ? -2.809  13.211  -8.061  1.00 30.98 ? 282 ALA A C   1 
ATOM   1259 O  O   . ALA A 1 156 ? -2.573  12.006  -8.129  1.00 32.70 ? 282 ALA A O   1 
ATOM   1260 C  CB  . ALA A 1 156 ? -4.446  14.117  -6.401  1.00 29.62 ? 282 ALA A CB  1 
ATOM   1261 N  N   . SER A 1 157 ? -2.873  14.000  -9.126  1.00 32.46 ? 283 SER A N   1 
ATOM   1262 C  CA  . SER A 1 157 ? -2.726  13.496  -10.485 1.00 34.67 ? 283 SER A CA  1 
ATOM   1263 C  C   . SER A 1 157 ? -1.400  12.765  -10.750 1.00 34.27 ? 283 SER A C   1 
ATOM   1264 O  O   . SER A 1 157 ? -1.298  11.999  -11.710 1.00 36.03 ? 283 SER A O   1 
ATOM   1265 C  CB  . SER A 1 157 ? -2.904  14.650  -11.477 1.00 36.42 ? 283 SER A CB  1 
ATOM   1266 O  OG  . SER A 1 157 ? -2.050  15.736  -11.155 1.00 40.01 ? 283 SER A OG  1 
ATOM   1267 N  N   . GLU A 1 158 ? -0.398  12.986  -9.898  1.00 31.88 ? 284 GLU A N   1 
ATOM   1268 C  CA  . GLU A 1 158 ? 0.913   12.343  -10.049 1.00 28.37 ? 284 GLU A CA  1 
ATOM   1269 C  C   . GLU A 1 158 ? 1.172   11.174  -9.077  1.00 23.95 ? 284 GLU A C   1 
ATOM   1270 O  O   . GLU A 1 158 ? 2.167   10.461  -9.200  1.00 21.14 ? 284 GLU A O   1 
ATOM   1271 C  CB  . GLU A 1 158 ? 2.026   13.388  -9.905  1.00 32.38 ? 284 GLU A CB  1 
ATOM   1272 C  CG  . GLU A 1 158 ? 1.989   14.487  -10.972 1.00 40.35 ? 284 GLU A CG  1 
ATOM   1273 C  CD  . GLU A 1 158 ? 3.104   15.521  -10.826 1.00 44.80 ? 284 GLU A CD  1 
ATOM   1274 O  OE1 . GLU A 1 158 ? 3.987   15.354  -9.951  1.00 49.43 ? 284 GLU A OE1 1 
ATOM   1275 O  OE2 . GLU A 1 158 ? 3.090   16.514  -11.588 1.00 46.68 ? 284 GLU A OE2 1 
ATOM   1276 N  N   . PHE A 1 159 ? 0.296   10.998  -8.093  1.00 21.12 ? 285 PHE A N   1 
ATOM   1277 C  CA  . PHE A 1 159 ? 0.454   9.910   -7.129  1.00 19.41 ? 285 PHE A CA  1 
ATOM   1278 C  C   . PHE A 1 159 ? -0.659  8.860   -7.206  1.00 18.68 ? 285 PHE A C   1 
ATOM   1279 O  O   . PHE A 1 159 ? -0.714  7.963   -6.367  1.00 18.21 ? 285 PHE A O   1 
ATOM   1280 C  CB  . PHE A 1 159 ? 0.548   10.459  -5.697  1.00 17.88 ? 285 PHE A CB  1 
ATOM   1281 C  CG  . PHE A 1 159 ? 1.766   11.296  -5.451  1.00 20.03 ? 285 PHE A CG  1 
ATOM   1282 C  CD1 . PHE A 1 159 ? 2.935   10.718  -4.974  1.00 20.00 ? 285 PHE A CD1 1 
ATOM   1283 C  CD2 . PHE A 1 159 ? 1.759   12.659  -5.732  1.00 17.78 ? 285 PHE A CD2 1 
ATOM   1284 C  CE1 . PHE A 1 159 ? 4.085   11.486  -4.786  1.00 22.40 ? 285 PHE A CE1 1 
ATOM   1285 C  CE2 . PHE A 1 159 ? 2.899   13.430  -5.549  1.00 20.60 ? 285 PHE A CE2 1 
ATOM   1286 C  CZ  . PHE A 1 159 ? 4.065   12.841  -5.075  1.00 19.32 ? 285 PHE A CZ  1 
ATOM   1287 N  N   . VAL A 1 160 ? -1.532  8.962   -8.208  1.00 17.80 ? 286 VAL A N   1 
ATOM   1288 C  CA  . VAL A 1 160 ? -2.641  8.013   -8.360  1.00 18.62 ? 286 VAL A CA  1 
ATOM   1289 C  C   . VAL A 1 160 ? -2.634  7.280   -9.704  1.00 18.63 ? 286 VAL A C   1 
ATOM   1290 O  O   . VAL A 1 160 ? -2.507  7.903   -10.754 1.00 17.97 ? 286 VAL A O   1 
ATOM   1291 C  CB  . VAL A 1 160 ? -4.020  8.717   -8.185  1.00 19.49 ? 286 VAL A CB  1 
ATOM   1292 C  CG1 . VAL A 1 160 ? -5.155  7.731   -8.412  1.00 22.40 ? 286 VAL A CG1 1 
ATOM   1293 C  CG2 . VAL A 1 160 ? -4.146  9.306   -6.791  1.00 18.58 ? 286 VAL A CG2 1 
ATOM   1294 N  N   . CYS A 1 161 ? -2.775  5.955   -9.662  1.00 18.65 ? 287 CYS A N   1 
ATOM   1295 C  CA  . CYS A 1 161 ? -2.807  5.151   -10.883 1.00 18.27 ? 287 CYS A CA  1 
ATOM   1296 C  C   . CYS A 1 161 ? -3.575  3.843   -10.700 1.00 17.77 ? 287 CYS A C   1 
ATOM   1297 O  O   . CYS A 1 161 ? -4.152  3.604   -9.636  1.00 19.04 ? 287 CYS A O   1 
ATOM   1298 C  CB  . CYS A 1 161 ? -1.390  4.920   -11.436 1.00 19.49 ? 287 CYS A CB  1 
ATOM   1299 S  SG  . CYS A 1 161 ? -0.133  4.181   -10.338 0.50 24.65 ? 287 CYS A SG  1 
ATOM   1300 N  N   . ILE A 1 162 ? -3.668  3.045   -11.758 1.00 15.94 ? 288 ILE A N   1 
ATOM   1301 C  CA  . ILE A 1 162 ? -4.351  1.757   -11.676 1.00 16.70 ? 288 ILE A CA  1 
ATOM   1302 C  C   . ILE A 1 162 ? -3.441  0.553   -11.522 1.00 17.77 ? 288 ILE A C   1 
ATOM   1303 O  O   . ILE A 1 162 ? -2.263  0.608   -11.868 1.00 16.29 ? 288 ILE A O   1 
ATOM   1304 C  CB  . ILE A 1 162 ? -5.274  1.537   -12.892 1.00 19.49 ? 288 ILE A CB  1 
ATOM   1305 C  CG1 . ILE A 1 162 ? -4.516  1.805   -14.195 1.00 22.28 ? 288 ILE A CG1 1 
ATOM   1306 C  CG2 . ILE A 1 162 ? -6.500  2.411   -12.777 1.00 22.25 ? 288 ILE A CG2 1 
ATOM   1307 C  CD1 . ILE A 1 162 ? -5.303  1.430   -15.444 1.00 28.40 ? 288 ILE A CD1 1 
ATOM   1308 N  N   . LEU A 1 163 ? -4.021  -0.546  -11.041 1.00 18.65 ? 289 LEU A N   1 
ATOM   1309 C  CA  . LEU A 1 163 ? -3.304  -1.793  -10.800 1.00 22.07 ? 289 LEU A CA  1 
ATOM   1310 C  C   . LEU A 1 163 ? -2.609  -2.367  -12.037 1.00 25.07 ? 289 LEU A C   1 
ATOM   1311 O  O   . LEU A 1 163 ? -1.445  -2.771  -11.981 1.00 24.37 ? 289 LEU A O   1 
ATOM   1312 C  CB  . LEU A 1 163 ? -4.268  -2.832  -10.220 1.00 21.82 ? 289 LEU A CB  1 
ATOM   1313 C  CG  . LEU A 1 163 ? -3.630  -4.100  -9.660  1.00 25.40 ? 289 LEU A CG  1 
ATOM   1314 C  CD1 . LEU A 1 163 ? -2.703  -3.717  -8.523  1.00 28.41 ? 289 LEU A CD1 1 
ATOM   1315 C  CD2 . LEU A 1 163 ? -4.689  -5.063  -9.170  1.00 27.84 ? 289 LEU A CD2 1 
ATOM   1316 N  N   . ASP A 1 164 ? -3.328  -2.365  -13.151 1.00 26.34 ? 290 ASP A N   1 
ATOM   1317 C  CA  . ASP A 1 164 ? -2.840  -2.890  -14.420 1.00 29.45 ? 290 ASP A CA  1 
ATOM   1318 C  C   . ASP A 1 164 ? -1.472  -2.354  -14.874 1.00 29.67 ? 290 ASP A C   1 
ATOM   1319 O  O   . ASP A 1 164 ? -0.531  -3.128  -15.086 1.00 29.04 ? 290 ASP A O   1 
ATOM   1320 C  CB  . ASP A 1 164 ? -3.897  -2.616  -15.498 1.00 34.18 ? 290 ASP A CB  1 
ATOM   1321 C  CG  . ASP A 1 164 ? -3.700  -3.449  -16.748 1.00 37.94 ? 290 ASP A CG  1 
ATOM   1322 O  OD1 . ASP A 1 164 ? -4.080  -2.970  -17.841 1.00 39.76 ? 290 ASP A OD1 1 
ATOM   1323 O  OD2 . ASP A 1 164 ? -3.187  -4.585  -16.638 1.00 41.73 ? 290 ASP A OD2 1 
ATOM   1324 N  N   . THR A 1 165 ? -1.365  -1.033  -14.986 1.00 28.33 ? 291 THR A N   1 
ATOM   1325 C  CA  . THR A 1 165 ? -0.143  -0.376  -15.445 1.00 28.45 ? 291 THR A CA  1 
ATOM   1326 C  C   . THR A 1 165 ? 0.740   0.285   -14.375 1.00 29.55 ? 291 THR A C   1 
ATOM   1327 O  O   . THR A 1 165 ? 1.959   0.362   -14.542 1.00 28.98 ? 291 THR A O   1 
ATOM   1328 C  CB  . THR A 1 165 ? -0.487  0.689   -16.498 1.00 28.25 ? 291 THR A CB  1 
ATOM   1329 O  OG1 . THR A 1 165 ? -1.479  1.573   -15.962 1.00 28.41 ? 291 THR A OG1 1 
ATOM   1330 C  CG2 . THR A 1 165 ? -1.038  0.037   -17.767 1.00 27.95 ? 291 THR A CG2 1 
ATOM   1331 N  N   . PHE A 1 166 ? 0.127   0.758   -13.289 1.00 28.51 ? 292 PHE A N   1 
ATOM   1332 C  CA  . PHE A 1 166 ? 0.833   1.441   -12.191 1.00 29.52 ? 292 PHE A CA  1 
ATOM   1333 C  C   . PHE A 1 166 ? 1.904   2.444   -12.652 1.00 29.34 ? 292 PHE A C   1 
ATOM   1334 O  O   . PHE A 1 166 ? 3.004   2.512   -12.097 1.00 27.46 ? 292 PHE A O   1 
ATOM   1335 C  CB  . PHE A 1 166 ? 1.409   0.432   -11.180 1.00 30.16 ? 292 PHE A CB  1 
ATOM   1336 C  CG  . PHE A 1 166 ? 2.275   -0.633  -11.793 1.00 35.00 ? 292 PHE A CG  1 
ATOM   1337 C  CD1 . PHE A 1 166 ? 1.718   -1.837  -12.222 1.00 35.56 ? 292 PHE A CD1 1 
ATOM   1338 C  CD2 . PHE A 1 166 ? 3.643   -0.436  -11.946 1.00 34.76 ? 292 PHE A CD2 1 
ATOM   1339 C  CE1 . PHE A 1 166 ? 2.510   -2.827  -12.795 1.00 38.24 ? 292 PHE A CE1 1 
ATOM   1340 C  CE2 . PHE A 1 166 ? 4.448   -1.420  -12.520 1.00 38.28 ? 292 PHE A CE2 1 
ATOM   1341 C  CZ  . PHE A 1 166 ? 3.879   -2.618  -12.945 1.00 39.47 ? 292 PHE A CZ  1 
ATOM   1342 N  N   . GLU A 1 167 ? 1.547   3.255   -13.645 1.00 29.86 ? 293 GLU A N   1 
ATOM   1343 C  CA  . GLU A 1 167 ? 2.460   4.244   -14.214 1.00 30.33 ? 293 GLU A CA  1 
ATOM   1344 C  C   . GLU A 1 167 ? 2.955   5.287   -13.221 1.00 30.02 ? 293 GLU A C   1 
ATOM   1345 O  O   . GLU A 1 167 ? 4.089   5.759   -13.326 1.00 28.53 ? 293 GLU A O   1 
ATOM   1346 C  CB  . GLU A 1 167 ? 1.822   4.915   -15.436 1.00 33.44 ? 293 GLU A CB  1 
ATOM   1347 C  CG  . GLU A 1 167 ? 1.598   3.948   -16.606 1.00 39.57 ? 293 GLU A CG  1 
ATOM   1348 C  CD  . GLU A 1 167 ? 1.149   4.627   -17.897 1.00 44.68 ? 293 GLU A CD  1 
ATOM   1349 O  OE1 . GLU A 1 167 ? 1.557   5.784   -18.158 1.00 45.91 ? 293 GLU A OE1 1 
ATOM   1350 O  OE2 . GLU A 1 167 ? 0.401   3.982   -18.668 1.00 47.07 ? 293 GLU A OE2 1 
ATOM   1351 N  N   . CYS A 1 168 ? 2.128   5.595   -12.224 1.00 27.92 ? 294 CYS A N   1 
ATOM   1352 C  CA  . CYS A 1 168 ? 2.490   6.581   -11.218 1.00 26.33 ? 294 CYS A CA  1 
ATOM   1353 C  C   . CYS A 1 168 ? 3.668   6.137   -10.348 1.00 24.88 ? 294 CYS A C   1 
ATOM   1354 O  O   . CYS A 1 168 ? 4.222   6.937   -9.600  1.00 26.03 ? 294 CYS A O   1 
ATOM   1355 C  CB  . CYS A 1 168 ? 1.268   6.954   -10.362 1.00 27.96 ? 294 CYS A CB  1 
ATOM   1356 S  SG  . CYS A 1 168 ? 0.615   5.697   -9.202  0.50 24.83 ? 294 CYS A SG  1 
ATOM   1357 N  N   . LEU A 1 169 ? 4.065   4.873   -10.468 1.00 22.07 ? 295 LEU A N   1 
ATOM   1358 C  CA  . LEU A 1 169 ? 5.192   4.355   -9.697  1.00 21.44 ? 295 LEU A CA  1 
ATOM   1359 C  C   . LEU A 1 169 ? 6.535   4.425   -10.431 1.00 21.20 ? 295 LEU A C   1 
ATOM   1360 O  O   . LEU A 1 169 ? 7.567   4.115   -9.838  1.00 18.07 ? 295 LEU A O   1 
ATOM   1361 C  CB  . LEU A 1 169 ? 4.939   2.905   -9.267  1.00 18.23 ? 295 LEU A CB  1 
ATOM   1362 C  CG  . LEU A 1 169 ? 3.796   2.654   -8.281  1.00 19.39 ? 295 LEU A CG  1 
ATOM   1363 C  CD1 . LEU A 1 169 ? 3.814   1.194   -7.863  1.00 17.27 ? 295 LEU A CD1 1 
ATOM   1364 C  CD2 . LEU A 1 169 ? 3.948   3.559   -7.057  1.00 15.17 ? 295 LEU A CD2 1 
ATOM   1365 N  N   . LYS A 1 170 ? 6.523   4.857   -11.696 1.00 23.10 ? 296 LYS A N   1 
ATOM   1366 C  CA  . LYS A 1 170 ? 7.745   4.927   -12.510 1.00 26.48 ? 296 LYS A CA  1 
ATOM   1367 C  C   . LYS A 1 170 ? 9.004   5.473   -11.831 1.00 25.92 ? 296 LYS A C   1 
ATOM   1368 O  O   . LYS A 1 170 ? 10.079  4.904   -11.993 1.00 27.91 ? 296 LYS A O   1 
ATOM   1369 C  CB  . LYS A 1 170 ? 7.496   5.678   -13.826 1.00 28.35 ? 296 LYS A CB  1 
ATOM   1370 C  CG  . LYS A 1 170 ? 7.163   7.156   -13.670 1.00 31.43 ? 296 LYS A CG  1 
ATOM   1371 C  CD  . LYS A 1 170 ? 7.227   7.878   -15.013 1.00 34.99 ? 296 LYS A CD  1 
ATOM   1372 C  CE  . LYS A 1 170 ? 6.809   9.341   -14.889 1.00 35.76 ? 296 LYS A CE  1 
ATOM   1373 N  NZ  . LYS A 1 170 ? 7.632   10.100  -13.897 1.00 38.33 ? 296 LYS A NZ  1 
ATOM   1374 N  N   . ASP A 1 171 ? 8.872   6.545   -11.054 1.00 26.87 ? 297 ASP A N   1 
ATOM   1375 C  CA  . ASP A 1 171 ? 10.026  7.139   -10.367 1.00 29.88 ? 297 ASP A CA  1 
ATOM   1376 C  C   . ASP A 1 171 ? 10.700  6.208   -9.363  1.00 30.34 ? 297 ASP A C   1 
ATOM   1377 O  O   . ASP A 1 171 ? 11.892  6.346   -9.093  1.00 28.59 ? 297 ASP A O   1 
ATOM   1378 C  CB  . ASP A 1 171 ? 9.635   8.441   -9.657  1.00 32.74 ? 297 ASP A CB  1 
ATOM   1379 C  CG  . ASP A 1 171 ? 9.429   9.603   -10.617 1.00 35.55 ? 297 ASP A CG  1 
ATOM   1380 O  OD1 . ASP A 1 171 ? 9.188   10.727  -10.128 1.00 37.55 ? 297 ASP A OD1 1 
ATOM   1381 O  OD2 . ASP A 1 171 ? 9.511   9.403   -11.851 1.00 39.28 ? 297 ASP A OD2 1 
ATOM   1382 N  N   . LEU A 1 172 ? 9.933   5.282   -8.793  1.00 31.39 ? 298 LEU A N   1 
ATOM   1383 C  CA  . LEU A 1 172 ? 10.476  4.338   -7.821  1.00 32.49 ? 298 LEU A CA  1 
ATOM   1384 C  C   . LEU A 1 172 ? 11.516  3.408   -8.441  1.00 33.41 ? 298 LEU A C   1 
ATOM   1385 O  O   . LEU A 1 172 ? 12.473  3.008   -7.778  1.00 33.13 ? 298 LEU A O   1 
ATOM   1386 C  CB  . LEU A 1 172 ? 9.352   3.517   -7.183  1.00 32.82 ? 298 LEU A CB  1 
ATOM   1387 C  CG  . LEU A 1 172 ? 8.652   4.084   -5.945  1.00 33.30 ? 298 LEU A CG  1 
ATOM   1388 C  CD1 . LEU A 1 172 ? 8.161   5.495   -6.189  1.00 35.59 ? 298 LEU A CD1 1 
ATOM   1389 C  CD2 . LEU A 1 172 ? 7.503   3.177   -5.555  1.00 35.13 ? 298 LEU A CD2 1 
ATOM   1390 N  N   . PHE A 1 173 ? 11.346  3.113   -9.727  1.00 34.61 ? 299 PHE A N   1 
ATOM   1391 C  CA  . PHE A 1 173 ? 12.249  2.228   -10.458 1.00 37.02 ? 299 PHE A CA  1 
ATOM   1392 C  C   . PHE A 1 173 ? 13.371  2.979   -11.187 1.00 39.36 ? 299 PHE A C   1 
ATOM   1393 O  O   . PHE A 1 173 ? 13.532  2.850   -12.401 1.00 40.54 ? 299 PHE A O   1 
ATOM   1394 C  CB  . PHE A 1 173 ? 11.442  1.391   -11.459 1.00 34.91 ? 299 PHE A CB  1 
ATOM   1395 C  CG  . PHE A 1 173 ? 10.222  0.743   -10.864 1.00 35.35 ? 299 PHE A CG  1 
ATOM   1396 C  CD1 . PHE A 1 173 ? 8.951   1.096   -11.301 1.00 33.39 ? 299 PHE A CD1 1 
ATOM   1397 C  CD2 . PHE A 1 173 ? 10.343  -0.210  -9.859  1.00 34.24 ? 299 PHE A CD2 1 
ATOM   1398 C  CE1 . PHE A 1 173 ? 7.821   0.512   -10.747 1.00 34.09 ? 299 PHE A CE1 1 
ATOM   1399 C  CE2 . PHE A 1 173 ? 9.218   -0.801  -9.299  1.00 32.40 ? 299 PHE A CE2 1 
ATOM   1400 C  CZ  . PHE A 1 173 ? 7.954   -0.438  -9.743  1.00 33.32 ? 299 PHE A CZ  1 
ATOM   1401 N  N   . THR A 1 174 ? 14.149  3.757   -10.444 1.00 43.34 ? 300 THR A N   1 
ATOM   1402 C  CA  . THR A 1 174 ? 15.253  4.515   -11.026 1.00 46.06 ? 300 THR A CA  1 
ATOM   1403 C  C   . THR A 1 174 ? 16.514  4.371   -10.177 1.00 46.78 ? 300 THR A C   1 
ATOM   1404 O  O   . THR A 1 174 ? 16.460  4.783   -8.998  1.00 48.07 ? 300 THR A O   1 
ATOM   1405 C  CB  . THR A 1 174 ? 14.890  6.021   -11.178 1.00 47.73 ? 300 THR A CB  1 
ATOM   1406 O  OG1 . THR A 1 174 ? 13.832  6.167   -12.136 1.00 48.69 ? 300 THR A OG1 1 
ATOM   1407 C  CG2 . THR A 1 174 ? 16.100  6.831   -11.647 1.00 49.97 ? 300 THR A CG2 1 
HETATM 1408 MN MN  . MN  B 2 .   ? -14.520 -2.820  0.355   1.00 13.92 ? 901 MN  A MN  1 
HETATM 1409 O  O   . HOH C 3 .   ? 12.401  7.736   8.365   1.00 34.45 ? 1   HOH A O   1 
HETATM 1410 O  O   . HOH C 3 .   ? 10.606  -12.906 10.684  0.50 2.49  ? 2   HOH A O   1 
HETATM 1411 O  O   . HOH C 3 .   ? -12.987 -13.748 -8.467  1.00 14.07 ? 3   HOH A O   1 
HETATM 1412 O  O   . HOH C 3 .   ? 6.139   -20.268 6.424   1.00 28.42 ? 4   HOH A O   1 
HETATM 1413 O  O   . HOH C 3 .   ? -3.498  -12.477 7.092   1.00 17.06 ? 5   HOH A O   1 
HETATM 1414 O  O   . HOH C 3 .   ? -7.331  12.012  -11.696 1.00 20.30 ? 6   HOH A O   1 
HETATM 1415 O  O   . HOH C 3 .   ? 2.435   -13.990 5.124   1.00 19.06 ? 7   HOH A O   1 
HETATM 1416 O  O   . HOH C 3 .   ? -10.129 -6.809  9.610   1.00 22.93 ? 8   HOH A O   1 
HETATM 1417 O  O   . HOH C 3 .   ? -15.714 -0.618  11.426  1.00 21.54 ? 9   HOH A O   1 
HETATM 1418 O  O   . HOH C 3 .   ? -4.327  11.516  11.545  1.00 23.89 ? 10  HOH A O   1 
HETATM 1419 O  O   . HOH C 3 .   ? 7.135   -18.149 4.860   1.00 18.03 ? 11  HOH A O   1 
HETATM 1420 O  O   . HOH C 3 .   ? 13.766  -0.304  6.883   1.00 29.24 ? 12  HOH A O   1 
HETATM 1421 O  O   . HOH C 3 .   ? 7.865   -20.198 2.648   1.00 33.50 ? 13  HOH A O   1 
HETATM 1422 O  O   . HOH C 3 .   ? 9.277   2.819   20.562  1.00 55.41 ? 14  HOH A O   1 
HETATM 1423 O  O   . HOH C 3 .   ? -13.069 -4.865  -6.077  1.00 31.17 ? 15  HOH A O   1 
HETATM 1424 O  O   . HOH C 3 .   ? 9.849   -17.083 6.150   0.5  40.34 ? 16  HOH A O   1 
HETATM 1425 O  O   . HOH C 3 .   ? -10.358 -14.497 -1.362  1.00 17.95 ? 17  HOH A O   1 
HETATM 1426 O  O   . HOH C 3 .   ? 8.759   10.471  3.724   1.00 25.66 ? 18  HOH A O   1 
HETATM 1427 O  O   . HOH C 3 .   ? -10.641 2.852   0.273   1.00 21.66 ? 19  HOH A O   1 
HETATM 1428 O  O   . HOH C 3 .   ? -5.824  3.352   13.172  1.00 16.38 ? 20  HOH A O   1 
HETATM 1429 O  O   . HOH C 3 .   ? -9.835  -17.421 -7.271  1.00 42.74 ? 21  HOH A O   1 
HETATM 1430 O  O   . HOH C 3 .   ? -3.655  7.619   -13.764 1.00 43.57 ? 22  HOH A O   1 
HETATM 1431 O  O   . HOH C 3 .   ? -12.464 15.554  -18.335 1.00 22.92 ? 23  HOH A O   1 
HETATM 1432 O  O   . HOH C 3 .   ? 0.367   -3.498  15.420  1.00 34.17 ? 24  HOH A O   1 
HETATM 1433 O  O   . HOH C 3 .   ? -10.683 12.183  -3.396  1.00 15.66 ? 25  HOH A O   1 
HETATM 1434 O  O   . HOH C 3 .   ? -12.986 -1.959  -0.770  1.00 16.79 ? 26  HOH A O   1 
HETATM 1435 O  O   . HOH C 3 .   ? 10.062  12.595  2.109   1.00 31.20 ? 27  HOH A O   1 
HETATM 1436 O  O   . HOH C 3 .   ? -4.153  -7.231  -18.092 1.00 42.72 ? 28  HOH A O   1 
HETATM 1437 O  O   . HOH C 3 .   ? 12.373  -7.622  -2.821  1.00 48.70 ? 29  HOH A O   1 
HETATM 1438 O  O   . HOH C 3 .   ? 3.802   -11.033 -9.433  1.00 30.07 ? 30  HOH A O   1 
HETATM 1439 O  O   . HOH C 3 .   ? 3.143   0.776   -19.357 1.00 44.10 ? 31  HOH A O   1 
HETATM 1440 O  O   . HOH C 3 .   ? -8.791  7.446   11.332  1.00 30.30 ? 32  HOH A O   1 
HETATM 1441 O  O   . HOH C 3 .   ? -7.797  -14.989 -3.424  1.00 27.58 ? 33  HOH A O   1 
HETATM 1442 O  O   . HOH C 3 .   ? 2.797   13.772  1.273   1.00 29.00 ? 34  HOH A O   1 
HETATM 1443 O  O   . HOH C 3 .   ? -10.649 -1.629  13.549  1.00 32.95 ? 35  HOH A O   1 
HETATM 1444 O  O   . HOH C 3 .   ? -10.329 1.616   13.234  1.00 30.47 ? 36  HOH A O   1 
HETATM 1445 O  O   . HOH C 3 .   ? -0.222  -16.751 -3.958  1.00 46.02 ? 37  HOH A O   1 
HETATM 1446 O  O   . HOH C 3 .   ? -0.241  -5.399  -11.718 1.00 27.16 ? 38  HOH A O   1 
HETATM 1447 O  O   . HOH C 3 .   ? 1.304   16.027  -0.409  1.00 23.10 ? 39  HOH A O   1 
HETATM 1448 O  O   . HOH C 3 .   ? -1.739  -3.637  -19.178 1.00 49.45 ? 40  HOH A O   1 
HETATM 1449 O  O   . HOH C 3 .   ? -0.102  -6.872  13.130  1.00 26.42 ? 41  HOH A O   1 
HETATM 1450 O  O   . HOH C 3 .   ? 13.940  -7.763  -10.820 1.00 42.92 ? 42  HOH A O   1 
HETATM 1451 O  O   . HOH C 3 .   ? 1.618   -12.708 7.595   1.00 37.21 ? 43  HOH A O   1 
HETATM 1452 O  O   . HOH C 3 .   ? 3.595   0.162   -16.616 1.00 70.47 ? 44  HOH A O   1 
HETATM 1453 O  O   . HOH C 3 .   ? 8.747   7.176   12.232  1.00 55.85 ? 45  HOH A O   1 
HETATM 1454 O  O   . HOH C 3 .   ? 12.849  -5.989  14.632  1.00 31.82 ? 46  HOH A O   1 
HETATM 1455 O  O   . HOH C 3 .   ? 13.814  -10.295 -3.215  1.00 52.86 ? 47  HOH A O   1 
HETATM 1456 O  O   . HOH C 3 .   ? -11.438 -12.000 8.913   1.00 30.60 ? 48  HOH A O   1 
HETATM 1457 O  O   . HOH C 3 .   ? 12.806  -4.295  18.320  1.00 32.74 ? 49  HOH A O   1 
HETATM 1458 O  O   . HOH C 3 .   ? 3.490   -3.139  12.549  1.00 40.76 ? 50  HOH A O   1 
HETATM 1459 O  O   . HOH C 3 .   ? 10.315  -7.400  14.113  1.00 47.49 ? 51  HOH A O   1 
HETATM 1460 O  O   . HOH C 3 .   ? -12.885 -10.926 -9.847  1.00 39.76 ? 52  HOH A O   1 
HETATM 1461 O  O   . HOH C 3 .   ? 6.644   7.894   -10.070 1.00 39.67 ? 53  HOH A O   1 
HETATM 1462 O  O   . HOH C 3 .   ? 5.278   16.958  -13.455 1.00 42.38 ? 54  HOH A O   1 
HETATM 1463 O  O   . HOH C 3 .   ? 11.247  5.051   8.167   1.00 32.71 ? 55  HOH A O   1 
HETATM 1464 O  O   . HOH C 3 .   ? -15.273 5.057   -6.145  1.00 53.42 ? 56  HOH A O   1 
HETATM 1465 O  O   . HOH C 3 .   ? -11.710 3.435   11.492  1.00 35.01 ? 57  HOH A O   1 
HETATM 1466 O  O   . HOH C 3 .   ? 18.236  1.944   -4.904  1.00 49.38 ? 58  HOH A O   1 
HETATM 1467 O  O   . HOH C 3 .   ? -6.299  -12.174 8.053   1.00 37.12 ? 59  HOH A O   1 
HETATM 1468 O  O   . HOH C 3 .   ? 5.644   -6.985  12.917  1.00 45.21 ? 60  HOH A O   1 
HETATM 1469 O  O   . HOH C 3 .   ? 3.827   -5.311  14.466  1.00 38.17 ? 61  HOH A O   1 
HETATM 1470 O  O   . HOH C 3 .   ? -15.830 -1.374  -0.010  1.00 13.97 ? 62  HOH A O   1 
HETATM 1471 O  O   . HOH C 3 .   ? 6.468   -12.100 -8.952  1.00 49.52 ? 63  HOH A O   1 
HETATM 1472 O  O   . HOH C 3 .   ? -1.466  -8.258  -10.538 1.00 19.83 ? 64  HOH A O   1 
HETATM 1473 O  O   . HOH C 3 .   ? -13.366 -2.911  -8.006  1.00 49.10 ? 65  HOH A O   1 
HETATM 1474 O  O   . HOH C 3 .   ? -16.017 -6.787  -7.346  1.00 46.20 ? 66  HOH A O   1 
HETATM 1475 O  O   . HOH C 3 .   ? -0.028  -17.238 10.165  1.00 42.63 ? 67  HOH A O   1 
HETATM 1476 O  O   . HOH C 3 .   ? 11.894  -9.554  12.604  1.00 39.02 ? 68  HOH A O   1 
HETATM 1477 O  O   . HOH C 3 .   ? -15.013 6.493   -9.028  1.00 29.87 ? 69  HOH A O   1 
HETATM 1478 O  O   . HOH C 3 .   ? 4.821   3.876   17.728  1.00 59.63 ? 70  HOH A O   1 
HETATM 1479 O  O   . HOH C 3 .   ? -2.773  5.998   15.069  1.00 41.99 ? 71  HOH A O   1 
HETATM 1480 O  O   . HOH C 3 .   ? 4.039   -1.478  16.522  1.00 46.53 ? 72  HOH A O   1 
HETATM 1481 O  O   . HOH C 3 .   ? 5.158   7.844   10.446  1.00 43.29 ? 73  HOH A O   1 
HETATM 1482 O  O   . HOH C 3 .   ? 4.148   -9.219  11.537  1.00 44.14 ? 74  HOH A O   1 
HETATM 1483 O  O   . HOH C 3 .   ? -13.352 -7.543  -6.855  1.00 20.96 ? 75  HOH A O   1 
HETATM 1484 O  O   . HOH C 3 .   ? 5.134   -8.974  -13.676 1.00 43.47 ? 76  HOH A O   1 
HETATM 1485 O  O   . HOH C 3 .   ? 15.970  -4.172  -1.556  1.00 30.22 ? 77  HOH A O   1 
HETATM 1486 O  O   . HOH C 3 .   ? 7.938   -2.534  10.145  1.00 36.12 ? 78  HOH A O   1 
HETATM 1487 O  O   . HOH C 3 .   ? -9.847  -15.150 6.450   1.00 32.43 ? 79  HOH A O   1 
HETATM 1488 O  O   . HOH C 3 .   ? -10.263 0.098   -13.914 1.00 35.53 ? 80  HOH A O   1 
HETATM 1489 O  O   . HOH C 3 .   ? -7.797  -0.653  -11.755 1.00 42.80 ? 81  HOH A O   1 
HETATM 1490 O  O   . HOH C 3 .   ? -9.174  9.706   -18.806 1.00 45.20 ? 82  HOH A O   1 
HETATM 1491 O  O   . HOH C 3 .   ? -13.334 -4.264  -3.521  1.00 40.17 ? 83  HOH A O   1 
HETATM 1492 O  O   . HOH C 3 .   ? -18.681 -9.881  -5.642  1.00 40.02 ? 84  HOH A O   1 
HETATM 1493 O  O   . HOH C 3 .   ? 2.483   -6.426  -11.341 1.00 39.73 ? 85  HOH A O   1 
HETATM 1494 O  O   . HOH C 3 .   ? 19.923  -12.100 -4.493  1.00 49.24 ? 86  HOH A O   1 
HETATM 1495 O  O   . HOH C 3 .   ? 5.494   -11.094 10.278  1.00 49.88 ? 87  HOH A O   1 
HETATM 1496 O  O   . HOH C 3 .   ? 4.949   14.753  2.544   1.00 36.12 ? 88  HOH A O   1 
HETATM 1497 O  O   . HOH C 3 .   ? 1.016   15.397  3.300   1.00 42.64 ? 89  HOH A O   1 
HETATM 1498 O  O   . HOH C 3 .   ? -5.316  10.123  -11.607 1.00 24.48 ? 90  HOH A O   1 
# 
